data_2KNY
#
_entry.id   2KNY
#
loop_
_entity.id
_entity.type
_entity.pdbx_description
1 polymer 'LRP-1, linker, Apo-E'
2 non-polymer 'CALCIUM ION'
#
_entity_poly.entity_id   1
_entity_poly.type   'polypeptide(L)'
_entity_poly.pdbx_seq_one_letter_code
;GSKLEGKTCGPSSFSCPGTHVCVPERWLCDGDKDCADGADESIAAGCLYNSTGSGSGSGSTEELRVRLASHLRKLRKRLL
;
_entity_poly.pdbx_strand_id   A
#
# COMPACT_ATOMS: atom_id res chain seq x y z
N GLY A 1 -4.16 -11.14 -2.21
CA GLY A 1 -5.53 -10.60 -1.94
C GLY A 1 -6.26 -10.24 -3.21
N SER A 2 -6.04 -9.02 -3.71
CA SER A 2 -6.69 -8.55 -4.92
C SER A 2 -5.73 -8.60 -6.11
N LYS A 3 -4.88 -7.58 -6.22
CA LYS A 3 -3.91 -7.52 -7.31
C LYS A 3 -2.51 -7.90 -6.82
N LEU A 4 -2.46 -8.66 -5.74
CA LEU A 4 -1.19 -9.10 -5.18
C LEU A 4 -0.75 -10.40 -5.82
N GLU A 5 0.38 -10.35 -6.53
CA GLU A 5 0.91 -11.54 -7.21
C GLU A 5 2.06 -12.14 -6.42
N GLY A 6 1.94 -12.11 -5.10
CA GLY A 6 2.99 -12.66 -4.24
C GLY A 6 4.02 -11.63 -3.84
N LYS A 7 3.62 -10.72 -2.97
CA LYS A 7 4.52 -9.67 -2.49
C LYS A 7 5.24 -10.11 -1.22
N THR A 8 5.91 -9.16 -0.57
CA THR A 8 6.64 -9.45 0.66
C THR A 8 6.14 -8.58 1.81
N CYS A 9 6.66 -8.83 3.00
CA CYS A 9 6.26 -8.08 4.19
C CYS A 9 7.48 -7.60 4.97
N GLY A 10 8.67 -7.79 4.41
CA GLY A 10 9.88 -7.37 5.09
C GLY A 10 9.97 -5.86 5.26
N PRO A 11 10.59 -5.16 4.29
CA PRO A 11 10.73 -3.69 4.34
C PRO A 11 9.38 -2.99 4.48
N SER A 12 9.32 -1.75 4.00
CA SER A 12 8.09 -0.96 4.06
C SER A 12 6.90 -1.75 3.51
N SER A 13 6.24 -2.50 4.39
CA SER A 13 5.09 -3.29 3.98
C SER A 13 3.97 -3.22 5.02
N PHE A 14 2.84 -3.84 4.69
CA PHE A 14 1.69 -3.86 5.58
C PHE A 14 0.91 -5.17 5.42
N SER A 15 0.69 -5.86 6.53
CA SER A 15 -0.04 -7.12 6.50
C SER A 15 -1.52 -6.88 6.22
N CYS A 16 -1.98 -7.34 5.06
CA CYS A 16 -3.37 -7.17 4.68
C CYS A 16 -4.30 -7.74 5.75
N PRO A 17 -5.00 -6.87 6.50
CA PRO A 17 -5.92 -7.28 7.57
C PRO A 17 -6.95 -8.30 7.09
N GLY A 18 -7.07 -9.40 7.84
CA GLY A 18 -8.02 -10.43 7.47
C GLY A 18 -7.40 -11.52 6.62
N THR A 19 -6.31 -11.19 5.95
CA THR A 19 -5.62 -12.15 5.08
C THR A 19 -4.14 -12.25 5.44
N HIS A 20 -3.61 -13.46 5.43
CA HIS A 20 -2.20 -13.69 5.75
C HIS A 20 -1.30 -12.88 4.82
N VAL A 21 -1.84 -12.51 3.66
CA VAL A 21 -1.09 -11.74 2.68
C VAL A 21 -0.59 -10.42 3.26
N CYS A 22 0.50 -9.91 2.69
CA CYS A 22 1.10 -8.66 3.14
C CYS A 22 1.31 -7.70 1.98
N VAL A 23 0.60 -6.59 1.99
CA VAL A 23 0.71 -5.58 0.94
C VAL A 23 1.73 -4.50 1.28
N PRO A 24 2.64 -4.17 0.35
CA PRO A 24 3.67 -3.16 0.55
C PRO A 24 3.10 -1.80 0.93
N GLU A 25 3.91 -0.99 1.59
CA GLU A 25 3.48 0.35 2.00
C GLU A 25 3.22 1.22 0.78
N ARG A 26 3.95 0.97 -0.30
CA ARG A 26 3.79 1.75 -1.52
C ARG A 26 2.41 1.51 -2.11
N TRP A 27 1.90 0.31 -1.92
CA TRP A 27 0.60 -0.07 -2.44
C TRP A 27 -0.51 0.54 -1.59
N LEU A 28 -0.22 0.78 -0.31
CA LEU A 28 -1.19 1.37 0.62
C LEU A 28 -2.03 2.46 -0.05
N CYS A 29 -1.45 3.63 -0.19
CA CYS A 29 -2.16 4.76 -0.80
C CYS A 29 -1.89 4.85 -2.29
N ASP A 30 -1.77 3.70 -2.94
CA ASP A 30 -1.54 3.67 -4.38
C ASP A 30 -2.82 4.04 -5.12
N GLY A 31 -3.95 3.82 -4.47
CA GLY A 31 -5.23 4.13 -5.06
C GLY A 31 -5.96 2.91 -5.58
N ASP A 32 -5.90 1.82 -4.82
CA ASP A 32 -6.56 0.57 -5.24
C ASP A 32 -6.58 -0.44 -4.10
N LYS A 33 -7.76 -0.68 -3.53
CA LYS A 33 -7.90 -1.63 -2.43
C LYS A 33 -7.35 -2.99 -2.80
N ASP A 34 -6.07 -3.21 -2.49
CA ASP A 34 -5.41 -4.47 -2.77
C ASP A 34 -5.82 -5.53 -1.75
N CYS A 35 -6.07 -5.08 -0.52
CA CYS A 35 -6.47 -5.99 0.55
C CYS A 35 -7.89 -6.48 0.31
N ALA A 36 -8.40 -7.24 1.28
CA ALA A 36 -9.76 -7.78 1.18
C ALA A 36 -10.79 -6.69 1.43
N ASP A 37 -10.43 -5.72 2.27
CA ASP A 37 -11.33 -4.62 2.59
C ASP A 37 -10.67 -3.27 2.38
N GLY A 38 -9.77 -3.19 1.40
CA GLY A 38 -9.09 -1.94 1.11
C GLY A 38 -8.29 -1.43 2.29
N ALA A 39 -7.96 -2.32 3.21
CA ALA A 39 -7.18 -1.95 4.38
C ALA A 39 -5.87 -1.29 3.98
N ASP A 40 -5.30 -1.74 2.88
CA ASP A 40 -4.06 -1.20 2.36
C ASP A 40 -4.22 0.30 2.06
N GLU A 41 -5.36 0.66 1.47
CA GLU A 41 -5.63 2.06 1.17
C GLU A 41 -6.29 2.75 2.36
N SER A 42 -6.82 1.96 3.28
CA SER A 42 -7.47 2.50 4.47
C SER A 42 -6.44 3.05 5.44
N ILE A 43 -6.92 3.63 6.53
CA ILE A 43 -6.03 4.19 7.54
C ILE A 43 -5.42 3.09 8.39
N ALA A 44 -6.11 1.94 8.45
CA ALA A 44 -5.63 0.80 9.22
C ALA A 44 -4.19 0.46 8.82
N ALA A 45 -3.84 0.77 7.58
CA ALA A 45 -2.51 0.52 7.06
C ALA A 45 -1.59 1.72 7.33
N GLY A 46 -2.20 2.88 7.48
CA GLY A 46 -1.43 4.09 7.73
C GLY A 46 -1.47 5.05 6.56
N CYS A 47 -2.62 5.11 5.88
CA CYS A 47 -2.77 6.00 4.74
C CYS A 47 -3.00 7.45 5.20
N LEU A 48 -3.16 7.62 6.51
CA LEU A 48 -3.35 8.95 7.11
C LEU A 48 -4.64 9.62 6.65
N TYR A 49 -5.58 8.85 6.10
CA TYR A 49 -6.84 9.44 5.65
C TYR A 49 -7.81 8.40 5.11
N ASN A 50 -7.28 7.38 4.45
CA ASN A 50 -8.11 6.32 3.88
C ASN A 50 -8.97 6.85 2.73
N SER A 51 -8.61 6.45 1.51
CA SER A 51 -9.35 6.85 0.32
C SER A 51 -9.22 8.35 0.05
N THR A 52 -9.79 9.17 0.94
CA THR A 52 -9.76 10.62 0.79
C THR A 52 -8.41 11.12 0.28
N GLY A 53 -8.40 11.65 -0.94
CA GLY A 53 -7.17 12.15 -1.53
C GLY A 53 -6.51 11.17 -2.47
N SER A 54 -7.18 10.04 -2.73
CA SER A 54 -6.65 9.02 -3.63
C SER A 54 -5.22 8.62 -3.26
N GLY A 55 -4.24 9.34 -3.82
CA GLY A 55 -2.85 9.04 -3.53
C GLY A 55 -2.22 10.07 -2.61
N SER A 56 -3.04 10.66 -1.75
CA SER A 56 -2.56 11.67 -0.81
C SER A 56 -3.69 12.12 0.11
N GLY A 57 -3.48 13.23 0.81
CA GLY A 57 -4.50 13.73 1.71
C GLY A 57 -3.94 14.68 2.76
N SER A 58 -3.41 14.11 3.84
CA SER A 58 -2.85 14.91 4.92
C SER A 58 -1.77 15.86 4.41
N GLY A 59 -0.94 15.35 3.49
CA GLY A 59 0.12 16.17 2.93
C GLY A 59 1.24 15.34 2.32
N SER A 60 2.40 15.97 2.15
CA SER A 60 3.56 15.29 1.58
C SER A 60 3.90 14.02 2.36
N THR A 61 3.73 14.09 3.67
CA THR A 61 4.01 12.94 4.54
C THR A 61 3.37 11.67 3.99
N GLU A 62 2.15 11.80 3.50
CA GLU A 62 1.42 10.67 2.94
C GLU A 62 2.17 10.07 1.76
N GLU A 63 2.73 10.93 0.91
CA GLU A 63 3.48 10.48 -0.24
C GLU A 63 4.89 10.07 0.17
N LEU A 64 5.36 10.64 1.27
CA LEU A 64 6.68 10.34 1.79
C LEU A 64 6.82 8.86 2.14
N ARG A 65 5.75 8.29 2.69
CA ARG A 65 5.76 6.89 3.08
C ARG A 65 5.47 5.99 1.88
N VAL A 66 4.68 6.49 0.94
CA VAL A 66 4.32 5.74 -0.25
C VAL A 66 5.37 5.92 -1.36
N ARG A 67 5.50 7.16 -1.84
CA ARG A 67 6.45 7.48 -2.90
C ARG A 67 7.83 6.85 -2.67
N LEU A 68 8.38 7.07 -1.47
CA LEU A 68 9.69 6.54 -1.12
C LEU A 68 9.84 5.06 -1.49
N ALA A 69 8.74 4.33 -1.49
CA ALA A 69 8.78 2.90 -1.82
C ALA A 69 8.42 2.64 -3.28
N SER A 70 8.02 3.68 -4.00
CA SER A 70 7.62 3.54 -5.41
C SER A 70 8.81 3.19 -6.31
N HIS A 71 10.02 3.18 -5.76
CA HIS A 71 11.20 2.85 -6.56
C HIS A 71 11.56 1.37 -6.41
N LEU A 72 10.82 0.65 -5.57
CA LEU A 72 11.08 -0.76 -5.35
C LEU A 72 9.79 -1.58 -5.36
N ARG A 73 8.96 -1.37 -4.34
CA ARG A 73 7.70 -2.10 -4.21
C ARG A 73 6.95 -2.17 -5.53
N LYS A 74 6.74 -1.02 -6.16
CA LYS A 74 6.03 -0.96 -7.43
C LYS A 74 6.99 -0.98 -8.61
N LEU A 75 8.20 -0.48 -8.39
CA LEU A 75 9.21 -0.43 -9.45
C LEU A 75 10.15 -1.64 -9.35
N ARG A 76 9.68 -2.72 -8.73
CA ARG A 76 10.47 -3.92 -8.58
C ARG A 76 9.66 -5.04 -7.93
N LYS A 77 8.98 -5.83 -8.77
CA LYS A 77 8.17 -6.94 -8.28
C LYS A 77 8.27 -8.14 -9.22
N ARG A 78 7.45 -8.17 -10.28
CA ARG A 78 7.46 -9.26 -11.23
C ARG A 78 6.40 -9.05 -12.30
N LEU A 79 6.23 -7.81 -12.73
CA LEU A 79 5.24 -7.49 -13.76
C LEU A 79 5.90 -6.94 -15.01
N LEU A 80 6.75 -5.95 -14.84
CA LEU A 80 7.47 -5.34 -15.96
C LEU A 80 8.31 -6.37 -16.69
N GLY A 1 -8.39 -6.59 -5.14
CA GLY A 1 -8.78 -5.52 -6.11
C GLY A 1 -7.69 -5.20 -7.10
N SER A 2 -6.44 -5.45 -6.70
CA SER A 2 -5.29 -5.19 -7.57
C SER A 2 -4.42 -6.43 -7.71
N LYS A 3 -3.30 -6.28 -8.41
CA LYS A 3 -2.37 -7.39 -8.60
C LYS A 3 -1.52 -7.61 -7.36
N LEU A 4 -2.17 -7.91 -6.25
CA LEU A 4 -1.47 -8.14 -4.98
C LEU A 4 -1.11 -9.61 -4.82
N GLU A 5 0.12 -9.87 -4.38
CA GLU A 5 0.59 -11.24 -4.18
C GLU A 5 2.02 -11.25 -3.68
N GLY A 6 2.19 -11.15 -2.36
CA GLY A 6 3.52 -11.16 -1.78
C GLY A 6 4.13 -9.76 -1.74
N LYS A 7 5.14 -9.54 -2.58
CA LYS A 7 5.82 -8.25 -2.65
C LYS A 7 6.73 -8.03 -1.44
N THR A 8 7.64 -8.96 -1.22
CA THR A 8 8.58 -8.88 -0.10
C THR A 8 7.86 -9.04 1.24
N CYS A 9 6.96 -8.10 1.55
CA CYS A 9 6.20 -8.13 2.79
C CYS A 9 7.12 -7.92 3.99
N GLY A 10 8.11 -7.06 3.83
CA GLY A 10 9.03 -6.78 4.92
C GLY A 10 9.41 -5.31 4.99
N PRO A 11 10.32 -4.86 4.12
CA PRO A 11 10.78 -3.47 4.09
C PRO A 11 9.73 -2.55 3.45
N SER A 12 9.15 -1.68 4.26
CA SER A 12 8.12 -0.76 3.78
C SER A 12 6.97 -1.54 3.15
N SER A 13 6.41 -2.48 3.90
CA SER A 13 5.31 -3.30 3.41
C SER A 13 4.18 -3.36 4.44
N PHE A 14 2.99 -3.66 3.95
CA PHE A 14 1.81 -3.76 4.82
C PHE A 14 1.01 -5.02 4.49
N SER A 15 0.94 -5.95 5.44
CA SER A 15 0.19 -7.18 5.25
C SER A 15 -1.31 -6.87 5.16
N CYS A 16 -1.92 -7.23 4.04
CA CYS A 16 -3.34 -6.98 3.85
C CYS A 16 -4.18 -7.61 4.95
N PRO A 17 -5.02 -6.79 5.63
CA PRO A 17 -5.88 -7.28 6.71
C PRO A 17 -6.91 -8.29 6.23
N GLY A 18 -6.96 -9.43 6.90
CA GLY A 18 -7.91 -10.47 6.51
C GLY A 18 -7.35 -11.42 5.47
N THR A 19 -6.59 -10.88 4.52
CA THR A 19 -6.00 -11.70 3.47
C THR A 19 -4.51 -11.92 3.73
N HIS A 20 -4.07 -13.16 3.57
CA HIS A 20 -2.68 -13.53 3.78
C HIS A 20 -1.75 -12.66 2.94
N VAL A 21 -2.29 -12.10 1.85
CA VAL A 21 -1.51 -11.26 0.96
C VAL A 21 -0.86 -10.09 1.69
N CYS A 22 0.24 -9.60 1.14
CA CYS A 22 0.96 -8.47 1.72
C CYS A 22 1.17 -7.40 0.66
N VAL A 23 0.81 -6.17 1.01
CA VAL A 23 0.93 -5.05 0.07
C VAL A 23 1.98 -4.03 0.53
N PRO A 24 2.94 -3.69 -0.35
CA PRO A 24 4.01 -2.72 -0.03
C PRO A 24 3.47 -1.36 0.39
N GLU A 25 4.32 -0.56 1.02
CA GLU A 25 3.93 0.77 1.48
C GLU A 25 3.65 1.71 0.31
N ARG A 26 4.46 1.65 -0.73
CA ARG A 26 4.25 2.52 -1.89
C ARG A 26 2.88 2.28 -2.50
N TRP A 27 2.29 1.13 -2.20
CA TRP A 27 0.98 0.79 -2.73
C TRP A 27 -0.11 1.34 -1.83
N LEU A 28 0.21 1.52 -0.55
CA LEU A 28 -0.75 2.05 0.43
C LEU A 28 -1.54 3.23 -0.14
N CYS A 29 -0.86 4.35 -0.32
CA CYS A 29 -1.50 5.56 -0.85
C CYS A 29 -1.11 5.79 -2.31
N ASP A 30 -1.19 4.74 -3.12
CA ASP A 30 -0.84 4.85 -4.53
C ASP A 30 -1.96 5.54 -5.32
N GLY A 31 -3.14 5.65 -4.70
CA GLY A 31 -4.26 6.29 -5.36
C GLY A 31 -5.41 5.32 -5.63
N ASP A 32 -5.21 4.06 -5.30
CA ASP A 32 -6.23 3.04 -5.50
C ASP A 32 -6.19 1.99 -4.39
N LYS A 33 -7.20 1.13 -4.35
CA LYS A 33 -7.26 0.10 -3.33
C LYS A 33 -6.74 -1.24 -3.87
N ASP A 34 -5.61 -1.69 -3.34
CA ASP A 34 -5.02 -2.94 -3.76
C ASP A 34 -5.58 -4.09 -2.93
N CYS A 35 -5.88 -3.80 -1.68
CA CYS A 35 -6.44 -4.80 -0.77
C CYS A 35 -7.86 -5.16 -1.16
N ALA A 36 -8.51 -5.95 -0.32
CA ALA A 36 -9.88 -6.36 -0.57
C ALA A 36 -10.87 -5.28 -0.16
N ASP A 37 -10.51 -4.54 0.89
CA ASP A 37 -11.35 -3.46 1.39
C ASP A 37 -10.56 -2.16 1.50
N GLY A 38 -9.68 -1.92 0.54
CA GLY A 38 -8.87 -0.71 0.55
C GLY A 38 -8.09 -0.54 1.83
N ALA A 39 -7.81 -1.65 2.51
CA ALA A 39 -7.05 -1.61 3.76
C ALA A 39 -5.66 -1.04 3.51
N ASP A 40 -5.14 -1.28 2.32
CA ASP A 40 -3.83 -0.79 1.93
C ASP A 40 -3.83 0.73 1.91
N GLU A 41 -4.99 1.30 1.62
CA GLU A 41 -5.14 2.76 1.57
C GLU A 41 -5.59 3.28 2.92
N SER A 42 -6.30 2.45 3.67
CA SER A 42 -6.80 2.81 4.98
C SER A 42 -5.67 3.10 5.94
N ILE A 43 -5.98 3.83 7.01
CA ILE A 43 -4.99 4.17 8.01
C ILE A 43 -4.39 2.92 8.64
N ALA A 44 -5.16 1.83 8.63
CA ALA A 44 -4.71 0.56 9.19
C ALA A 44 -3.31 0.23 8.70
N ALA A 45 -2.99 0.71 7.51
CA ALA A 45 -1.68 0.48 6.91
C ALA A 45 -0.71 1.61 7.24
N GLY A 46 -1.26 2.80 7.45
CA GLY A 46 -0.45 3.95 7.76
C GLY A 46 -0.40 4.94 6.61
N CYS A 47 -1.54 5.14 5.96
CA CYS A 47 -1.62 6.06 4.84
C CYS A 47 -1.76 7.51 5.31
N LEU A 48 -1.82 7.71 6.62
CA LEU A 48 -1.94 9.05 7.20
C LEU A 48 -3.33 9.64 6.93
N TYR A 49 -4.31 8.76 6.78
CA TYR A 49 -5.68 9.19 6.53
C TYR A 49 -6.63 8.00 6.45
N ASN A 50 -7.89 8.29 6.11
CA ASN A 50 -8.94 7.26 5.99
C ASN A 50 -10.04 7.49 7.02
N SER A 51 -11.29 7.43 6.57
CA SER A 51 -12.43 7.64 7.45
C SER A 51 -13.74 7.55 6.67
N THR A 52 -13.71 8.07 5.44
CA THR A 52 -14.89 8.05 4.58
C THR A 52 -14.76 6.97 3.51
N GLY A 53 -13.60 6.92 2.86
CA GLY A 53 -13.36 5.94 1.82
C GLY A 53 -12.50 6.47 0.70
N SER A 54 -12.48 7.79 0.53
CA SER A 54 -11.70 8.42 -0.52
C SER A 54 -10.21 8.26 -0.27
N GLY A 55 -9.66 9.10 0.61
CA GLY A 55 -8.25 9.03 0.93
C GLY A 55 -7.50 10.28 0.51
N SER A 56 -6.18 10.16 0.34
CA SER A 56 -5.35 11.28 -0.06
C SER A 56 -5.52 12.46 0.89
N GLY A 57 -5.76 12.15 2.16
CA GLY A 57 -5.94 13.20 3.16
C GLY A 57 -4.65 13.51 3.91
N SER A 58 -3.52 13.30 3.24
CA SER A 58 -2.22 13.55 3.85
C SER A 58 -1.50 14.68 3.13
N GLY A 59 -1.05 14.41 1.91
CA GLY A 59 -0.35 15.41 1.14
C GLY A 59 1.09 15.02 0.82
N SER A 60 2.03 15.85 1.23
CA SER A 60 3.45 15.58 0.99
C SER A 60 3.85 14.23 1.60
N THR A 61 3.37 13.95 2.80
CA THR A 61 3.69 12.70 3.48
C THR A 61 3.25 11.50 2.65
N GLU A 62 2.15 11.67 1.92
CA GLU A 62 1.62 10.60 1.08
C GLU A 62 2.65 10.20 0.03
N GLU A 63 3.19 11.18 -0.68
CA GLU A 63 4.17 10.93 -1.72
C GLU A 63 5.54 10.59 -1.13
N LEU A 64 5.77 11.03 0.10
CA LEU A 64 7.03 10.78 0.78
C LEU A 64 7.26 9.28 1.01
N ARG A 65 6.52 8.72 1.97
CA ARG A 65 6.65 7.30 2.29
C ARG A 65 6.37 6.43 1.07
N VAL A 66 5.49 6.90 0.20
CA VAL A 66 5.13 6.15 -1.00
C VAL A 66 6.19 6.29 -2.10
N ARG A 67 7.14 7.19 -1.91
CA ARG A 67 8.20 7.40 -2.90
C ARG A 67 9.33 6.38 -2.75
N LEU A 68 9.87 6.27 -1.54
CA LEU A 68 10.97 5.34 -1.26
C LEU A 68 10.60 3.91 -1.63
N ALA A 69 9.38 3.51 -1.31
CA ALA A 69 8.92 2.15 -1.61
C ALA A 69 8.62 1.95 -3.10
N SER A 70 8.72 3.02 -3.88
CA SER A 70 8.46 2.94 -5.32
C SER A 70 9.70 2.47 -6.08
N HIS A 71 10.82 2.31 -5.37
CA HIS A 71 12.07 1.90 -5.98
C HIS A 71 11.92 0.62 -6.83
N LEU A 72 11.36 -0.44 -6.26
CA LEU A 72 11.20 -1.69 -7.00
C LEU A 72 9.84 -2.35 -6.74
N ARG A 73 9.43 -2.37 -5.47
CA ARG A 73 8.16 -3.00 -5.08
C ARG A 73 7.06 -2.83 -6.13
N LYS A 74 6.78 -1.60 -6.50
CA LYS A 74 5.74 -1.32 -7.50
C LYS A 74 6.27 -1.48 -8.92
N LEU A 75 7.59 -1.39 -9.08
CA LEU A 75 8.21 -1.51 -10.39
C LEU A 75 8.21 -2.97 -10.85
N ARG A 76 8.77 -3.85 -10.03
CA ARG A 76 8.84 -5.27 -10.36
C ARG A 76 7.96 -6.09 -9.42
N LYS A 77 8.04 -7.41 -9.55
CA LYS A 77 7.26 -8.32 -8.72
C LYS A 77 8.06 -9.57 -8.35
N ARG A 78 7.51 -10.40 -7.48
CA ARG A 78 8.18 -11.62 -7.05
C ARG A 78 8.50 -12.52 -8.24
N LEU A 79 8.81 -13.78 -7.96
CA LEU A 79 9.15 -14.76 -9.00
C LEU A 79 10.61 -14.66 -9.40
N LEU A 80 11.06 -13.44 -9.69
CA LEU A 80 12.45 -13.20 -10.09
C LEU A 80 13.42 -13.93 -9.16
N GLY A 1 -11.69 -6.28 -5.65
CA GLY A 1 -10.87 -5.09 -5.26
C GLY A 1 -9.53 -5.49 -4.66
N SER A 2 -8.57 -5.79 -5.52
CA SER A 2 -7.23 -6.19 -5.08
C SER A 2 -6.30 -6.41 -6.26
N LYS A 3 -5.02 -6.09 -6.06
CA LYS A 3 -4.03 -6.26 -7.12
C LYS A 3 -2.72 -6.80 -6.56
N LEU A 4 -2.82 -7.80 -5.69
CA LEU A 4 -1.65 -8.41 -5.08
C LEU A 4 -1.34 -9.75 -5.71
N GLU A 5 -0.04 -10.02 -5.94
CA GLU A 5 0.38 -11.27 -6.54
C GLU A 5 1.88 -11.50 -6.35
N GLY A 6 2.25 -11.96 -5.16
CA GLY A 6 3.65 -12.23 -4.86
C GLY A 6 4.38 -10.99 -4.35
N LYS A 7 5.42 -10.60 -5.08
CA LYS A 7 6.22 -9.43 -4.70
C LYS A 7 7.13 -9.74 -3.51
N THR A 8 6.62 -9.55 -2.28
CA THR A 8 7.40 -9.82 -1.06
C THR A 8 6.75 -9.20 0.17
N CYS A 9 7.36 -9.43 1.33
CA CYS A 9 6.85 -8.88 2.59
C CYS A 9 8.01 -8.67 3.57
N GLY A 10 9.19 -8.36 3.02
CA GLY A 10 10.36 -8.15 3.86
C GLY A 10 10.58 -6.69 4.23
N PRO A 11 11.00 -5.86 3.27
CA PRO A 11 11.26 -4.43 3.51
C PRO A 11 9.99 -3.70 3.92
N SER A 12 10.00 -2.37 3.82
CA SER A 12 8.84 -1.56 4.17
C SER A 12 7.58 -2.12 3.53
N SER A 13 6.90 -3.01 4.25
CA SER A 13 5.69 -3.64 3.76
C SER A 13 4.62 -3.71 4.85
N PHE A 14 3.37 -3.75 4.42
CA PHE A 14 2.24 -3.82 5.35
C PHE A 14 1.41 -5.07 5.06
N SER A 15 1.42 -6.01 5.99
CA SER A 15 0.66 -7.25 5.83
C SER A 15 -0.82 -6.95 5.68
N CYS A 16 -1.38 -7.35 4.54
CA CYS A 16 -2.79 -7.12 4.25
C CYS A 16 -3.68 -7.67 5.37
N PRO A 17 -4.36 -6.79 6.13
CA PRO A 17 -5.24 -7.18 7.22
C PRO A 17 -6.38 -8.08 6.77
N GLY A 18 -6.64 -9.13 7.53
CA GLY A 18 -7.71 -10.06 7.20
C GLY A 18 -7.27 -11.14 6.24
N THR A 19 -6.48 -10.75 5.23
CA THR A 19 -6.00 -11.69 4.23
C THR A 19 -4.59 -12.19 4.59
N HIS A 20 -4.20 -13.28 3.95
CA HIS A 20 -2.87 -13.86 4.16
C HIS A 20 -1.88 -13.31 3.15
N VAL A 21 -2.10 -12.07 2.72
CA VAL A 21 -1.25 -11.42 1.74
C VAL A 21 -0.52 -10.22 2.35
N CYS A 22 0.55 -9.80 1.69
CA CYS A 22 1.35 -8.68 2.17
C CYS A 22 1.40 -7.56 1.12
N VAL A 23 1.12 -6.33 1.56
CA VAL A 23 1.12 -5.18 0.67
C VAL A 23 2.14 -4.13 1.12
N PRO A 24 3.06 -3.74 0.22
CA PRO A 24 4.09 -2.74 0.52
C PRO A 24 3.54 -1.48 1.17
N GLU A 25 4.34 -0.87 2.04
CA GLU A 25 3.95 0.36 2.70
C GLU A 25 3.69 1.45 1.67
N ARG A 26 4.42 1.40 0.56
CA ARG A 26 4.25 2.39 -0.50
C ARG A 26 2.96 2.12 -1.27
N TRP A 27 2.57 0.85 -1.37
CA TRP A 27 1.34 0.48 -2.06
C TRP A 27 0.15 1.05 -1.30
N LEU A 28 0.34 1.32 -0.01
CA LEU A 28 -0.70 1.85 0.84
C LEU A 28 -1.44 3.01 0.18
N CYS A 29 -0.74 4.13 0.00
CA CYS A 29 -1.34 5.31 -0.62
C CYS A 29 -0.95 5.44 -2.08
N ASP A 30 -0.99 4.33 -2.81
CA ASP A 30 -0.63 4.34 -4.22
C ASP A 30 -1.71 5.04 -5.04
N GLY A 31 -2.90 5.18 -4.46
CA GLY A 31 -4.00 5.83 -5.14
C GLY A 31 -5.12 4.87 -5.50
N ASP A 32 -4.95 3.61 -5.10
CA ASP A 32 -5.96 2.59 -5.38
C ASP A 32 -5.83 1.44 -4.39
N LYS A 33 -6.94 1.08 -3.76
CA LYS A 33 -6.95 0.00 -2.77
C LYS A 33 -6.36 -1.29 -3.36
N ASP A 34 -5.45 -1.89 -2.60
CA ASP A 34 -4.79 -3.12 -3.03
C ASP A 34 -5.33 -4.31 -2.23
N CYS A 35 -5.70 -4.03 -0.98
CA CYS A 35 -6.24 -5.06 -0.10
C CYS A 35 -7.69 -5.34 -0.40
N ALA A 36 -8.30 -6.21 0.41
CA ALA A 36 -9.69 -6.57 0.24
C ALA A 36 -10.61 -5.42 0.66
N ASP A 37 -10.15 -4.65 1.64
CA ASP A 37 -10.91 -3.52 2.15
C ASP A 37 -10.07 -2.24 2.15
N GLY A 38 -9.22 -2.11 1.14
CA GLY A 38 -8.37 -0.93 1.04
C GLY A 38 -7.56 -0.69 2.30
N ALA A 39 -7.26 -1.75 3.03
CA ALA A 39 -6.49 -1.64 4.25
C ALA A 39 -5.17 -0.92 4.00
N ASP A 40 -4.64 -1.07 2.78
CA ASP A 40 -3.39 -0.42 2.40
C ASP A 40 -3.62 1.08 2.26
N GLU A 41 -4.77 1.45 1.72
CA GLU A 41 -5.12 2.85 1.54
C GLU A 41 -5.69 3.42 2.84
N SER A 42 -6.17 2.53 3.70
CA SER A 42 -6.76 2.94 4.97
C SER A 42 -5.68 3.32 5.97
N ILE A 43 -6.09 3.99 7.03
CA ILE A 43 -5.18 4.43 8.07
C ILE A 43 -4.61 3.25 8.84
N ALA A 44 -5.35 2.12 8.81
CA ALA A 44 -4.92 0.92 9.50
C ALA A 44 -3.47 0.58 9.15
N ALA A 45 -3.06 0.99 7.96
CA ALA A 45 -1.70 0.76 7.49
C ALA A 45 -0.81 1.96 7.74
N GLY A 46 -1.43 3.14 7.84
CA GLY A 46 -0.69 4.35 8.07
C GLY A 46 -0.68 5.26 6.85
N CYS A 47 -1.81 5.28 6.13
CA CYS A 47 -1.92 6.10 4.94
C CYS A 47 -2.24 7.56 5.30
N LEU A 48 -2.34 7.84 6.59
CA LEU A 48 -2.63 9.20 7.06
C LEU A 48 -4.04 9.65 6.65
N TYR A 49 -4.89 8.68 6.32
CA TYR A 49 -6.25 9.00 5.91
C TYR A 49 -7.06 7.73 5.62
N ASN A 50 -8.37 7.91 5.44
CA ASN A 50 -9.27 6.79 5.14
C ASN A 50 -10.72 7.29 5.04
N SER A 51 -11.67 6.51 5.54
CA SER A 51 -13.09 6.89 5.49
C SER A 51 -13.60 6.89 4.06
N THR A 52 -13.18 7.89 3.29
CA THR A 52 -13.61 8.02 1.90
C THR A 52 -12.95 6.96 1.02
N GLY A 53 -13.52 6.74 -0.15
CA GLY A 53 -12.97 5.76 -1.07
C GLY A 53 -11.74 6.27 -1.78
N SER A 54 -11.77 7.55 -2.16
CA SER A 54 -10.64 8.17 -2.85
C SER A 54 -9.50 8.44 -1.88
N GLY A 55 -8.27 8.18 -2.32
CA GLY A 55 -7.11 8.42 -1.47
C GLY A 55 -6.60 9.84 -1.58
N SER A 56 -5.33 10.03 -1.22
CA SER A 56 -4.71 11.35 -1.26
C SER A 56 -5.51 12.37 -0.46
N GLY A 57 -5.44 12.25 0.86
CA GLY A 57 -6.16 13.17 1.72
C GLY A 57 -5.24 14.06 2.53
N SER A 58 -4.02 13.58 2.77
CA SER A 58 -3.04 14.35 3.53
C SER A 58 -2.31 15.34 2.64
N GLY A 59 -1.47 14.83 1.75
CA GLY A 59 -0.73 15.70 0.84
C GLY A 59 0.65 15.15 0.52
N SER A 60 1.68 15.93 0.84
CA SER A 60 3.05 15.52 0.57
C SER A 60 3.42 14.28 1.37
N THR A 61 3.04 14.27 2.65
CA THR A 61 3.33 13.13 3.53
C THR A 61 2.80 11.83 2.94
N GLU A 62 1.74 11.93 2.15
CA GLU A 62 1.13 10.76 1.52
C GLU A 62 2.11 10.12 0.54
N GLU A 63 2.64 10.92 -0.38
CA GLU A 63 3.58 10.42 -1.38
C GLU A 63 4.95 10.18 -0.76
N LEU A 64 5.26 10.91 0.30
CA LEU A 64 6.54 10.77 0.99
C LEU A 64 6.82 9.32 1.38
N ARG A 65 5.97 8.77 2.23
CA ARG A 65 6.12 7.39 2.68
C ARG A 65 6.05 6.40 1.51
N VAL A 66 5.35 6.79 0.45
CA VAL A 66 5.19 5.94 -0.71
C VAL A 66 6.27 6.19 -1.77
N ARG A 67 7.07 7.23 -1.58
CA ARG A 67 8.13 7.58 -2.53
C ARG A 67 9.35 6.67 -2.35
N LEU A 68 9.98 6.75 -1.20
CA LEU A 68 11.18 5.95 -0.92
C LEU A 68 10.91 4.46 -1.12
N ALA A 69 9.89 3.94 -0.45
CA ALA A 69 9.53 2.53 -0.56
C ALA A 69 9.19 2.13 -1.99
N SER A 70 8.86 3.11 -2.83
CA SER A 70 8.51 2.84 -4.22
C SER A 70 9.74 2.53 -5.07
N HIS A 71 10.92 2.58 -4.45
CA HIS A 71 12.17 2.32 -5.15
C HIS A 71 12.40 0.84 -5.45
N LEU A 72 11.53 -0.04 -4.95
CA LEU A 72 11.70 -1.47 -5.18
C LEU A 72 10.38 -2.15 -5.55
N ARG A 73 9.42 -2.10 -4.64
CA ARG A 73 8.11 -2.74 -4.82
C ARG A 73 7.70 -2.79 -6.30
N LYS A 74 7.30 -1.65 -6.85
CA LYS A 74 6.89 -1.59 -8.24
C LYS A 74 8.11 -1.52 -9.17
N LEU A 75 9.29 -1.37 -8.58
CA LEU A 75 10.53 -1.30 -9.35
C LEU A 75 11.32 -2.60 -9.26
N ARG A 76 10.62 -3.70 -8.97
CA ARG A 76 11.26 -5.00 -8.84
C ARG A 76 10.22 -6.11 -8.79
N LYS A 77 9.59 -6.28 -7.63
CA LYS A 77 8.58 -7.32 -7.46
C LYS A 77 9.20 -8.71 -7.57
N ARG A 78 8.34 -9.72 -7.69
CA ARG A 78 8.80 -11.10 -7.81
C ARG A 78 8.32 -11.73 -9.12
N LEU A 79 7.04 -11.57 -9.41
CA LEU A 79 6.45 -12.12 -10.63
C LEU A 79 6.41 -11.07 -11.74
N LEU A 80 5.35 -10.28 -11.79
CA LEU A 80 5.20 -9.25 -12.82
C LEU A 80 5.94 -7.97 -12.41
N GLY A 1 -7.99 -10.75 -3.46
CA GLY A 1 -7.68 -9.32 -3.19
C GLY A 1 -7.85 -8.45 -4.41
N SER A 2 -7.14 -7.33 -4.45
CA SER A 2 -7.23 -6.40 -5.58
C SER A 2 -6.06 -6.62 -6.55
N LYS A 3 -4.85 -6.28 -6.11
CA LYS A 3 -3.67 -6.44 -6.95
C LYS A 3 -2.43 -6.70 -6.11
N LEU A 4 -2.52 -7.70 -5.23
CA LEU A 4 -1.40 -8.06 -4.36
C LEU A 4 -0.54 -9.14 -5.01
N GLU A 5 0.11 -8.80 -6.13
CA GLU A 5 0.95 -9.75 -6.83
C GLU A 5 2.16 -9.06 -7.44
N GLY A 6 3.35 -9.50 -7.03
CA GLY A 6 4.57 -8.93 -7.54
C GLY A 6 5.30 -8.10 -6.51
N LYS A 7 5.60 -8.71 -5.36
CA LYS A 7 6.31 -8.01 -4.28
C LYS A 7 6.37 -8.88 -3.01
N THR A 8 7.50 -8.80 -2.32
CA THR A 8 7.74 -9.56 -1.09
C THR A 8 6.76 -9.14 0.02
N CYS A 9 7.20 -9.23 1.28
CA CYS A 9 6.36 -8.84 2.42
C CYS A 9 7.23 -8.53 3.64
N GLY A 10 8.37 -7.86 3.42
CA GLY A 10 9.25 -7.55 4.52
C GLY A 10 9.58 -6.07 4.63
N PRO A 11 10.53 -5.57 3.82
CA PRO A 11 10.93 -4.16 3.84
C PRO A 11 9.77 -3.23 3.52
N SER A 12 9.38 -2.41 4.50
CA SER A 12 8.28 -1.48 4.31
C SER A 12 7.07 -2.20 3.72
N SER A 13 6.59 -3.21 4.42
CA SER A 13 5.45 -3.98 3.96
C SER A 13 4.38 -4.09 5.04
N PHE A 14 3.13 -4.02 4.60
CA PHE A 14 1.99 -4.12 5.50
C PHE A 14 1.11 -5.31 5.10
N SER A 15 1.07 -6.32 5.95
CA SER A 15 0.28 -7.51 5.65
C SER A 15 -1.21 -7.15 5.57
N CYS A 16 -1.80 -7.40 4.40
CA CYS A 16 -3.21 -7.10 4.17
C CYS A 16 -4.09 -7.69 5.27
N PRO A 17 -4.61 -6.84 6.17
CA PRO A 17 -5.47 -7.27 7.27
C PRO A 17 -6.61 -8.18 6.80
N GLY A 18 -6.88 -9.23 7.57
CA GLY A 18 -7.94 -10.15 7.22
C GLY A 18 -7.50 -11.23 6.25
N THR A 19 -6.68 -10.85 5.27
CA THR A 19 -6.20 -11.79 4.27
C THR A 19 -4.73 -12.13 4.51
N HIS A 20 -4.36 -13.37 4.21
CA HIS A 20 -2.99 -13.83 4.38
C HIS A 20 -2.05 -13.07 3.44
N VAL A 21 -2.63 -12.41 2.44
CA VAL A 21 -1.86 -11.66 1.47
C VAL A 21 -1.09 -10.51 2.13
N CYS A 22 -0.05 -10.04 1.44
CA CYS A 22 0.78 -8.95 1.96
C CYS A 22 0.83 -7.77 0.98
N VAL A 23 0.68 -6.56 1.52
CA VAL A 23 0.75 -5.35 0.72
C VAL A 23 1.86 -4.45 1.23
N PRO A 24 2.69 -3.90 0.32
CA PRO A 24 3.81 -3.04 0.70
C PRO A 24 3.39 -1.64 1.07
N GLU A 25 4.28 -0.92 1.75
CA GLU A 25 4.02 0.44 2.18
C GLU A 25 3.75 1.36 0.98
N ARG A 26 4.34 1.04 -0.16
CA ARG A 26 4.14 1.85 -1.36
C ARG A 26 2.74 1.65 -1.92
N TRP A 27 2.16 0.47 -1.67
CA TRP A 27 0.81 0.17 -2.14
C TRP A 27 -0.23 0.57 -1.10
N LEU A 28 0.18 1.31 -0.07
CA LEU A 28 -0.74 1.74 0.97
C LEU A 28 -1.58 2.93 0.48
N CYS A 29 -0.94 4.07 0.28
CA CYS A 29 -1.64 5.26 -0.19
C CYS A 29 -1.34 5.52 -1.67
N ASP A 30 -1.35 4.46 -2.46
CA ASP A 30 -1.07 4.58 -3.89
C ASP A 30 -2.27 5.18 -4.62
N GLY A 31 -3.45 5.09 -4.01
CA GLY A 31 -4.65 5.64 -4.62
C GLY A 31 -5.68 4.58 -4.96
N ASP A 32 -5.55 3.40 -4.37
CA ASP A 32 -6.46 2.30 -4.62
C ASP A 32 -6.44 1.30 -3.48
N LYS A 33 -7.55 0.61 -3.26
CA LYS A 33 -7.64 -0.37 -2.19
C LYS A 33 -6.98 -1.68 -2.60
N ASP A 34 -5.65 -1.72 -2.51
CA ASP A 34 -4.89 -2.91 -2.87
C ASP A 34 -5.38 -4.11 -2.08
N CYS A 35 -5.64 -3.91 -0.79
CA CYS A 35 -6.11 -4.98 0.07
C CYS A 35 -7.56 -5.34 -0.24
N ALA A 36 -8.11 -6.27 0.52
CA ALA A 36 -9.49 -6.71 0.33
C ALA A 36 -10.49 -5.62 0.75
N ASP A 37 -10.15 -4.89 1.80
CA ASP A 37 -11.01 -3.83 2.31
C ASP A 37 -10.29 -2.48 2.31
N GLY A 38 -9.36 -2.31 1.37
CA GLY A 38 -8.62 -1.06 1.29
C GLY A 38 -7.77 -0.80 2.50
N ALA A 39 -7.42 -1.86 3.24
CA ALA A 39 -6.59 -1.73 4.42
C ALA A 39 -5.29 -1.00 4.09
N ASP A 40 -4.76 -1.27 2.90
CA ASP A 40 -3.53 -0.61 2.45
C ASP A 40 -3.70 0.89 2.44
N GLU A 41 -4.89 1.33 2.05
CA GLU A 41 -5.22 2.75 2.01
C GLU A 41 -5.75 3.22 3.35
N SER A 42 -6.19 2.27 4.18
CA SER A 42 -6.73 2.59 5.49
C SER A 42 -5.61 2.98 6.45
N ILE A 43 -5.98 3.50 7.60
CA ILE A 43 -5.02 3.93 8.60
C ILE A 43 -4.34 2.73 9.25
N ALA A 44 -5.02 1.59 9.23
CA ALA A 44 -4.49 0.37 9.82
C ALA A 44 -3.06 0.12 9.35
N ALA A 45 -2.73 0.61 8.16
CA ALA A 45 -1.41 0.45 7.58
C ALA A 45 -0.53 1.66 7.87
N GLY A 46 -1.16 2.79 8.13
CA GLY A 46 -0.42 4.01 8.41
C GLY A 46 -0.49 4.99 7.26
N CYS A 47 -1.63 5.00 6.58
CA CYS A 47 -1.83 5.89 5.44
C CYS A 47 -2.21 7.30 5.89
N LEU A 48 -2.28 7.52 7.20
CA LEU A 48 -2.63 8.82 7.75
C LEU A 48 -4.09 9.17 7.45
N TYR A 49 -4.86 8.17 7.03
CA TYR A 49 -6.27 8.36 6.71
C TYR A 49 -6.92 7.04 6.32
N ASN A 50 -8.15 7.12 5.82
CA ASN A 50 -8.87 5.92 5.40
C ASN A 50 -10.12 6.29 4.61
N SER A 51 -11.12 6.84 5.28
CA SER A 51 -12.36 7.23 4.64
C SER A 51 -12.19 8.54 3.88
N THR A 52 -11.43 8.51 2.79
CA THR A 52 -11.20 9.70 1.98
C THR A 52 -10.82 9.33 0.56
N GLY A 53 -9.55 8.98 0.35
CA GLY A 53 -9.08 8.62 -0.97
C GLY A 53 -9.33 9.72 -1.99
N SER A 54 -9.80 9.32 -3.17
CA SER A 54 -10.09 10.28 -4.25
C SER A 54 -8.80 10.90 -4.78
N GLY A 55 -8.13 11.69 -3.94
CA GLY A 55 -6.90 12.33 -4.35
C GLY A 55 -6.03 12.73 -3.17
N SER A 56 -5.22 11.79 -2.70
CA SER A 56 -4.34 12.04 -1.56
C SER A 56 -5.13 12.41 -0.31
N GLY A 57 -5.02 11.57 0.71
CA GLY A 57 -5.73 11.81 1.96
C GLY A 57 -4.93 12.68 2.92
N SER A 58 -3.63 12.48 2.94
CA SER A 58 -2.75 13.24 3.83
C SER A 58 -1.92 14.26 3.04
N GLY A 59 -2.46 14.71 1.92
CA GLY A 59 -1.75 15.68 1.11
C GLY A 59 -0.42 15.16 0.60
N SER A 60 0.58 16.05 0.51
CA SER A 60 1.90 15.66 0.03
C SER A 60 2.50 14.57 0.91
N THR A 61 2.28 14.66 2.21
CA THR A 61 2.80 13.69 3.16
C THR A 61 2.39 12.28 2.76
N GLU A 62 1.20 12.16 2.16
CA GLU A 62 0.70 10.88 1.72
C GLU A 62 1.63 10.25 0.68
N GLU A 63 1.83 10.97 -0.42
CA GLU A 63 2.70 10.49 -1.49
C GLU A 63 4.14 10.40 -1.01
N LEU A 64 4.50 11.28 -0.07
CA LEU A 64 5.87 11.31 0.47
C LEU A 64 6.29 9.93 1.00
N ARG A 65 5.74 9.55 2.15
CA ARG A 65 6.06 8.28 2.78
C ARG A 65 5.88 7.11 1.81
N VAL A 66 5.01 7.29 0.83
CA VAL A 66 4.73 6.24 -0.14
C VAL A 66 5.67 6.31 -1.35
N ARG A 67 6.25 7.49 -1.59
CA ARG A 67 7.16 7.68 -2.72
C ARG A 67 8.43 6.87 -2.54
N LEU A 68 9.08 7.02 -1.39
CA LEU A 68 10.32 6.30 -1.11
C LEU A 68 10.14 4.79 -1.31
N ALA A 69 9.39 4.17 -0.40
CA ALA A 69 9.14 2.72 -0.45
C ALA A 69 8.97 2.20 -1.86
N SER A 70 8.45 3.04 -2.75
CA SER A 70 8.23 2.65 -4.14
C SER A 70 9.53 2.18 -4.81
N HIS A 71 10.67 2.43 -4.17
CA HIS A 71 11.96 2.04 -4.72
C HIS A 71 12.02 0.56 -5.08
N LEU A 72 11.18 -0.26 -4.45
CA LEU A 72 11.18 -1.69 -4.73
C LEU A 72 9.77 -2.26 -4.89
N ARG A 73 8.94 -2.04 -3.87
CA ARG A 73 7.56 -2.55 -3.86
C ARG A 73 6.94 -2.52 -5.26
N LYS A 74 6.76 -1.32 -5.80
CA LYS A 74 6.18 -1.16 -7.13
C LYS A 74 7.17 -1.57 -8.21
N LEU A 75 8.44 -1.31 -7.97
CA LEU A 75 9.49 -1.65 -8.93
C LEU A 75 9.59 -3.15 -9.13
N ARG A 76 10.22 -3.83 -8.18
CA ARG A 76 10.37 -5.29 -8.25
C ARG A 76 9.03 -5.99 -8.21
N LYS A 77 8.93 -7.13 -8.88
CA LYS A 77 7.69 -7.90 -8.93
C LYS A 77 7.88 -9.29 -8.33
N ARG A 78 8.47 -10.20 -9.11
CA ARG A 78 8.70 -11.56 -8.65
C ARG A 78 9.64 -12.31 -9.60
N LEU A 79 9.11 -12.71 -10.75
CA LEU A 79 9.90 -13.44 -11.74
C LEU A 79 9.51 -13.01 -13.16
N LEU A 80 8.39 -13.51 -13.64
CA LEU A 80 7.90 -13.19 -14.98
C LEU A 80 9.02 -13.26 -16.01
N GLY A 1 -5.69 -11.24 -3.41
CA GLY A 1 -6.97 -10.58 -3.78
C GLY A 1 -6.85 -9.75 -5.04
N SER A 2 -6.09 -8.66 -4.96
CA SER A 2 -5.90 -7.78 -6.10
C SER A 2 -4.71 -8.22 -6.94
N LYS A 3 -3.51 -7.91 -6.48
CA LYS A 3 -2.29 -8.28 -7.18
C LYS A 3 -1.18 -8.65 -6.20
N LEU A 4 -1.57 -8.94 -4.96
CA LEU A 4 -0.61 -9.31 -3.93
C LEU A 4 -0.04 -10.71 -4.19
N GLU A 5 0.85 -10.80 -5.19
CA GLU A 5 1.46 -12.06 -5.55
C GLU A 5 2.93 -11.87 -5.92
N GLY A 6 3.78 -11.77 -4.90
CA GLY A 6 5.20 -11.58 -5.14
C GLY A 6 5.73 -10.32 -4.51
N LYS A 7 5.46 -10.15 -3.20
CA LYS A 7 5.92 -8.97 -2.49
C LYS A 7 6.72 -9.37 -1.25
N THR A 8 6.92 -8.42 -0.34
CA THR A 8 7.65 -8.68 0.89
C THR A 8 6.95 -8.07 2.09
N CYS A 9 7.21 -8.62 3.27
CA CYS A 9 6.59 -8.12 4.49
C CYS A 9 7.64 -7.64 5.48
N GLY A 10 8.92 -7.83 5.16
CA GLY A 10 9.99 -7.41 6.05
C GLY A 10 10.12 -5.90 6.12
N PRO A 11 10.57 -5.25 5.03
CA PRO A 11 10.74 -3.80 5.00
C PRO A 11 9.41 -3.06 5.14
N SER A 12 9.38 -1.78 4.77
CA SER A 12 8.16 -0.99 4.87
C SER A 12 7.00 -1.69 4.18
N SER A 13 6.27 -2.49 4.95
CA SER A 13 5.13 -3.23 4.41
C SER A 13 3.96 -3.19 5.38
N PHE A 14 2.83 -3.74 4.96
CA PHE A 14 1.63 -3.77 5.77
C PHE A 14 0.85 -5.08 5.55
N SER A 15 0.77 -5.89 6.59
CA SER A 15 0.04 -7.16 6.51
C SER A 15 -1.43 -6.91 6.21
N CYS A 16 -1.88 -7.37 5.05
CA CYS A 16 -3.28 -7.19 4.65
C CYS A 16 -4.22 -7.74 5.71
N PRO A 17 -4.92 -6.85 6.45
CA PRO A 17 -5.86 -7.24 7.50
C PRO A 17 -6.87 -8.28 7.04
N GLY A 18 -7.06 -9.32 7.84
CA GLY A 18 -8.00 -10.37 7.50
C GLY A 18 -7.40 -11.43 6.60
N THR A 19 -6.18 -11.20 6.12
CA THR A 19 -5.51 -12.14 5.24
C THR A 19 -4.02 -12.23 5.55
N HIS A 20 -3.51 -13.45 5.57
CA HIS A 20 -2.09 -13.68 5.85
C HIS A 20 -1.21 -12.88 4.88
N VAL A 21 -1.78 -12.53 3.73
CA VAL A 21 -1.05 -11.77 2.72
C VAL A 21 -0.54 -10.44 3.28
N CYS A 22 0.61 -10.02 2.78
CA CYS A 22 1.22 -8.77 3.22
C CYS A 22 1.41 -7.81 2.04
N VAL A 23 0.90 -6.59 2.18
CA VAL A 23 1.01 -5.59 1.12
C VAL A 23 2.02 -4.50 1.50
N PRO A 24 2.99 -4.21 0.62
CA PRO A 24 4.02 -3.20 0.88
C PRO A 24 3.43 -1.83 1.23
N GLU A 25 4.21 -1.01 1.93
CA GLU A 25 3.78 0.31 2.35
C GLU A 25 3.54 1.21 1.14
N ARG A 26 4.39 1.10 0.12
CA ARG A 26 4.24 1.92 -1.07
C ARG A 26 2.94 1.56 -1.78
N TRP A 27 2.48 0.34 -1.58
CA TRP A 27 1.24 -0.12 -2.19
C TRP A 27 0.04 0.44 -1.42
N LEU A 28 0.25 0.67 -0.12
CA LEU A 28 -0.80 1.22 0.74
C LEU A 28 -1.57 2.34 0.04
N CYS A 29 -0.88 3.41 -0.30
CA CYS A 29 -1.50 4.55 -0.96
C CYS A 29 -1.02 4.67 -2.41
N ASP A 30 -1.11 3.56 -3.15
CA ASP A 30 -0.72 3.56 -4.55
C ASP A 30 -1.85 4.03 -5.45
N GLY A 31 -3.08 3.88 -4.96
CA GLY A 31 -4.24 4.30 -5.73
C GLY A 31 -5.15 3.14 -6.09
N ASP A 32 -5.01 2.03 -5.38
CA ASP A 32 -5.84 0.85 -5.65
C ASP A 32 -5.84 -0.08 -4.44
N LYS A 33 -7.03 -0.55 -4.05
CA LYS A 33 -7.17 -1.45 -2.92
C LYS A 33 -6.54 -2.80 -3.21
N ASP A 34 -5.37 -3.05 -2.64
CA ASP A 34 -4.67 -4.30 -2.84
C ASP A 34 -5.24 -5.38 -1.94
N CYS A 35 -5.60 -5.00 -0.71
CA CYS A 35 -6.17 -5.94 0.25
C CYS A 35 -7.55 -6.38 -0.19
N ALA A 36 -8.19 -7.21 0.64
CA ALA A 36 -9.52 -7.71 0.35
C ALA A 36 -10.58 -6.64 0.59
N ASP A 37 -10.32 -5.77 1.56
CA ASP A 37 -11.25 -4.69 1.90
C ASP A 37 -10.58 -3.33 1.78
N GLY A 38 -9.63 -3.21 0.86
CA GLY A 38 -8.94 -1.94 0.69
C GLY A 38 -8.19 -1.50 1.92
N ALA A 39 -7.92 -2.44 2.82
CA ALA A 39 -7.18 -2.13 4.04
C ALA A 39 -5.85 -1.48 3.70
N ASP A 40 -5.28 -1.89 2.58
CA ASP A 40 -4.01 -1.36 2.11
C ASP A 40 -4.13 0.14 1.86
N GLU A 41 -5.25 0.54 1.25
CA GLU A 41 -5.50 1.95 0.96
C GLU A 41 -6.35 2.60 2.04
N SER A 42 -6.57 1.86 3.14
CA SER A 42 -7.36 2.37 4.25
C SER A 42 -6.46 2.84 5.37
N ILE A 43 -6.94 3.80 6.15
CA ILE A 43 -6.18 4.34 7.27
C ILE A 43 -5.69 3.22 8.19
N ALA A 44 -6.40 2.10 8.19
CA ALA A 44 -6.02 0.97 9.02
C ALA A 44 -4.56 0.60 8.81
N ALA A 45 -4.06 0.90 7.62
CA ALA A 45 -2.68 0.62 7.27
C ALA A 45 -1.77 1.81 7.57
N GLY A 46 -2.37 3.00 7.59
CA GLY A 46 -1.60 4.21 7.86
C GLY A 46 -1.45 5.07 6.62
N CYS A 47 -2.51 5.14 5.83
CA CYS A 47 -2.49 5.93 4.60
C CYS A 47 -2.71 7.41 4.89
N LEU A 48 -2.86 7.77 6.16
CA LEU A 48 -3.06 9.15 6.55
C LEU A 48 -4.38 9.70 6.00
N TYR A 49 -5.24 8.81 5.53
CA TYR A 49 -6.53 9.20 4.98
C TYR A 49 -7.29 7.99 4.44
N ASN A 50 -8.62 8.13 4.33
CA ASN A 50 -9.46 7.05 3.81
C ASN A 50 -10.93 7.41 3.98
N SER A 51 -11.25 8.09 5.08
CA SER A 51 -12.62 8.50 5.37
C SER A 51 -13.16 9.42 4.27
N THR A 52 -12.46 10.53 4.04
CA THR A 52 -12.87 11.50 3.02
C THR A 52 -13.08 10.82 1.67
N GLY A 53 -11.98 10.52 0.99
CA GLY A 53 -12.07 9.88 -0.30
C GLY A 53 -11.26 10.59 -1.37
N SER A 54 -9.93 10.56 -1.21
CA SER A 54 -9.03 11.21 -2.17
C SER A 54 -7.68 10.51 -2.20
N GLY A 55 -6.92 10.76 -3.26
CA GLY A 55 -5.60 10.15 -3.38
C GLY A 55 -4.65 10.58 -2.28
N SER A 56 -3.38 10.73 -2.62
CA SER A 56 -2.37 11.14 -1.66
C SER A 56 -2.34 12.66 -1.54
N GLY A 57 -3.47 13.25 -1.19
CA GLY A 57 -3.54 14.69 -1.05
C GLY A 57 -3.57 15.14 0.40
N SER A 58 -3.14 14.26 1.31
CA SER A 58 -3.12 14.58 2.73
C SER A 58 -1.74 15.05 3.16
N GLY A 59 -1.00 15.67 2.24
CA GLY A 59 0.33 16.16 2.54
C GLY A 59 1.42 15.35 1.86
N SER A 60 2.65 15.88 1.89
CA SER A 60 3.77 15.20 1.29
C SER A 60 4.08 13.90 2.02
N THR A 61 3.87 13.92 3.33
CA THR A 61 4.11 12.75 4.16
C THR A 61 3.50 11.51 3.54
N GLU A 62 2.34 11.69 2.92
CA GLU A 62 1.63 10.60 2.26
C GLU A 62 2.51 9.96 1.19
N GLU A 63 3.12 10.80 0.36
CA GLU A 63 3.99 10.32 -0.71
C GLU A 63 5.35 9.90 -0.15
N LEU A 64 5.76 10.57 0.93
CA LEU A 64 7.03 10.28 1.58
C LEU A 64 7.14 8.81 1.93
N ARG A 65 6.07 8.27 2.52
CA ARG A 65 6.03 6.86 2.93
C ARG A 65 5.80 5.95 1.73
N VAL A 66 5.15 6.49 0.70
CA VAL A 66 4.85 5.72 -0.50
C VAL A 66 5.98 5.81 -1.54
N ARG A 67 6.93 6.72 -1.32
CA ARG A 67 8.04 6.91 -2.24
C ARG A 67 9.17 5.90 -1.97
N LEU A 68 9.74 5.96 -0.77
CA LEU A 68 10.83 5.08 -0.39
C LEU A 68 10.50 3.61 -0.67
N ALA A 69 9.36 3.16 -0.17
CA ALA A 69 8.93 1.78 -0.35
C ALA A 69 8.83 1.40 -1.83
N SER A 70 8.82 2.39 -2.71
CA SER A 70 8.74 2.15 -4.14
C SER A 70 10.11 1.85 -4.74
N HIS A 71 11.16 1.94 -3.91
CA HIS A 71 12.52 1.69 -4.36
C HIS A 71 12.65 0.40 -5.17
N LEU A 72 11.87 -0.63 -4.81
CA LEU A 72 11.93 -1.91 -5.52
C LEU A 72 10.55 -2.51 -5.71
N ARG A 73 9.80 -2.63 -4.61
CA ARG A 73 8.46 -3.22 -4.62
C ARG A 73 7.72 -3.00 -5.94
N LYS A 74 7.22 -1.79 -6.16
CA LYS A 74 6.49 -1.49 -7.39
C LYS A 74 7.43 -1.22 -8.56
N LEU A 75 8.62 -0.69 -8.25
CA LEU A 75 9.60 -0.40 -9.28
C LEU A 75 9.98 -1.67 -10.06
N ARG A 76 9.88 -2.81 -9.38
CA ARG A 76 10.21 -4.09 -10.01
C ARG A 76 8.93 -4.74 -10.56
N LYS A 77 8.46 -5.83 -9.94
CA LYS A 77 7.25 -6.51 -10.39
C LYS A 77 7.38 -6.92 -11.86
N ARG A 78 6.44 -7.74 -12.33
CA ARG A 78 6.45 -8.20 -13.70
C ARG A 78 5.24 -7.68 -14.47
N LEU A 79 5.43 -6.55 -15.16
CA LEU A 79 4.36 -5.93 -15.94
C LEU A 79 3.23 -5.46 -15.03
N LEU A 80 2.44 -6.39 -14.51
CA LEU A 80 1.32 -6.05 -13.64
C LEU A 80 1.81 -5.70 -12.24
N GLY A 1 -8.25 -8.77 -3.31
CA GLY A 1 -7.47 -7.52 -3.44
C GLY A 1 -7.36 -7.05 -4.87
N SER A 2 -6.13 -6.89 -5.35
CA SER A 2 -5.90 -6.43 -6.72
C SER A 2 -4.69 -7.13 -7.33
N LYS A 3 -3.51 -6.81 -6.81
CA LYS A 3 -2.27 -7.40 -7.31
C LYS A 3 -1.27 -7.57 -6.17
N LEU A 4 -1.52 -8.55 -5.31
CA LEU A 4 -0.65 -8.81 -4.16
C LEU A 4 0.23 -10.04 -4.39
N GLU A 5 -0.41 -11.20 -4.47
CA GLU A 5 0.32 -12.46 -4.68
C GLU A 5 1.53 -12.58 -3.74
N GLY A 6 2.68 -12.11 -4.21
CA GLY A 6 3.88 -12.17 -3.39
C GLY A 6 4.85 -11.05 -3.71
N LYS A 7 5.70 -10.71 -2.75
CA LYS A 7 6.67 -9.64 -2.95
C LYS A 7 7.77 -9.66 -1.89
N THR A 8 7.37 -9.74 -0.62
CA THR A 8 8.33 -9.77 0.48
C THR A 8 7.62 -9.64 1.83
N CYS A 9 6.87 -8.56 2.00
CA CYS A 9 6.14 -8.32 3.23
C CYS A 9 7.09 -8.17 4.41
N GLY A 10 8.36 -7.90 4.13
CA GLY A 10 9.35 -7.73 5.19
C GLY A 10 9.54 -6.28 5.56
N PRO A 11 10.33 -5.53 4.77
CA PRO A 11 10.60 -4.11 5.03
C PRO A 11 9.31 -3.29 4.99
N SER A 12 9.38 -2.06 4.49
CA SER A 12 8.21 -1.18 4.41
C SER A 12 7.05 -1.89 3.71
N SER A 13 6.25 -2.61 4.48
CA SER A 13 5.11 -3.33 3.94
C SER A 13 3.99 -3.44 4.98
N PHE A 14 2.76 -3.57 4.51
CA PHE A 14 1.61 -3.67 5.39
C PHE A 14 0.80 -4.93 5.09
N SER A 15 0.71 -5.82 6.07
CA SER A 15 -0.03 -7.06 5.91
C SER A 15 -1.53 -6.78 5.86
N CYS A 16 -2.17 -7.23 4.78
CA CYS A 16 -3.60 -7.03 4.61
C CYS A 16 -4.39 -7.60 5.79
N PRO A 17 -5.23 -6.78 6.43
CA PRO A 17 -6.04 -7.20 7.59
C PRO A 17 -7.03 -8.29 7.24
N GLY A 18 -7.00 -9.37 8.02
CA GLY A 18 -7.92 -10.47 7.79
C GLY A 18 -7.38 -11.49 6.80
N THR A 19 -6.70 -11.01 5.77
CA THR A 19 -6.14 -11.88 4.74
C THR A 19 -4.65 -12.09 4.95
N HIS A 20 -4.19 -13.32 4.75
CA HIS A 20 -2.78 -13.64 4.91
C HIS A 20 -1.93 -12.80 3.97
N VAL A 21 -2.55 -12.31 2.91
CA VAL A 21 -1.87 -11.48 1.92
C VAL A 21 -1.22 -10.26 2.57
N CYS A 22 -0.13 -9.79 1.98
CA CYS A 22 0.59 -8.64 2.51
C CYS A 22 0.76 -7.57 1.44
N VAL A 23 0.27 -6.36 1.73
CA VAL A 23 0.36 -5.25 0.79
C VAL A 23 1.47 -4.28 1.21
N PRO A 24 2.44 -4.02 0.32
CA PRO A 24 3.56 -3.11 0.62
C PRO A 24 3.09 -1.68 0.91
N GLU A 25 3.95 -0.91 1.56
CA GLU A 25 3.63 0.47 1.89
C GLU A 25 3.38 1.28 0.63
N ARG A 26 4.08 0.93 -0.45
CA ARG A 26 3.92 1.61 -1.72
C ARG A 26 2.54 1.33 -2.31
N TRP A 27 2.02 0.14 -2.00
CA TRP A 27 0.72 -0.27 -2.50
C TRP A 27 -0.40 0.09 -1.51
N LEU A 28 -0.13 1.05 -0.64
CA LEU A 28 -1.12 1.48 0.34
C LEU A 28 -2.04 2.54 -0.26
N CYS A 29 -1.46 3.64 -0.71
CA CYS A 29 -2.23 4.73 -1.30
C CYS A 29 -1.89 4.91 -2.78
N ASP A 30 -1.50 3.82 -3.43
CA ASP A 30 -1.15 3.87 -4.85
C ASP A 30 -2.34 4.33 -5.68
N GLY A 31 -3.54 4.18 -5.13
CA GLY A 31 -4.74 4.58 -5.84
C GLY A 31 -5.64 3.42 -6.19
N ASP A 32 -5.60 2.37 -5.36
CA ASP A 32 -6.41 1.18 -5.58
C ASP A 32 -6.35 0.27 -4.37
N LYS A 33 -7.51 -0.09 -3.85
CA LYS A 33 -7.60 -0.95 -2.67
C LYS A 33 -6.90 -2.28 -2.91
N ASP A 34 -5.58 -2.29 -2.70
CA ASP A 34 -4.78 -3.49 -2.89
C ASP A 34 -5.29 -4.63 -2.01
N CYS A 35 -5.73 -4.28 -0.80
CA CYS A 35 -6.26 -5.27 0.13
C CYS A 35 -7.68 -5.65 -0.23
N ALA A 36 -8.31 -6.48 0.60
CA ALA A 36 -9.66 -6.93 0.37
C ALA A 36 -10.67 -5.82 0.65
N ASP A 37 -10.44 -5.07 1.73
CA ASP A 37 -11.34 -3.98 2.10
C ASP A 37 -10.64 -2.63 2.01
N GLY A 38 -9.67 -2.53 1.11
CA GLY A 38 -8.94 -1.28 0.94
C GLY A 38 -8.14 -0.90 2.16
N ALA A 39 -7.80 -1.91 2.98
CA ALA A 39 -7.01 -1.67 4.18
C ALA A 39 -5.72 -0.95 3.84
N ASP A 40 -5.15 -1.29 2.69
CA ASP A 40 -3.91 -0.67 2.23
C ASP A 40 -4.10 0.84 2.11
N GLU A 41 -5.26 1.23 1.57
CA GLU A 41 -5.60 2.64 1.41
C GLU A 41 -6.12 3.21 2.72
N SER A 42 -6.54 2.32 3.62
CA SER A 42 -7.07 2.74 4.91
C SER A 42 -5.95 3.15 5.84
N ILE A 43 -6.25 4.08 6.74
CA ILE A 43 -5.27 4.57 7.70
C ILE A 43 -4.64 3.41 8.47
N ALA A 44 -5.37 2.30 8.58
CA ALA A 44 -4.88 1.13 9.29
C ALA A 44 -3.48 0.76 8.80
N ALA A 45 -3.19 1.10 7.55
CA ALA A 45 -1.89 0.82 6.95
C ALA A 45 -0.95 2.01 7.06
N GLY A 46 -1.54 3.21 7.22
CA GLY A 46 -0.73 4.41 7.34
C GLY A 46 -0.88 5.30 6.13
N CYS A 47 -2.08 5.34 5.56
CA CYS A 47 -2.35 6.16 4.39
C CYS A 47 -2.46 7.65 4.74
N LEU A 48 -2.42 7.95 6.05
CA LEU A 48 -2.51 9.33 6.52
C LEU A 48 -3.91 9.91 6.33
N TYR A 49 -4.86 9.09 5.94
CA TYR A 49 -6.23 9.57 5.75
C TYR A 49 -7.22 8.41 5.59
N ASN A 50 -8.21 8.57 4.69
CA ASN A 50 -9.24 7.56 4.44
C ASN A 50 -10.52 7.92 5.21
N SER A 51 -11.37 6.94 5.46
CA SER A 51 -12.63 7.18 6.17
C SER A 51 -13.61 7.93 5.27
N THR A 52 -13.28 8.05 3.99
CA THR A 52 -14.14 8.75 3.04
C THR A 52 -13.90 8.24 1.63
N GLY A 53 -12.63 8.11 1.25
CA GLY A 53 -12.28 7.63 -0.06
C GLY A 53 -10.88 7.05 -0.12
N SER A 54 -10.13 7.42 -1.16
CA SER A 54 -8.76 6.93 -1.32
C SER A 54 -8.05 7.66 -2.46
N GLY A 55 -6.75 7.85 -2.30
CA GLY A 55 -5.97 8.53 -3.31
C GLY A 55 -4.68 9.12 -2.77
N SER A 56 -4.69 10.43 -2.52
CA SER A 56 -3.52 11.11 -1.99
C SER A 56 -3.83 12.59 -1.72
N GLY A 57 -3.99 12.93 -0.44
CA GLY A 57 -4.29 14.30 -0.07
C GLY A 57 -3.73 14.65 1.30
N SER A 58 -2.64 14.00 1.68
CA SER A 58 -2.02 14.27 2.97
C SER A 58 -0.88 15.26 2.83
N GLY A 59 -0.12 15.15 1.75
CA GLY A 59 0.99 16.05 1.51
C GLY A 59 2.29 15.32 1.26
N SER A 60 3.40 15.97 1.61
CA SER A 60 4.72 15.36 1.42
C SER A 60 4.83 14.04 2.16
N THR A 61 4.16 13.94 3.30
CA THR A 61 4.19 12.72 4.10
C THR A 61 3.58 11.56 3.32
N GLU A 62 2.58 11.86 2.49
CA GLU A 62 1.93 10.82 1.70
C GLU A 62 2.91 10.18 0.73
N GLU A 63 3.71 11.00 0.06
CA GLU A 63 4.70 10.49 -0.89
C GLU A 63 5.87 9.86 -0.14
N LEU A 64 6.27 10.50 0.95
CA LEU A 64 7.38 10.01 1.75
C LEU A 64 7.31 8.50 2.00
N ARG A 65 6.09 7.98 2.08
CA ARG A 65 5.88 6.55 2.32
C ARG A 65 5.69 5.78 1.02
N VAL A 66 4.81 6.30 0.15
CA VAL A 66 4.53 5.64 -1.12
C VAL A 66 5.64 5.87 -2.15
N ARG A 67 6.60 6.72 -1.81
CA ARG A 67 7.72 7.03 -2.70
C ARG A 67 8.90 6.10 -2.43
N LEU A 68 9.36 6.08 -1.19
CA LEU A 68 10.48 5.22 -0.82
C LEU A 68 10.16 3.76 -1.06
N ALA A 69 8.98 3.34 -0.60
CA ALA A 69 8.54 1.96 -0.77
C ALA A 69 8.51 1.57 -2.24
N SER A 70 8.43 2.57 -3.11
CA SER A 70 8.40 2.32 -4.55
C SER A 70 9.78 1.96 -5.08
N HIS A 71 10.79 2.06 -4.22
CA HIS A 71 12.16 1.75 -4.60
C HIS A 71 12.29 0.33 -5.14
N LEU A 72 11.45 -0.57 -4.63
CA LEU A 72 11.49 -1.97 -5.07
C LEU A 72 10.08 -2.54 -5.25
N ARG A 73 9.19 -2.26 -4.30
CA ARG A 73 7.82 -2.76 -4.34
C ARG A 73 7.21 -2.63 -5.73
N LYS A 74 6.85 -1.41 -6.11
CA LYS A 74 6.24 -1.16 -7.42
C LYS A 74 7.29 -1.17 -8.53
N LEU A 75 8.43 -0.54 -8.28
CA LEU A 75 9.50 -0.48 -9.27
C LEU A 75 9.94 -1.88 -9.67
N ARG A 76 10.05 -2.77 -8.70
CA ARG A 76 10.47 -4.14 -8.95
C ARG A 76 9.26 -5.08 -8.99
N LYS A 77 9.40 -6.30 -8.45
CA LYS A 77 8.31 -7.28 -8.45
C LYS A 77 8.20 -7.98 -9.80
N ARG A 78 9.32 -8.53 -10.27
CA ARG A 78 9.37 -9.22 -11.55
C ARG A 78 9.01 -8.25 -12.69
N LEU A 79 7.72 -8.01 -12.86
CA LEU A 79 7.25 -7.10 -13.90
C LEU A 79 6.10 -6.26 -13.38
N LEU A 80 5.88 -5.11 -14.02
CA LEU A 80 4.80 -4.21 -13.64
C LEU A 80 3.48 -4.63 -14.28
N GLY A 1 -6.80 -11.16 -3.68
CA GLY A 1 -6.25 -9.94 -3.01
C GLY A 1 -6.38 -8.69 -3.85
N SER A 2 -7.37 -8.69 -4.74
CA SER A 2 -7.60 -7.55 -5.62
C SER A 2 -6.47 -7.39 -6.64
N LYS A 3 -5.30 -6.99 -6.16
CA LYS A 3 -4.14 -6.81 -7.02
C LYS A 3 -2.85 -7.23 -6.31
N LEU A 4 -2.96 -8.27 -5.49
CA LEU A 4 -1.81 -8.78 -4.75
C LEU A 4 -1.25 -10.03 -5.41
N GLU A 5 -0.03 -9.94 -5.92
CA GLU A 5 0.63 -11.05 -6.57
C GLU A 5 2.03 -11.28 -6.02
N GLY A 6 2.10 -11.85 -4.82
CA GLY A 6 3.39 -12.11 -4.21
C GLY A 6 4.17 -10.84 -3.94
N LYS A 7 4.91 -10.83 -2.82
CA LYS A 7 5.70 -9.67 -2.44
C LYS A 7 6.80 -10.07 -1.46
N THR A 8 7.50 -9.07 -0.92
CA THR A 8 8.58 -9.33 0.03
C THR A 8 8.01 -9.42 1.44
N CYS A 9 7.24 -8.41 1.83
CA CYS A 9 6.63 -8.37 3.15
C CYS A 9 7.70 -8.45 4.24
N GLY A 10 8.61 -7.49 4.25
CA GLY A 10 9.68 -7.48 5.24
C GLY A 10 10.09 -6.08 5.66
N PRO A 11 10.81 -5.34 4.79
CA PRO A 11 11.27 -3.98 5.11
C PRO A 11 10.11 -3.02 5.36
N SER A 12 9.56 -2.47 4.27
CA SER A 12 8.44 -1.54 4.39
C SER A 12 7.18 -2.13 3.77
N SER A 13 6.51 -2.99 4.54
CA SER A 13 5.29 -3.63 4.07
C SER A 13 4.20 -3.61 5.14
N PHE A 14 3.01 -4.05 4.74
CA PHE A 14 1.87 -4.09 5.65
C PHE A 14 1.02 -5.31 5.36
N SER A 15 0.96 -6.24 6.30
CA SER A 15 0.17 -7.46 6.14
C SER A 15 -1.31 -7.12 5.99
N CYS A 16 -1.89 -7.48 4.85
CA CYS A 16 -3.29 -7.21 4.58
C CYS A 16 -4.19 -7.82 5.67
N PRO A 17 -4.79 -6.97 6.51
CA PRO A 17 -5.68 -7.42 7.59
C PRO A 17 -6.78 -8.36 7.10
N GLY A 18 -6.92 -9.49 7.76
CA GLY A 18 -7.95 -10.45 7.39
C GLY A 18 -7.45 -11.47 6.38
N THR A 19 -6.41 -11.13 5.63
CA THR A 19 -5.86 -12.02 4.63
C THR A 19 -4.38 -12.27 4.87
N HIS A 20 -3.96 -13.52 4.71
CA HIS A 20 -2.56 -13.90 4.90
C HIS A 20 -1.65 -13.06 4.01
N VAL A 21 -2.22 -12.52 2.93
CA VAL A 21 -1.46 -11.72 1.99
C VAL A 21 -0.80 -10.53 2.68
N CYS A 22 0.26 -10.02 2.08
CA CYS A 22 0.99 -8.88 2.63
C CYS A 22 1.12 -7.76 1.61
N VAL A 23 0.51 -6.62 1.90
CA VAL A 23 0.55 -5.47 1.01
C VAL A 23 1.69 -4.53 1.40
N PRO A 24 2.62 -4.25 0.46
CA PRO A 24 3.75 -3.35 0.71
C PRO A 24 3.31 -1.96 1.11
N GLU A 25 4.21 -1.21 1.76
CA GLU A 25 3.90 0.15 2.20
C GLU A 25 3.60 1.04 1.01
N ARG A 26 4.21 0.74 -0.14
CA ARG A 26 3.98 1.53 -1.35
C ARG A 26 2.59 1.24 -1.89
N TRP A 27 2.06 0.06 -1.59
CA TRP A 27 0.75 -0.34 -2.06
C TRP A 27 -0.34 0.11 -1.08
N LEU A 28 0.04 0.90 -0.07
CA LEU A 28 -0.90 1.39 0.92
C LEU A 28 -1.75 2.53 0.35
N CYS A 29 -1.08 3.63 0.03
CA CYS A 29 -1.77 4.80 -0.52
C CYS A 29 -1.36 5.04 -1.98
N ASP A 30 -1.23 3.96 -2.74
CA ASP A 30 -0.84 4.08 -4.15
C ASP A 30 -2.00 4.63 -4.99
N GLY A 31 -3.23 4.48 -4.48
CA GLY A 31 -4.39 4.97 -5.20
C GLY A 31 -5.30 3.85 -5.65
N ASP A 32 -5.30 2.75 -4.90
CA ASP A 32 -6.13 1.61 -5.23
C ASP A 32 -6.07 0.58 -4.10
N LYS A 33 -7.19 0.41 -3.40
CA LYS A 33 -7.27 -0.53 -2.29
C LYS A 33 -6.81 -1.92 -2.70
N ASP A 34 -5.52 -2.18 -2.48
CA ASP A 34 -4.92 -3.47 -2.82
C ASP A 34 -5.49 -4.58 -1.94
N CYS A 35 -5.58 -4.32 -0.64
CA CYS A 35 -6.11 -5.30 0.30
C CYS A 35 -7.54 -5.69 -0.09
N ALA A 36 -8.18 -6.49 0.76
CA ALA A 36 -9.54 -6.93 0.51
C ALA A 36 -10.55 -5.85 0.87
N ASP A 37 -10.26 -5.10 1.92
CA ASP A 37 -11.15 -4.03 2.37
C ASP A 37 -10.43 -2.69 2.42
N GLY A 38 -9.53 -2.47 1.48
CA GLY A 38 -8.80 -1.22 1.43
C GLY A 38 -7.97 -0.98 2.67
N ALA A 39 -7.66 -2.04 3.40
CA ALA A 39 -6.87 -1.93 4.61
C ALA A 39 -5.54 -1.23 4.31
N ASP A 40 -5.04 -1.45 3.10
CA ASP A 40 -3.80 -0.84 2.67
C ASP A 40 -3.96 0.68 2.57
N GLU A 41 -5.10 1.10 2.04
CA GLU A 41 -5.41 2.52 1.90
C GLU A 41 -5.92 3.08 3.22
N SER A 42 -6.45 2.20 4.06
CA SER A 42 -6.97 2.59 5.36
C SER A 42 -5.83 3.01 6.28
N ILE A 43 -6.19 3.65 7.38
CA ILE A 43 -5.21 4.11 8.34
C ILE A 43 -4.58 2.93 9.08
N ALA A 44 -5.31 1.82 9.13
CA ALA A 44 -4.82 0.62 9.79
C ALA A 44 -3.41 0.28 9.33
N ALA A 45 -3.09 0.67 8.10
CA ALA A 45 -1.78 0.40 7.52
C ALA A 45 -0.84 1.58 7.76
N GLY A 46 -1.42 2.77 7.92
CA GLY A 46 -0.62 3.96 8.14
C GLY A 46 -0.66 4.90 6.96
N CYS A 47 -1.83 4.96 6.30
CA CYS A 47 -2.00 5.82 5.14
C CYS A 47 -2.31 7.26 5.56
N LEU A 48 -2.38 7.51 6.87
CA LEU A 48 -2.67 8.85 7.39
C LEU A 48 -4.08 9.28 7.01
N TYR A 49 -4.92 8.33 6.60
CA TYR A 49 -6.29 8.63 6.21
C TYR A 49 -7.04 7.36 5.84
N ASN A 50 -8.32 7.49 5.52
CA ASN A 50 -9.15 6.35 5.14
C ASN A 50 -10.58 6.79 4.83
N SER A 51 -10.86 7.03 3.57
CA SER A 51 -12.19 7.45 3.13
C SER A 51 -12.27 7.58 1.62
N THR A 52 -11.70 8.66 1.09
CA THR A 52 -11.71 8.89 -0.35
C THR A 52 -10.57 9.83 -0.76
N GLY A 53 -10.67 11.08 -0.34
CA GLY A 53 -9.64 12.05 -0.68
C GLY A 53 -9.64 12.41 -2.14
N SER A 54 -9.20 13.62 -2.47
CA SER A 54 -9.15 14.08 -3.85
C SER A 54 -8.25 13.16 -4.68
N GLY A 55 -7.25 12.57 -4.03
CA GLY A 55 -6.33 11.68 -4.72
C GLY A 55 -5.28 11.11 -3.81
N SER A 56 -4.79 11.94 -2.89
CA SER A 56 -3.76 11.51 -1.94
C SER A 56 -3.97 12.16 -0.57
N GLY A 57 -4.70 11.47 0.29
CA GLY A 57 -4.96 11.99 1.62
C GLY A 57 -3.69 12.27 2.40
N SER A 58 -3.77 13.21 3.34
CA SER A 58 -2.63 13.59 4.16
C SER A 58 -1.62 14.44 3.39
N GLY A 59 -1.97 14.80 2.15
CA GLY A 59 -1.08 15.62 1.34
C GLY A 59 0.14 14.86 0.85
N SER A 60 1.25 15.57 0.68
CA SER A 60 2.49 14.96 0.20
C SER A 60 2.89 13.78 1.09
N THR A 61 2.55 13.85 2.37
CA THR A 61 2.88 12.79 3.31
C THR A 61 2.49 11.42 2.75
N GLU A 62 1.47 11.41 1.90
CA GLU A 62 1.01 10.17 1.29
C GLU A 62 2.09 9.54 0.43
N GLU A 63 2.43 10.22 -0.66
CA GLU A 63 3.45 9.73 -1.58
C GLU A 63 4.82 9.64 -0.88
N LEU A 64 5.01 10.49 0.13
CA LEU A 64 6.26 10.51 0.88
C LEU A 64 6.66 9.11 1.35
N ARG A 65 5.95 8.61 2.35
CA ARG A 65 6.23 7.29 2.89
C ARG A 65 5.97 6.20 1.85
N VAL A 66 4.93 6.41 1.05
CA VAL A 66 4.55 5.46 0.01
C VAL A 66 5.63 5.36 -1.07
N ARG A 67 6.43 6.41 -1.20
CA ARG A 67 7.49 6.43 -2.22
C ARG A 67 8.64 5.50 -1.84
N LEU A 68 9.14 5.65 -0.61
CA LEU A 68 10.26 4.82 -0.13
C LEU A 68 10.02 3.34 -0.41
N ALA A 69 8.75 2.94 -0.49
CA ALA A 69 8.41 1.55 -0.74
C ALA A 69 8.34 1.24 -2.23
N SER A 70 8.07 2.26 -3.04
CA SER A 70 7.98 2.09 -4.48
C SER A 70 9.36 1.88 -5.11
N HIS A 71 10.41 2.06 -4.31
CA HIS A 71 11.77 1.91 -4.79
C HIS A 71 11.99 0.54 -5.46
N LEU A 72 11.18 -0.44 -5.08
CA LEU A 72 11.30 -1.79 -5.65
C LEU A 72 9.92 -2.40 -5.93
N ARG A 73 9.06 -2.39 -4.91
CA ARG A 73 7.72 -2.96 -5.02
C ARG A 73 7.07 -2.69 -6.38
N LYS A 74 6.64 -1.45 -6.59
CA LYS A 74 5.99 -1.08 -7.85
C LYS A 74 7.02 -0.81 -8.94
N LEU A 75 8.21 -0.38 -8.54
CA LEU A 75 9.27 -0.09 -9.49
C LEU A 75 9.79 -1.38 -10.12
N ARG A 76 10.56 -2.14 -9.35
CA ARG A 76 11.12 -3.40 -9.83
C ARG A 76 10.02 -4.44 -10.00
N LYS A 77 9.70 -5.16 -8.92
CA LYS A 77 8.66 -6.18 -8.94
C LYS A 77 9.10 -7.45 -9.66
N ARG A 78 10.29 -7.42 -10.28
CA ARG A 78 10.82 -8.59 -11.01
C ARG A 78 10.09 -8.80 -12.34
N LEU A 79 8.81 -8.41 -12.39
CA LEU A 79 8.02 -8.57 -13.61
C LEU A 79 6.76 -7.71 -13.55
N LEU A 80 5.77 -8.06 -14.37
CA LEU A 80 4.51 -7.31 -14.41
C LEU A 80 3.88 -7.26 -13.03
N GLY A 1 -9.21 -9.42 -6.13
CA GLY A 1 -9.19 -8.06 -5.53
C GLY A 1 -8.03 -7.22 -6.02
N SER A 2 -6.97 -7.88 -6.47
CA SER A 2 -5.79 -7.19 -6.96
C SER A 2 -4.74 -8.19 -7.46
N LYS A 3 -3.54 -7.69 -7.72
CA LYS A 3 -2.45 -8.53 -8.20
C LYS A 3 -1.56 -8.96 -7.04
N LEU A 4 -2.15 -9.07 -5.85
CA LEU A 4 -1.41 -9.46 -4.65
C LEU A 4 -1.07 -10.95 -4.70
N GLU A 5 0.18 -11.24 -5.09
CA GLU A 5 0.64 -12.62 -5.17
C GLU A 5 2.05 -12.75 -4.61
N GLY A 6 2.14 -12.85 -3.29
CA GLY A 6 3.44 -12.97 -2.64
C GLY A 6 4.30 -11.75 -2.86
N LYS A 7 4.95 -11.29 -1.79
CA LYS A 7 5.81 -10.11 -1.87
C LYS A 7 6.96 -10.19 -0.88
N THR A 8 7.68 -9.08 -0.71
CA THR A 8 8.81 -9.01 0.21
C THR A 8 8.35 -8.93 1.66
N CYS A 9 7.44 -8.02 1.94
CA CYS A 9 6.92 -7.85 3.30
C CYS A 9 8.08 -7.77 4.31
N GLY A 10 8.83 -6.69 4.26
CA GLY A 10 9.96 -6.53 5.18
C GLY A 10 10.31 -5.08 5.45
N PRO A 11 11.08 -4.43 4.56
CA PRO A 11 11.49 -3.03 4.72
C PRO A 11 10.29 -2.10 4.95
N SER A 12 9.64 -1.70 3.86
CA SER A 12 8.49 -0.81 3.95
C SER A 12 7.26 -1.47 3.35
N SER A 13 6.61 -2.31 4.13
CA SER A 13 5.43 -3.02 3.67
C SER A 13 4.36 -3.06 4.75
N PHE A 14 3.17 -3.52 4.37
CA PHE A 14 2.05 -3.62 5.30
C PHE A 14 1.27 -4.92 5.08
N SER A 15 1.17 -5.73 6.12
CA SER A 15 0.44 -6.99 6.02
C SER A 15 -1.04 -6.74 5.77
N CYS A 16 -1.55 -7.26 4.66
CA CYS A 16 -2.95 -7.08 4.31
C CYS A 16 -3.87 -7.67 5.38
N PRO A 17 -4.63 -6.79 6.07
CA PRO A 17 -5.56 -7.22 7.14
C PRO A 17 -6.63 -8.17 6.62
N GLY A 18 -6.94 -9.19 7.41
CA GLY A 18 -7.94 -10.16 7.03
C GLY A 18 -7.39 -11.25 6.15
N THR A 19 -6.55 -10.88 5.19
CA THR A 19 -5.95 -11.85 4.28
C THR A 19 -4.54 -12.21 4.72
N HIS A 20 -4.07 -13.36 4.25
CA HIS A 20 -2.73 -13.84 4.57
C HIS A 20 -1.73 -13.32 3.53
N VAL A 21 -1.88 -12.06 3.16
CA VAL A 21 -1.02 -11.44 2.17
C VAL A 21 -0.39 -10.16 2.70
N CYS A 22 0.72 -9.76 2.08
CA CYS A 22 1.42 -8.54 2.47
C CYS A 22 1.40 -7.53 1.34
N VAL A 23 1.14 -6.27 1.67
CA VAL A 23 1.10 -5.21 0.68
C VAL A 23 2.09 -4.09 1.02
N PRO A 24 3.03 -3.81 0.10
CA PRO A 24 4.06 -2.77 0.29
C PRO A 24 3.48 -1.44 0.74
N GLU A 25 4.33 -0.63 1.38
CA GLU A 25 3.92 0.68 1.87
C GLU A 25 3.55 1.62 0.73
N ARG A 26 4.26 1.52 -0.40
CA ARG A 26 3.98 2.36 -1.54
C ARG A 26 2.59 2.06 -2.09
N TRP A 27 2.16 0.81 -1.93
CA TRP A 27 0.86 0.40 -2.41
C TRP A 27 -0.24 1.01 -1.54
N LEU A 28 0.07 1.26 -0.27
CA LEU A 28 -0.88 1.85 0.66
C LEU A 28 -1.66 3.00 0.01
N CYS A 29 -0.98 4.10 -0.24
CA CYS A 29 -1.60 5.25 -0.86
C CYS A 29 -1.20 5.38 -2.33
N ASP A 30 -1.26 4.27 -3.06
CA ASP A 30 -0.90 4.26 -4.47
C ASP A 30 -2.02 4.87 -5.31
N GLY A 31 -3.23 4.91 -4.77
CA GLY A 31 -4.35 5.47 -5.50
C GLY A 31 -5.42 4.45 -5.83
N ASP A 32 -5.28 3.25 -5.28
CA ASP A 32 -6.24 2.18 -5.53
C ASP A 32 -6.20 1.14 -4.40
N LYS A 33 -7.28 0.39 -4.25
CA LYS A 33 -7.35 -0.62 -3.21
C LYS A 33 -6.87 -1.98 -3.71
N ASP A 34 -5.75 -2.44 -3.15
CA ASP A 34 -5.20 -3.73 -3.54
C ASP A 34 -5.66 -4.83 -2.59
N CYS A 35 -5.76 -4.49 -1.31
CA CYS A 35 -6.20 -5.42 -0.30
C CYS A 35 -7.61 -5.93 -0.62
N ALA A 36 -8.24 -6.56 0.37
CA ALA A 36 -9.59 -7.08 0.19
C ALA A 36 -10.63 -5.99 0.40
N ASP A 37 -10.38 -5.13 1.38
CA ASP A 37 -11.29 -4.04 1.70
C ASP A 37 -10.55 -2.70 1.71
N GLY A 38 -9.61 -2.53 0.79
CA GLY A 38 -8.85 -1.30 0.72
C GLY A 38 -8.12 -0.99 2.01
N ALA A 39 -7.72 -2.03 2.73
CA ALA A 39 -7.00 -1.87 3.99
C ALA A 39 -5.66 -1.19 3.78
N ASP A 40 -5.01 -1.53 2.67
CA ASP A 40 -3.72 -0.95 2.32
C ASP A 40 -3.83 0.56 2.16
N GLU A 41 -5.02 1.00 1.74
CA GLU A 41 -5.28 2.42 1.53
C GLU A 41 -5.83 3.04 2.81
N SER A 42 -6.52 2.23 3.60
CA SER A 42 -7.11 2.69 4.85
C SER A 42 -6.01 3.09 5.82
N ILE A 43 -6.40 3.85 6.85
CA ILE A 43 -5.46 4.30 7.85
C ILE A 43 -4.86 3.12 8.60
N ALA A 44 -5.60 2.01 8.64
CA ALA A 44 -5.15 0.80 9.30
C ALA A 44 -3.74 0.43 8.86
N ALA A 45 -3.41 0.82 7.63
CA ALA A 45 -2.09 0.55 7.06
C ALA A 45 -1.14 1.71 7.32
N GLY A 46 -1.70 2.90 7.49
CA GLY A 46 -0.89 4.07 7.74
C GLY A 46 -0.87 5.01 6.55
N CYS A 47 -2.00 5.12 5.87
CA CYS A 47 -2.11 5.99 4.71
C CYS A 47 -2.33 7.45 5.12
N LEU A 48 -2.42 7.69 6.43
CA LEU A 48 -2.62 9.05 6.95
C LEU A 48 -3.98 9.60 6.57
N TYR A 49 -4.92 8.72 6.27
CA TYR A 49 -6.27 9.14 5.90
C TYR A 49 -7.17 7.95 5.58
N ASN A 50 -8.47 8.10 5.86
CA ASN A 50 -9.44 7.05 5.60
C ASN A 50 -10.78 7.40 6.24
N SER A 51 -11.73 7.84 5.41
CA SER A 51 -13.06 8.21 5.89
C SER A 51 -13.96 8.62 4.72
N THR A 52 -13.38 9.34 3.76
CA THR A 52 -14.13 9.79 2.59
C THR A 52 -13.96 8.82 1.43
N GLY A 53 -12.74 8.71 0.93
CA GLY A 53 -12.48 7.81 -0.18
C GLY A 53 -11.32 8.27 -1.03
N SER A 54 -10.80 7.36 -1.86
CA SER A 54 -9.67 7.67 -2.73
C SER A 54 -8.43 8.03 -1.92
N GLY A 55 -8.37 9.28 -1.45
CA GLY A 55 -7.23 9.72 -0.66
C GLY A 55 -6.33 10.67 -1.43
N SER A 56 -5.02 10.57 -1.18
CA SER A 56 -4.04 11.42 -1.85
C SER A 56 -4.26 12.89 -1.47
N GLY A 57 -4.32 13.15 -0.17
CA GLY A 57 -4.52 14.50 0.30
C GLY A 57 -4.07 14.69 1.74
N SER A 58 -3.12 13.87 2.17
CA SER A 58 -2.59 13.95 3.53
C SER A 58 -1.41 14.91 3.61
N GLY A 59 -0.71 15.08 2.49
CA GLY A 59 0.43 15.97 2.45
C GLY A 59 1.69 15.28 1.97
N SER A 60 2.83 15.96 2.14
CA SER A 60 4.11 15.40 1.72
C SER A 60 4.33 14.03 2.33
N THR A 61 3.76 13.81 3.51
CA THR A 61 3.88 12.53 4.20
C THR A 61 3.30 11.40 3.35
N GLU A 62 2.27 11.73 2.57
CA GLU A 62 1.63 10.75 1.70
C GLU A 62 2.61 10.21 0.67
N GLU A 63 3.52 11.07 0.22
CA GLU A 63 4.52 10.67 -0.77
C GLU A 63 5.79 10.20 -0.09
N LEU A 64 6.08 10.74 1.09
CA LEU A 64 7.26 10.39 1.84
C LEU A 64 7.30 8.88 2.15
N ARG A 65 6.13 8.29 2.31
CA ARG A 65 6.03 6.87 2.62
C ARG A 65 5.87 6.02 1.36
N VAL A 66 5.26 6.61 0.33
CA VAL A 66 5.03 5.90 -0.92
C VAL A 66 6.18 6.12 -1.91
N ARG A 67 6.59 7.36 -2.07
CA ARG A 67 7.67 7.71 -2.99
C ARG A 67 8.93 6.88 -2.71
N LEU A 68 9.27 6.72 -1.44
CA LEU A 68 10.46 5.95 -1.06
C LEU A 68 10.32 4.49 -1.47
N ALA A 69 9.47 3.76 -0.74
CA ALA A 69 9.23 2.33 -0.99
C ALA A 69 9.28 1.99 -2.47
N SER A 70 8.85 2.92 -3.32
CA SER A 70 8.84 2.70 -4.76
C SER A 70 10.18 2.13 -5.25
N HIS A 71 11.24 2.36 -4.48
CA HIS A 71 12.58 1.88 -4.85
C HIS A 71 12.57 0.41 -5.22
N LEU A 72 11.70 -0.39 -4.59
CA LEU A 72 11.63 -1.81 -4.87
C LEU A 72 10.19 -2.30 -4.99
N ARG A 73 9.35 -1.90 -4.05
CA ARG A 73 7.94 -2.31 -4.04
C ARG A 73 7.32 -2.26 -5.42
N LYS A 74 7.12 -1.04 -5.94
CA LYS A 74 6.52 -0.86 -7.26
C LYS A 74 7.52 -1.19 -8.36
N LEU A 75 8.77 -0.81 -8.15
CA LEU A 75 9.82 -1.06 -9.14
C LEU A 75 9.98 -2.56 -9.39
N ARG A 76 10.52 -3.26 -8.39
CA ARG A 76 10.73 -4.70 -8.50
C ARG A 76 9.43 -5.46 -8.24
N LYS A 77 9.05 -6.32 -9.18
CA LYS A 77 7.83 -7.10 -9.05
C LYS A 77 7.72 -8.11 -10.18
N ARG A 78 7.99 -9.38 -9.87
CA ARG A 78 7.93 -10.45 -10.86
C ARG A 78 6.55 -10.48 -11.54
N LEU A 79 6.48 -11.16 -12.68
CA LEU A 79 5.23 -11.26 -13.43
C LEU A 79 4.78 -9.91 -13.97
N LEU A 80 4.33 -9.05 -13.06
CA LEU A 80 3.87 -7.71 -13.44
C LEU A 80 4.98 -6.92 -14.14
N GLY A 1 -10.61 -10.42 -3.12
CA GLY A 1 -9.23 -10.74 -2.68
C GLY A 1 -8.24 -9.64 -3.02
N SER A 2 -7.25 -9.97 -3.84
CA SER A 2 -6.24 -8.99 -4.25
C SER A 2 -5.46 -9.48 -5.47
N LYS A 3 -4.58 -8.63 -5.98
CA LYS A 3 -3.77 -8.97 -7.13
C LYS A 3 -2.29 -9.04 -6.77
N LEU A 4 -1.99 -8.92 -5.48
CA LEU A 4 -0.61 -8.98 -5.01
C LEU A 4 0.05 -10.29 -5.41
N GLU A 5 -0.33 -11.37 -4.73
CA GLU A 5 0.20 -12.70 -5.00
C GLU A 5 1.71 -12.68 -5.24
N GLY A 6 2.47 -12.48 -4.17
CA GLY A 6 3.92 -12.46 -4.29
C GLY A 6 4.52 -11.09 -4.04
N LYS A 7 5.61 -11.06 -3.28
CA LYS A 7 6.31 -9.82 -2.97
C LYS A 7 7.34 -10.06 -1.87
N THR A 8 7.81 -8.98 -1.24
CA THR A 8 8.81 -9.09 -0.18
C THR A 8 8.15 -9.10 1.20
N CYS A 9 7.32 -8.10 1.47
CA CYS A 9 6.64 -8.01 2.76
C CYS A 9 7.64 -7.99 3.91
N GLY A 10 8.48 -6.95 3.95
CA GLY A 10 9.48 -6.85 5.00
C GLY A 10 9.56 -5.47 5.61
N PRO A 11 10.34 -4.55 5.01
CA PRO A 11 10.49 -3.19 5.53
C PRO A 11 9.21 -2.36 5.37
N SER A 12 9.07 -1.66 4.25
CA SER A 12 7.88 -0.86 4.00
C SER A 12 6.75 -1.75 3.48
N SER A 13 6.24 -2.60 4.35
CA SER A 13 5.17 -3.52 3.97
C SER A 13 4.00 -3.44 4.93
N PHE A 14 2.83 -3.82 4.43
CA PHE A 14 1.61 -3.84 5.22
C PHE A 14 0.83 -5.12 4.95
N SER A 15 0.88 -6.05 5.88
CA SER A 15 0.18 -7.31 5.73
C SER A 15 -1.32 -7.06 5.65
N CYS A 16 -1.90 -7.28 4.47
CA CYS A 16 -3.33 -7.06 4.26
C CYS A 16 -4.16 -7.68 5.38
N PRO A 17 -4.82 -6.84 6.21
CA PRO A 17 -5.64 -7.29 7.33
C PRO A 17 -6.71 -8.29 6.90
N GLY A 18 -6.85 -9.37 7.68
CA GLY A 18 -7.84 -10.38 7.37
C GLY A 18 -7.37 -11.37 6.31
N THR A 19 -6.23 -11.10 5.71
CA THR A 19 -5.68 -11.98 4.67
C THR A 19 -4.18 -12.16 4.82
N HIS A 20 -3.71 -13.39 4.64
CA HIS A 20 -2.29 -13.68 4.76
C HIS A 20 -1.47 -12.83 3.78
N VAL A 21 -2.15 -12.33 2.75
CA VAL A 21 -1.50 -11.50 1.74
C VAL A 21 -0.88 -10.26 2.36
N CYS A 22 0.25 -9.83 1.80
CA CYS A 22 0.95 -8.64 2.30
C CYS A 22 1.07 -7.59 1.20
N VAL A 23 0.68 -6.36 1.53
CA VAL A 23 0.74 -5.27 0.55
C VAL A 23 1.80 -4.25 0.91
N PRO A 24 2.66 -3.90 -0.07
CA PRO A 24 3.74 -2.91 0.12
C PRO A 24 3.22 -1.55 0.58
N GLU A 25 4.07 -0.81 1.28
CA GLU A 25 3.70 0.51 1.78
C GLU A 25 3.38 1.47 0.63
N ARG A 26 4.07 1.31 -0.50
CA ARG A 26 3.83 2.16 -1.66
C ARG A 26 2.44 1.88 -2.24
N TRP A 27 1.98 0.64 -2.07
CA TRP A 27 0.67 0.26 -2.58
C TRP A 27 -0.44 0.79 -1.67
N LEU A 28 -0.09 1.07 -0.41
CA LEU A 28 -1.05 1.59 0.56
C LEU A 28 -1.99 2.62 -0.07
N CYS A 29 -1.45 3.79 -0.37
CA CYS A 29 -2.23 4.87 -0.98
C CYS A 29 -1.82 5.08 -2.43
N ASP A 30 -1.69 3.99 -3.17
CA ASP A 30 -1.31 4.05 -4.58
C ASP A 30 -2.47 4.58 -5.43
N GLY A 31 -3.64 4.70 -4.83
CA GLY A 31 -4.80 5.20 -5.56
C GLY A 31 -5.91 4.15 -5.68
N ASP A 32 -5.59 2.90 -5.38
CA ASP A 32 -6.56 1.82 -5.46
C ASP A 32 -6.48 0.92 -4.23
N LYS A 33 -7.44 0.01 -4.09
CA LYS A 33 -7.46 -0.89 -2.95
C LYS A 33 -6.90 -2.26 -3.33
N ASP A 34 -5.76 -2.61 -2.73
CA ASP A 34 -5.13 -3.89 -3.01
C ASP A 34 -5.65 -4.96 -2.05
N CYS A 35 -5.97 -4.56 -0.83
CA CYS A 35 -6.49 -5.49 0.17
C CYS A 35 -7.92 -5.88 -0.16
N ALA A 36 -8.51 -6.70 0.70
CA ALA A 36 -9.88 -7.16 0.52
C ALA A 36 -10.88 -6.04 0.79
N ASP A 37 -10.56 -5.19 1.76
CA ASP A 37 -11.43 -4.09 2.12
C ASP A 37 -10.68 -2.75 2.08
N GLY A 38 -9.75 -2.64 1.14
CA GLY A 38 -8.98 -1.41 1.01
C GLY A 38 -8.18 -1.08 2.25
N ALA A 39 -7.90 -2.10 3.07
CA ALA A 39 -7.12 -1.90 4.28
C ALA A 39 -5.76 -1.29 3.95
N ASP A 40 -5.28 -1.59 2.74
CA ASP A 40 -4.01 -1.08 2.26
C ASP A 40 -4.08 0.44 2.12
N GLU A 41 -5.26 0.93 1.79
CA GLU A 41 -5.49 2.36 1.62
C GLU A 41 -6.00 2.98 2.92
N SER A 42 -6.68 2.17 3.71
CA SER A 42 -7.24 2.62 4.98
C SER A 42 -6.13 3.03 5.94
N ILE A 43 -6.51 3.76 6.98
CA ILE A 43 -5.57 4.23 7.97
C ILE A 43 -4.95 3.06 8.74
N ALA A 44 -5.66 1.94 8.77
CA ALA A 44 -5.18 0.75 9.44
C ALA A 44 -3.76 0.39 9.01
N ALA A 45 -3.42 0.81 7.79
CA ALA A 45 -2.09 0.55 7.23
C ALA A 45 -1.14 1.71 7.52
N GLY A 46 -1.71 2.88 7.77
CA GLY A 46 -0.89 4.06 8.03
C GLY A 46 -0.88 5.00 6.86
N CYS A 47 -2.01 5.09 6.18
CA CYS A 47 -2.15 5.96 5.02
C CYS A 47 -2.47 7.39 5.42
N LEU A 48 -2.45 7.66 6.72
CA LEU A 48 -2.73 9.00 7.24
C LEU A 48 -4.16 9.44 6.90
N TYR A 49 -4.99 8.48 6.50
CA TYR A 49 -6.38 8.76 6.16
C TYR A 49 -7.04 7.51 5.57
N ASN A 50 -8.21 7.67 4.98
CA ASN A 50 -8.93 6.54 4.39
C ASN A 50 -10.09 7.03 3.53
N SER A 51 -11.15 7.51 4.20
CA SER A 51 -12.32 8.00 3.50
C SER A 51 -12.14 9.46 3.07
N THR A 52 -11.16 9.69 2.21
CA THR A 52 -10.89 11.04 1.72
C THR A 52 -10.15 11.00 0.38
N GLY A 53 -10.78 11.53 -0.65
CA GLY A 53 -10.17 11.55 -1.97
C GLY A 53 -9.77 10.17 -2.45
N SER A 54 -9.02 10.12 -3.56
CA SER A 54 -8.57 8.86 -4.12
C SER A 54 -7.05 8.79 -4.18
N GLY A 55 -6.40 9.46 -3.23
CA GLY A 55 -4.95 9.47 -3.20
C GLY A 55 -4.38 10.81 -2.77
N SER A 56 -3.37 10.77 -1.92
CA SER A 56 -2.75 12.00 -1.42
C SER A 56 -3.77 12.94 -0.82
N GLY A 57 -3.99 12.81 0.49
CA GLY A 57 -4.96 13.65 1.17
C GLY A 57 -4.51 14.03 2.57
N SER A 58 -3.23 13.81 2.88
CA SER A 58 -2.70 14.13 4.19
C SER A 58 -1.58 15.16 4.07
N GLY A 59 -0.76 15.03 3.03
CA GLY A 59 0.35 15.94 2.83
C GLY A 59 1.60 15.25 2.37
N SER A 60 2.73 15.95 2.45
CA SER A 60 4.01 15.39 2.04
C SER A 60 4.30 14.09 2.79
N THR A 61 3.86 14.02 4.04
CA THR A 61 4.06 12.83 4.87
C THR A 61 3.49 11.59 4.18
N GLU A 62 2.38 11.78 3.46
CA GLU A 62 1.73 10.68 2.76
C GLU A 62 2.69 10.04 1.75
N GLU A 63 3.19 10.86 0.83
CA GLU A 63 4.11 10.38 -0.18
C GLU A 63 5.46 10.01 0.42
N LEU A 64 5.79 10.63 1.56
CA LEU A 64 7.05 10.37 2.24
C LEU A 64 7.27 8.88 2.48
N ARG A 65 6.20 8.18 2.84
CA ARG A 65 6.28 6.75 3.11
C ARG A 65 5.95 5.92 1.87
N VAL A 66 4.99 6.41 1.09
CA VAL A 66 4.58 5.71 -0.13
C VAL A 66 5.63 5.85 -1.24
N ARG A 67 6.45 6.90 -1.15
CA ARG A 67 7.49 7.13 -2.14
C ARG A 67 8.62 6.11 -2.04
N LEU A 68 9.18 5.97 -0.85
CA LEU A 68 10.29 5.06 -0.61
C LEU A 68 10.04 3.69 -1.25
N ALA A 69 8.79 3.28 -1.31
CA ALA A 69 8.43 1.98 -1.89
C ALA A 69 8.01 2.06 -3.35
N SER A 70 8.04 3.27 -3.92
CA SER A 70 7.63 3.46 -5.31
C SER A 70 8.74 3.10 -6.30
N HIS A 71 9.96 2.91 -5.83
CA HIS A 71 11.07 2.57 -6.72
C HIS A 71 11.34 1.07 -6.75
N LEU A 72 10.63 0.30 -5.93
CA LEU A 72 10.83 -1.14 -5.89
C LEU A 72 9.50 -1.89 -5.86
N ARG A 73 8.77 -1.74 -4.76
CA ARG A 73 7.49 -2.41 -4.59
C ARG A 73 6.64 -2.36 -5.86
N LYS A 74 6.28 -1.16 -6.28
CA LYS A 74 5.45 -0.97 -7.46
C LYS A 74 6.29 -1.02 -8.73
N LEU A 75 7.53 -0.56 -8.64
CA LEU A 75 8.43 -0.55 -9.78
C LEU A 75 9.17 -1.89 -9.92
N ARG A 76 10.21 -2.06 -9.11
CA ARG A 76 11.00 -3.29 -9.14
C ARG A 76 10.19 -4.47 -8.63
N LYS A 77 9.52 -5.16 -9.54
CA LYS A 77 8.71 -6.32 -9.18
C LYS A 77 9.42 -7.62 -9.56
N ARG A 78 8.94 -8.74 -9.04
CA ARG A 78 9.53 -10.04 -9.31
C ARG A 78 9.63 -10.28 -10.82
N LEU A 79 8.66 -9.77 -11.56
CA LEU A 79 8.64 -9.92 -13.01
C LEU A 79 8.00 -8.71 -13.68
N LEU A 80 6.67 -8.67 -13.66
CA LEU A 80 5.93 -7.56 -14.27
C LEU A 80 4.81 -7.10 -13.36
N GLY A 1 -10.29 -11.72 -4.22
CA GLY A 1 -9.92 -11.04 -2.96
C GLY A 1 -8.57 -10.35 -3.04
N SER A 2 -8.58 -9.09 -3.48
CA SER A 2 -7.35 -8.31 -3.60
C SER A 2 -6.44 -8.89 -4.68
N LYS A 3 -6.12 -8.07 -5.67
CA LYS A 3 -5.25 -8.49 -6.75
C LYS A 3 -3.78 -8.33 -6.36
N LEU A 4 -3.39 -9.08 -5.33
CA LEU A 4 -2.02 -9.02 -4.83
C LEU A 4 -1.39 -10.41 -4.80
N GLU A 5 -0.14 -10.49 -5.24
CA GLU A 5 0.60 -11.75 -5.25
C GLU A 5 1.49 -11.85 -4.02
N GLY A 6 2.56 -12.63 -4.12
CA GLY A 6 3.47 -12.77 -2.98
C GLY A 6 4.17 -11.47 -2.64
N LYS A 7 4.99 -10.98 -3.56
CA LYS A 7 5.72 -9.74 -3.36
C LYS A 7 6.56 -9.79 -2.09
N THR A 8 6.93 -8.62 -1.58
CA THR A 8 7.75 -8.53 -0.37
C THR A 8 6.95 -7.92 0.78
N CYS A 9 7.17 -8.44 1.99
CA CYS A 9 6.48 -7.95 3.16
C CYS A 9 7.43 -7.70 4.34
N GLY A 10 8.71 -8.02 4.15
CA GLY A 10 9.68 -7.81 5.21
C GLY A 10 9.92 -6.34 5.50
N PRO A 11 10.35 -5.57 4.49
CA PRO A 11 10.59 -4.13 4.64
C PRO A 11 9.30 -3.33 4.71
N SER A 12 9.34 -2.08 4.25
CA SER A 12 8.16 -1.22 4.26
C SER A 12 6.99 -1.88 3.54
N SER A 13 6.24 -2.70 4.28
CA SER A 13 5.09 -3.40 3.73
C SER A 13 3.94 -3.42 4.73
N PHE A 14 2.80 -3.96 4.31
CA PHE A 14 1.63 -4.05 5.17
C PHE A 14 0.77 -5.25 4.79
N SER A 15 0.69 -6.23 5.69
CA SER A 15 -0.10 -7.43 5.44
C SER A 15 -1.59 -7.08 5.32
N CYS A 16 -2.13 -7.29 4.12
CA CYS A 16 -3.54 -7.00 3.87
C CYS A 16 -4.41 -7.63 4.95
N PRO A 17 -4.93 -6.81 5.88
CA PRO A 17 -5.78 -7.28 6.98
C PRO A 17 -6.84 -8.28 6.52
N GLY A 18 -6.83 -9.47 7.14
CA GLY A 18 -7.80 -10.48 6.79
C GLY A 18 -7.27 -11.46 5.76
N THR A 19 -6.33 -11.01 4.94
CA THR A 19 -5.74 -11.84 3.90
C THR A 19 -4.25 -12.01 4.13
N HIS A 20 -3.76 -13.25 3.97
CA HIS A 20 -2.34 -13.54 4.15
C HIS A 20 -1.48 -12.67 3.24
N VAL A 21 -2.09 -12.17 2.15
CA VAL A 21 -1.40 -11.32 1.21
C VAL A 21 -0.83 -10.08 1.89
N CYS A 22 0.35 -9.65 1.44
CA CYS A 22 1.00 -8.48 2.02
C CYS A 22 1.10 -7.35 1.00
N VAL A 23 0.47 -6.21 1.34
CA VAL A 23 0.49 -5.05 0.47
C VAL A 23 1.63 -4.10 0.87
N PRO A 24 2.53 -3.77 -0.07
CA PRO A 24 3.68 -2.89 0.20
C PRO A 24 3.25 -1.49 0.62
N GLU A 25 4.12 -0.82 1.37
CA GLU A 25 3.85 0.54 1.83
C GLU A 25 3.55 1.47 0.66
N ARG A 26 4.18 1.21 -0.48
CA ARG A 26 3.96 2.02 -1.67
C ARG A 26 2.55 1.80 -2.20
N TRP A 27 2.00 0.62 -1.92
CA TRP A 27 0.65 0.29 -2.37
C TRP A 27 -0.40 0.75 -1.36
N LEU A 28 0.05 1.35 -0.26
CA LEU A 28 -0.88 1.84 0.77
C LEU A 28 -1.74 2.97 0.24
N CYS A 29 -1.10 4.06 -0.17
CA CYS A 29 -1.81 5.21 -0.69
C CYS A 29 -1.59 5.33 -2.20
N ASP A 30 -1.63 4.20 -2.89
CA ASP A 30 -1.44 4.17 -4.34
C ASP A 30 -2.54 4.97 -5.05
N GLY A 31 -3.65 5.20 -4.34
CA GLY A 31 -4.75 5.95 -4.91
C GLY A 31 -6.00 5.10 -5.08
N ASP A 32 -5.89 3.81 -4.80
CA ASP A 32 -7.02 2.90 -4.93
C ASP A 32 -6.91 1.79 -3.89
N LYS A 33 -7.92 0.93 -3.82
CA LYS A 33 -7.92 -0.15 -2.86
C LYS A 33 -7.39 -1.44 -3.48
N ASP A 34 -6.17 -1.82 -3.09
CA ASP A 34 -5.55 -3.04 -3.61
C ASP A 34 -5.85 -4.22 -2.69
N CYS A 35 -5.86 -3.96 -1.39
CA CYS A 35 -6.16 -4.99 -0.41
C CYS A 35 -7.57 -5.53 -0.60
N ALA A 36 -8.02 -6.37 0.32
CA ALA A 36 -9.35 -6.95 0.23
C ALA A 36 -10.43 -5.88 0.37
N ASP A 37 -10.25 -4.99 1.35
CA ASP A 37 -11.22 -3.93 1.60
C ASP A 37 -10.54 -2.56 1.65
N GLY A 38 -9.54 -2.35 0.80
CA GLY A 38 -8.86 -1.07 0.78
C GLY A 38 -8.07 -0.81 2.04
N ALA A 39 -7.68 -1.88 2.74
CA ALA A 39 -6.91 -1.74 3.96
C ALA A 39 -5.62 -0.98 3.71
N ASP A 40 -5.03 -1.18 2.54
CA ASP A 40 -3.80 -0.50 2.18
C ASP A 40 -4.01 1.02 2.20
N GLU A 41 -5.17 1.46 1.72
CA GLU A 41 -5.51 2.87 1.70
C GLU A 41 -5.95 3.34 3.08
N SER A 42 -6.32 2.38 3.92
CA SER A 42 -6.78 2.68 5.27
C SER A 42 -5.61 3.14 6.14
N ILE A 43 -5.94 3.71 7.29
CA ILE A 43 -4.93 4.18 8.22
C ILE A 43 -4.28 2.99 8.94
N ALA A 44 -5.00 1.88 9.00
CA ALA A 44 -4.49 0.67 9.64
C ALA A 44 -3.10 0.34 9.13
N ALA A 45 -2.84 0.73 7.87
CA ALA A 45 -1.55 0.50 7.24
C ALA A 45 -0.64 1.70 7.44
N GLY A 46 -1.24 2.87 7.61
CA GLY A 46 -0.49 4.08 7.80
C GLY A 46 -0.59 5.03 6.62
N CYS A 47 -1.77 5.11 6.02
CA CYS A 47 -1.99 6.00 4.88
C CYS A 47 -2.19 7.44 5.35
N LEU A 48 -2.51 7.60 6.63
CA LEU A 48 -2.70 8.92 7.23
C LEU A 48 -4.06 9.54 6.87
N TYR A 49 -5.11 8.72 6.79
CA TYR A 49 -6.43 9.24 6.48
C TYR A 49 -7.50 8.14 6.46
N ASN A 50 -7.28 7.10 5.65
CA ASN A 50 -8.24 6.00 5.56
C ASN A 50 -9.50 6.43 4.81
N SER A 51 -10.20 7.43 5.36
CA SER A 51 -11.44 7.94 4.77
C SER A 51 -11.45 7.85 3.24
N THR A 52 -10.95 8.88 2.57
CA THR A 52 -10.91 8.90 1.12
C THR A 52 -9.82 9.84 0.60
N GLY A 53 -10.11 11.14 0.61
CA GLY A 53 -9.15 12.11 0.14
C GLY A 53 -8.76 11.88 -1.31
N SER A 54 -9.64 11.20 -2.05
CA SER A 54 -9.37 10.91 -3.46
C SER A 54 -8.08 10.12 -3.62
N GLY A 55 -7.80 9.25 -2.66
CA GLY A 55 -6.59 8.45 -2.71
C GLY A 55 -5.46 9.06 -1.90
N SER A 56 -5.49 10.39 -1.76
CA SER A 56 -4.46 11.09 -1.00
C SER A 56 -5.06 12.27 -0.24
N GLY A 57 -5.12 12.14 1.08
CA GLY A 57 -5.67 13.20 1.91
C GLY A 57 -4.62 13.85 2.79
N SER A 58 -3.67 13.07 3.27
CA SER A 58 -2.60 13.58 4.12
C SER A 58 -1.82 14.68 3.41
N GLY A 59 -1.43 14.42 2.17
CA GLY A 59 -0.68 15.40 1.41
C GLY A 59 0.72 14.92 1.07
N SER A 60 1.71 15.78 1.31
CA SER A 60 3.10 15.44 1.02
C SER A 60 3.52 14.20 1.79
N THR A 61 3.11 14.11 3.06
CA THR A 61 3.46 12.98 3.91
C THR A 61 3.02 11.67 3.25
N GLU A 62 1.93 11.72 2.50
CA GLU A 62 1.41 10.54 1.82
C GLU A 62 2.43 10.02 0.80
N GLU A 63 2.72 10.84 -0.20
CA GLU A 63 3.67 10.47 -1.24
C GLU A 63 5.05 10.21 -0.65
N LEU A 64 5.33 10.85 0.50
CA LEU A 64 6.61 10.68 1.17
C LEU A 64 6.91 9.21 1.46
N ARG A 65 6.13 8.62 2.37
CA ARG A 65 6.32 7.23 2.74
C ARG A 65 6.11 6.31 1.54
N VAL A 66 5.09 6.62 0.74
CA VAL A 66 4.77 5.82 -0.44
C VAL A 66 5.87 5.91 -1.49
N ARG A 67 6.59 7.02 -1.50
CA ARG A 67 7.67 7.23 -2.47
C ARG A 67 8.82 6.26 -2.22
N LEU A 68 9.11 6.00 -0.95
CA LEU A 68 10.19 5.09 -0.59
C LEU A 68 9.93 3.69 -1.12
N ALA A 69 8.80 3.11 -0.73
CA ALA A 69 8.44 1.76 -1.16
C ALA A 69 8.38 1.65 -2.69
N SER A 70 8.19 2.79 -3.35
CA SER A 70 8.11 2.80 -4.81
C SER A 70 9.47 2.48 -5.45
N HIS A 71 10.52 2.48 -4.64
CA HIS A 71 11.87 2.20 -5.12
C HIS A 71 11.96 0.81 -5.73
N LEU A 72 11.16 -0.13 -5.25
CA LEU A 72 11.19 -1.50 -5.75
C LEU A 72 9.77 -2.07 -5.89
N ARG A 73 8.95 -1.86 -4.88
CA ARG A 73 7.59 -2.37 -4.88
C ARG A 73 6.86 -2.09 -6.20
N LYS A 74 6.95 -0.86 -6.67
CA LYS A 74 6.30 -0.48 -7.92
C LYS A 74 7.27 -0.48 -9.10
N LEU A 75 8.57 -0.62 -8.81
CA LEU A 75 9.58 -0.65 -9.85
C LEU A 75 10.01 -2.07 -10.20
N ARG A 76 9.64 -3.02 -9.34
CA ARG A 76 9.99 -4.42 -9.55
C ARG A 76 8.88 -5.34 -9.04
N LYS A 77 8.64 -6.43 -9.77
CA LYS A 77 7.60 -7.38 -9.39
C LYS A 77 8.11 -8.82 -9.46
N ARG A 78 8.99 -9.16 -8.52
CA ARG A 78 9.56 -10.51 -8.46
C ARG A 78 10.46 -10.77 -9.66
N LEU A 79 9.86 -10.88 -10.84
CA LEU A 79 10.62 -11.14 -12.06
C LEU A 79 10.93 -9.84 -12.79
N LEU A 80 9.88 -9.11 -13.18
CA LEU A 80 10.04 -7.85 -13.88
C LEU A 80 10.62 -6.78 -12.96
N GLY A 1 -10.41 -8.24 -6.15
CA GLY A 1 -10.52 -7.03 -5.29
C GLY A 1 -9.28 -6.79 -4.47
N SER A 2 -8.13 -6.75 -5.13
CA SER A 2 -6.86 -6.52 -4.44
C SER A 2 -5.72 -6.34 -5.43
N LYS A 3 -5.74 -7.11 -6.52
CA LYS A 3 -4.69 -7.02 -7.53
C LYS A 3 -3.33 -7.39 -6.94
N LEU A 4 -3.34 -8.15 -5.85
CA LEU A 4 -2.12 -8.57 -5.19
C LEU A 4 -1.65 -9.92 -5.72
N GLU A 5 -0.52 -9.92 -6.42
CA GLU A 5 0.04 -11.14 -7.00
C GLU A 5 1.44 -11.40 -6.47
N GLY A 6 1.53 -11.97 -5.27
CA GLY A 6 2.82 -12.25 -4.68
C GLY A 6 3.63 -11.01 -4.42
N LYS A 7 4.29 -10.97 -3.27
CA LYS A 7 5.11 -9.82 -2.89
C LYS A 7 6.31 -10.26 -2.05
N THR A 8 7.05 -9.29 -1.53
CA THR A 8 8.23 -9.57 -0.72
C THR A 8 7.94 -9.51 0.78
N CYS A 9 7.17 -8.50 1.18
CA CYS A 9 6.82 -8.33 2.59
C CYS A 9 8.08 -8.14 3.42
N GLY A 10 7.91 -7.68 4.67
CA GLY A 10 9.05 -7.47 5.55
C GLY A 10 9.43 -6.01 5.66
N PRO A 11 10.22 -5.49 4.70
CA PRO A 11 10.66 -4.09 4.70
C PRO A 11 9.48 -3.12 4.66
N SER A 12 9.62 -2.02 3.92
CA SER A 12 8.54 -1.04 3.81
C SER A 12 7.30 -1.65 3.17
N SER A 13 6.61 -2.49 3.92
CA SER A 13 5.40 -3.14 3.45
C SER A 13 4.35 -3.21 4.55
N PHE A 14 3.17 -3.70 4.19
CA PHE A 14 2.07 -3.82 5.14
C PHE A 14 1.28 -5.09 4.90
N SER A 15 1.33 -6.02 5.85
CA SER A 15 0.61 -7.27 5.74
C SER A 15 -0.90 -7.02 5.68
N CYS A 16 -1.51 -7.41 4.56
CA CYS A 16 -2.94 -7.22 4.37
C CYS A 16 -3.74 -7.81 5.55
N PRO A 17 -4.62 -7.00 6.15
CA PRO A 17 -5.44 -7.44 7.29
C PRO A 17 -6.41 -8.55 6.91
N GLY A 18 -6.35 -9.66 7.64
CA GLY A 18 -7.23 -10.78 7.36
C GLY A 18 -6.65 -11.73 6.35
N THR A 19 -5.97 -11.20 5.34
CA THR A 19 -5.37 -12.01 4.30
C THR A 19 -3.86 -12.14 4.51
N HIS A 20 -3.38 -13.37 4.44
CA HIS A 20 -1.95 -13.64 4.63
C HIS A 20 -1.10 -12.81 3.68
N VAL A 21 -1.70 -12.35 2.59
CA VAL A 21 -1.00 -11.54 1.61
C VAL A 21 -0.41 -10.29 2.25
N CYS A 22 0.63 -9.75 1.62
CA CYS A 22 1.28 -8.55 2.10
C CYS A 22 1.25 -7.44 1.05
N VAL A 23 0.83 -6.25 1.47
CA VAL A 23 0.76 -5.11 0.56
C VAL A 23 1.84 -4.08 0.89
N PRO A 24 2.75 -3.82 -0.05
CA PRO A 24 3.86 -2.86 0.14
C PRO A 24 3.38 -1.49 0.61
N GLU A 25 4.29 -0.73 1.21
CA GLU A 25 3.98 0.60 1.72
C GLU A 25 3.62 1.53 0.58
N ARG A 26 4.20 1.30 -0.60
CA ARG A 26 3.93 2.12 -1.76
C ARG A 26 2.52 1.84 -2.28
N TRP A 27 1.99 0.66 -1.96
CA TRP A 27 0.66 0.27 -2.38
C TRP A 27 -0.40 0.75 -1.39
N LEU A 28 0.05 1.28 -0.25
CA LEU A 28 -0.86 1.78 0.78
C LEU A 28 -1.71 2.93 0.25
N CYS A 29 -1.05 4.06 -0.02
CA CYS A 29 -1.74 5.24 -0.53
C CYS A 29 -1.45 5.44 -2.01
N ASP A 30 -1.56 4.37 -2.79
CA ASP A 30 -1.31 4.43 -4.23
C ASP A 30 -2.51 5.03 -4.96
N GLY A 31 -3.69 4.91 -4.36
CA GLY A 31 -4.90 5.44 -4.98
C GLY A 31 -5.88 4.35 -5.36
N ASP A 32 -5.68 3.15 -4.82
CA ASP A 32 -6.56 2.02 -5.12
C ASP A 32 -6.51 0.99 -4.00
N LYS A 33 -7.65 0.37 -3.71
CA LYS A 33 -7.71 -0.64 -2.66
C LYS A 33 -7.08 -1.95 -3.11
N ASP A 34 -5.76 -2.02 -2.99
CA ASP A 34 -5.02 -3.22 -3.39
C ASP A 34 -5.31 -4.39 -2.44
N CYS A 35 -5.87 -4.08 -1.28
CA CYS A 35 -6.20 -5.11 -0.30
C CYS A 35 -7.65 -5.54 -0.45
N ALA A 36 -8.02 -6.62 0.23
CA ALA A 36 -9.38 -7.13 0.18
C ALA A 36 -10.40 -6.07 0.58
N ASP A 37 -10.02 -5.23 1.55
CA ASP A 37 -10.91 -4.18 2.03
C ASP A 37 -10.22 -2.82 1.99
N GLY A 38 -9.38 -2.61 0.99
CA GLY A 38 -8.68 -1.34 0.87
C GLY A 38 -7.83 -1.02 2.08
N ALA A 39 -7.40 -2.06 2.80
CA ALA A 39 -6.58 -1.88 3.99
C ALA A 39 -5.32 -1.06 3.65
N ASP A 40 -4.81 -1.27 2.44
CA ASP A 40 -3.62 -0.54 2.00
C ASP A 40 -3.92 0.94 1.94
N GLU A 41 -5.10 1.28 1.45
CA GLU A 41 -5.53 2.67 1.35
C GLU A 41 -6.20 3.13 2.66
N SER A 42 -6.33 2.20 3.61
CA SER A 42 -6.95 2.50 4.88
C SER A 42 -5.89 2.91 5.90
N ILE A 43 -6.34 3.45 7.03
CA ILE A 43 -5.45 3.89 8.08
C ILE A 43 -4.81 2.70 8.79
N ALA A 44 -5.48 1.55 8.72
CA ALA A 44 -4.98 0.33 9.36
C ALA A 44 -3.53 0.08 8.97
N ALA A 45 -3.14 0.57 7.80
CA ALA A 45 -1.79 0.39 7.31
C ALA A 45 -0.91 1.60 7.65
N GLY A 46 -1.56 2.74 7.85
CA GLY A 46 -0.83 3.96 8.17
C GLY A 46 -0.84 4.93 7.02
N CYS A 47 -1.96 4.98 6.30
CA CYS A 47 -2.11 5.87 5.16
C CYS A 47 -2.46 7.29 5.61
N LEU A 48 -2.56 7.50 6.92
CA LEU A 48 -2.88 8.82 7.47
C LEU A 48 -4.31 9.23 7.12
N TYR A 49 -5.10 8.27 6.62
CA TYR A 49 -6.49 8.53 6.26
C TYR A 49 -7.15 7.24 5.76
N ASN A 50 -8.35 7.37 5.20
CA ASN A 50 -9.08 6.22 4.68
C ASN A 50 -10.41 6.65 4.06
N SER A 51 -11.07 7.61 4.71
CA SER A 51 -12.35 8.11 4.22
C SER A 51 -12.16 9.32 3.32
N THR A 52 -11.84 10.45 3.94
CA THR A 52 -11.62 11.69 3.20
C THR A 52 -10.31 11.65 2.42
N GLY A 53 -10.34 12.15 1.19
CA GLY A 53 -9.15 12.15 0.36
C GLY A 53 -9.19 11.10 -0.72
N SER A 54 -9.95 10.04 -0.49
CA SER A 54 -10.06 8.95 -1.46
C SER A 54 -8.74 8.21 -1.61
N GLY A 55 -7.79 8.84 -2.31
CA GLY A 55 -6.50 8.22 -2.52
C GLY A 55 -5.35 9.18 -2.24
N SER A 56 -5.62 10.22 -1.46
CA SER A 56 -4.60 11.20 -1.12
C SER A 56 -5.17 12.26 -0.17
N GLY A 57 -5.58 11.82 1.02
CA GLY A 57 -6.15 12.73 2.00
C GLY A 57 -5.13 13.18 3.02
N SER A 58 -3.85 13.18 2.63
CA SER A 58 -2.78 13.60 3.54
C SER A 58 -1.97 14.73 2.91
N GLY A 59 -1.28 14.43 1.82
CA GLY A 59 -0.47 15.43 1.14
C GLY A 59 0.94 14.97 0.91
N SER A 60 1.90 15.86 1.19
CA SER A 60 3.32 15.54 1.00
C SER A 60 3.72 14.30 1.79
N THR A 61 3.33 14.26 3.07
CA THR A 61 3.65 13.12 3.92
C THR A 61 3.20 11.81 3.29
N GLU A 62 2.09 11.86 2.57
CA GLU A 62 1.56 10.66 1.90
C GLU A 62 2.58 10.09 0.94
N GLU A 63 3.06 10.92 0.02
CA GLU A 63 4.05 10.50 -0.96
C GLU A 63 5.39 10.22 -0.30
N LEU A 64 5.68 10.96 0.76
CA LEU A 64 6.94 10.80 1.49
C LEU A 64 7.15 9.34 1.91
N ARG A 65 6.07 8.68 2.30
CA ARG A 65 6.15 7.28 2.72
C ARG A 65 5.85 6.32 1.58
N VAL A 66 4.91 6.70 0.73
CA VAL A 66 4.52 5.87 -0.41
C VAL A 66 5.54 5.92 -1.54
N ARG A 67 6.13 7.09 -1.74
CA ARG A 67 7.13 7.28 -2.79
C ARG A 67 8.38 6.45 -2.55
N LEU A 68 8.69 6.21 -1.28
CA LEU A 68 9.88 5.44 -0.93
C LEU A 68 9.75 3.98 -1.38
N ALA A 69 8.60 3.38 -1.11
CA ALA A 69 8.36 1.99 -1.48
C ALA A 69 8.15 1.83 -2.99
N SER A 70 8.14 2.94 -3.72
CA SER A 70 7.97 2.88 -5.17
C SER A 70 9.27 2.50 -5.88
N HIS A 71 10.38 2.55 -5.14
CA HIS A 71 11.69 2.22 -5.71
C HIS A 71 11.69 0.84 -6.37
N LEU A 72 10.98 -0.11 -5.77
CA LEU A 72 10.92 -1.47 -6.32
C LEU A 72 9.51 -2.05 -6.28
N ARG A 73 8.93 -2.08 -5.08
CA ARG A 73 7.59 -2.63 -4.89
C ARG A 73 6.65 -2.27 -6.05
N LYS A 74 6.84 -1.09 -6.63
CA LYS A 74 6.02 -0.65 -7.75
C LYS A 74 6.74 -0.87 -9.07
N LEU A 75 8.02 -0.48 -9.11
CA LEU A 75 8.83 -0.63 -10.31
C LEU A 75 9.02 -2.11 -10.66
N ARG A 76 9.64 -2.85 -9.75
CA ARG A 76 9.87 -4.28 -9.96
C ARG A 76 8.89 -5.12 -9.16
N LYS A 77 8.78 -6.40 -9.51
CA LYS A 77 7.87 -7.30 -8.81
C LYS A 77 8.59 -8.58 -8.39
N ARG A 78 9.32 -8.49 -7.28
CA ARG A 78 10.06 -9.64 -6.75
C ARG A 78 11.17 -10.05 -7.71
N LEU A 79 10.79 -10.72 -8.79
CA LEU A 79 11.76 -11.18 -9.79
C LEU A 79 11.08 -11.45 -11.12
N LEU A 80 10.18 -12.43 -11.13
CA LEU A 80 9.45 -12.79 -12.34
C LEU A 80 8.59 -11.64 -12.82
N GLY A 1 -6.54 -9.29 -3.79
CA GLY A 1 -7.92 -8.82 -4.11
C GLY A 1 -7.93 -7.86 -5.28
N SER A 2 -6.82 -7.17 -5.49
CA SER A 2 -6.71 -6.22 -6.59
C SER A 2 -5.69 -6.69 -7.63
N LYS A 3 -4.42 -6.57 -7.30
CA LYS A 3 -3.35 -6.98 -8.20
C LYS A 3 -2.15 -7.53 -7.42
N LEU A 4 -2.44 -8.12 -6.26
CA LEU A 4 -1.39 -8.68 -5.42
C LEU A 4 -1.30 -10.19 -5.61
N GLU A 5 -0.15 -10.77 -5.26
CA GLU A 5 0.06 -12.20 -5.39
C GLU A 5 1.43 -12.61 -4.88
N GLY A 6 1.80 -12.10 -3.70
CA GLY A 6 3.08 -12.44 -3.13
C GLY A 6 3.80 -11.24 -2.53
N LYS A 7 4.53 -10.51 -3.37
CA LYS A 7 5.27 -9.34 -2.91
C LYS A 7 6.45 -9.74 -2.05
N THR A 8 7.03 -8.78 -1.36
CA THR A 8 8.18 -9.04 -0.49
C THR A 8 7.73 -9.20 0.96
N CYS A 9 6.85 -8.30 1.41
CA CYS A 9 6.32 -8.34 2.77
C CYS A 9 7.44 -8.31 3.80
N GLY A 10 8.61 -7.81 3.40
CA GLY A 10 9.74 -7.74 4.32
C GLY A 10 9.99 -6.33 4.79
N PRO A 11 10.66 -5.50 3.97
CA PRO A 11 10.94 -4.10 4.33
C PRO A 11 9.66 -3.30 4.44
N SER A 12 9.70 -2.03 4.02
CA SER A 12 8.52 -1.17 4.07
C SER A 12 7.34 -1.81 3.35
N SER A 13 6.58 -2.64 4.06
CA SER A 13 5.43 -3.32 3.50
C SER A 13 4.32 -3.48 4.54
N PHE A 14 3.12 -3.79 4.08
CA PHE A 14 1.99 -3.98 4.97
C PHE A 14 1.20 -5.23 4.60
N SER A 15 0.93 -6.08 5.59
CA SER A 15 0.18 -7.30 5.36
C SER A 15 -1.32 -7.02 5.28
N CYS A 16 -1.91 -7.27 4.12
CA CYS A 16 -3.34 -7.04 3.90
C CYS A 16 -4.16 -7.77 4.97
N PRO A 17 -5.01 -7.04 5.71
CA PRO A 17 -5.85 -7.61 6.77
C PRO A 17 -6.92 -8.55 6.23
N GLY A 18 -7.13 -9.67 6.92
CA GLY A 18 -8.13 -10.62 6.50
C GLY A 18 -7.61 -11.61 5.47
N THR A 19 -6.83 -11.12 4.52
CA THR A 19 -6.28 -11.95 3.46
C THR A 19 -4.87 -12.43 3.82
N HIS A 20 -4.41 -13.44 3.11
CA HIS A 20 -3.07 -14.00 3.32
C HIS A 20 -2.06 -13.29 2.42
N VAL A 21 -2.44 -12.11 1.94
CA VAL A 21 -1.59 -11.34 1.05
C VAL A 21 -0.92 -10.18 1.79
N CYS A 22 0.22 -9.74 1.28
CA CYS A 22 0.96 -8.63 1.90
C CYS A 22 1.24 -7.54 0.88
N VAL A 23 0.63 -6.37 1.09
CA VAL A 23 0.80 -5.24 0.19
C VAL A 23 1.90 -4.30 0.69
N PRO A 24 2.85 -3.94 -0.18
CA PRO A 24 3.96 -3.04 0.18
C PRO A 24 3.49 -1.65 0.62
N GLU A 25 4.41 -0.88 1.20
CA GLU A 25 4.09 0.46 1.67
C GLU A 25 3.68 1.37 0.52
N ARG A 26 4.44 1.34 -0.57
CA ARG A 26 4.13 2.16 -1.74
C ARG A 26 2.71 1.91 -2.23
N TRP A 27 2.16 0.76 -1.86
CA TRP A 27 0.81 0.39 -2.27
C TRP A 27 -0.22 0.79 -1.21
N LEU A 28 0.21 1.54 -0.20
CA LEU A 28 -0.68 1.96 0.86
C LEU A 28 -1.49 3.19 0.44
N CYS A 29 -0.81 4.29 0.18
CA CYS A 29 -1.46 5.52 -0.22
C CYS A 29 -1.17 5.84 -1.70
N ASP A 30 -1.32 4.84 -2.55
CA ASP A 30 -1.07 5.03 -3.99
C ASP A 30 -2.29 5.65 -4.67
N GLY A 31 -3.47 5.50 -4.05
CA GLY A 31 -4.67 6.06 -4.61
C GLY A 31 -5.68 5.01 -5.03
N ASP A 32 -5.60 3.83 -4.41
CA ASP A 32 -6.51 2.74 -4.73
C ASP A 32 -6.50 1.68 -3.63
N LYS A 33 -7.61 0.97 -3.46
CA LYS A 33 -7.69 -0.06 -2.44
C LYS A 33 -7.22 -1.41 -2.98
N ASP A 34 -5.95 -1.71 -2.78
CA ASP A 34 -5.37 -2.97 -3.25
C ASP A 34 -5.80 -4.12 -2.35
N CYS A 35 -5.85 -3.86 -1.05
CA CYS A 35 -6.24 -4.88 -0.08
C CYS A 35 -7.70 -5.28 -0.30
N ALA A 36 -8.22 -6.11 0.58
CA ALA A 36 -9.59 -6.57 0.47
C ALA A 36 -10.59 -5.46 0.79
N ASP A 37 -10.26 -4.65 1.79
CA ASP A 37 -11.14 -3.55 2.18
C ASP A 37 -10.39 -2.22 2.22
N GLY A 38 -9.47 -2.04 1.28
CA GLY A 38 -8.71 -0.80 1.22
C GLY A 38 -7.83 -0.60 2.43
N ALA A 39 -7.49 -1.69 3.11
CA ALA A 39 -6.63 -1.61 4.28
C ALA A 39 -5.35 -0.86 3.97
N ASP A 40 -4.83 -1.10 2.76
CA ASP A 40 -3.61 -0.44 2.31
C ASP A 40 -3.77 1.07 2.35
N GLU A 41 -4.92 1.56 1.90
CA GLU A 41 -5.21 2.98 1.91
C GLU A 41 -5.73 3.42 3.27
N SER A 42 -6.04 2.45 4.12
CA SER A 42 -6.53 2.73 5.47
C SER A 42 -5.38 3.03 6.41
N ILE A 43 -5.72 3.37 7.65
CA ILE A 43 -4.73 3.69 8.65
C ILE A 43 -4.09 2.41 9.21
N ALA A 44 -4.81 1.31 9.10
CA ALA A 44 -4.33 0.02 9.59
C ALA A 44 -2.91 -0.25 9.08
N ALA A 45 -2.58 0.32 7.93
CA ALA A 45 -1.27 0.15 7.33
C ALA A 45 -0.36 1.33 7.65
N GLY A 46 -0.96 2.46 7.97
CA GLY A 46 -0.19 3.65 8.28
C GLY A 46 -0.28 4.68 7.17
N CYS A 47 -1.46 4.79 6.56
CA CYS A 47 -1.67 5.73 5.48
C CYS A 47 -1.95 7.14 6.01
N LEU A 48 -1.91 7.30 7.32
CA LEU A 48 -2.16 8.60 7.95
C LEU A 48 -3.62 9.01 7.83
N TYR A 49 -4.47 8.09 7.39
CA TYR A 49 -5.90 8.37 7.25
C TYR A 49 -6.66 7.13 6.77
N ASN A 50 -7.91 7.33 6.40
CA ASN A 50 -8.76 6.24 5.92
C ASN A 50 -10.17 6.77 5.64
N SER A 51 -10.84 6.16 4.67
CA SER A 51 -12.19 6.56 4.30
C SER A 51 -12.18 7.94 3.62
N THR A 52 -13.36 8.53 3.48
CA THR A 52 -13.51 9.84 2.86
C THR A 52 -13.14 9.79 1.37
N GLY A 53 -11.89 9.50 1.07
CA GLY A 53 -11.45 9.42 -0.31
C GLY A 53 -11.01 10.78 -0.85
N SER A 54 -9.94 10.77 -1.63
CA SER A 54 -9.42 12.01 -2.22
C SER A 54 -8.23 11.72 -3.12
N GLY A 55 -7.37 10.81 -2.68
CA GLY A 55 -6.19 10.45 -3.46
C GLY A 55 -4.93 10.39 -2.62
N SER A 56 -4.72 11.42 -1.81
CA SER A 56 -3.53 11.47 -0.94
C SER A 56 -3.93 11.68 0.52
N GLY A 57 -5.23 11.69 0.79
CA GLY A 57 -5.71 11.88 2.16
C GLY A 57 -5.07 13.07 2.84
N SER A 58 -4.03 12.81 3.63
CA SER A 58 -3.33 13.87 4.35
C SER A 58 -2.77 14.90 3.39
N GLY A 59 -1.86 14.48 2.52
CA GLY A 59 -1.28 15.39 1.55
C GLY A 59 0.04 14.88 0.98
N SER A 60 0.92 15.80 0.62
CA SER A 60 2.22 15.43 0.05
C SER A 60 2.92 14.38 0.91
N THR A 61 2.64 14.39 2.20
CA THR A 61 3.24 13.43 3.13
C THR A 61 2.98 12.00 2.67
N GLU A 62 1.80 11.78 2.08
CA GLU A 62 1.42 10.46 1.60
C GLU A 62 2.43 9.96 0.57
N GLU A 63 2.47 10.63 -0.58
CA GLU A 63 3.40 10.25 -1.65
C GLU A 63 4.82 10.23 -1.14
N LEU A 64 5.11 11.06 -0.14
CA LEU A 64 6.44 11.14 0.43
C LEU A 64 6.91 9.78 0.95
N ARG A 65 6.11 9.17 1.80
CA ARG A 65 6.43 7.86 2.37
C ARG A 65 6.14 6.74 1.37
N VAL A 66 5.26 7.01 0.43
CA VAL A 66 4.88 6.02 -0.58
C VAL A 66 5.90 5.97 -1.72
N ARG A 67 6.53 7.11 -2.00
CA ARG A 67 7.52 7.19 -3.08
C ARG A 67 8.70 6.25 -2.82
N LEU A 68 9.27 6.33 -1.63
CA LEU A 68 10.43 5.50 -1.27
C LEU A 68 10.24 4.04 -1.69
N ALA A 69 9.00 3.56 -1.65
CA ALA A 69 8.71 2.17 -2.01
C ALA A 69 8.28 2.03 -3.47
N SER A 70 8.26 3.14 -4.20
CA SER A 70 7.85 3.13 -5.60
C SER A 70 8.97 2.67 -6.54
N HIS A 71 10.15 2.42 -6.00
CA HIS A 71 11.27 1.98 -6.84
C HIS A 71 11.41 0.45 -6.83
N LEU A 72 10.73 -0.21 -5.91
CA LEU A 72 10.80 -1.67 -5.81
C LEU A 72 9.42 -2.30 -5.82
N ARG A 73 8.62 -1.98 -4.81
CA ARG A 73 7.27 -2.54 -4.69
C ARG A 73 6.53 -2.50 -6.03
N LYS A 74 6.58 -1.35 -6.70
CA LYS A 74 5.91 -1.19 -7.98
C LYS A 74 6.79 -1.71 -9.13
N LEU A 75 8.10 -1.68 -8.93
CA LEU A 75 9.04 -2.16 -9.94
C LEU A 75 9.28 -3.66 -9.78
N ARG A 76 10.12 -4.03 -8.83
CA ARG A 76 10.43 -5.43 -8.57
C ARG A 76 9.22 -6.16 -8.00
N LYS A 77 8.37 -6.64 -8.89
CA LYS A 77 7.16 -7.37 -8.47
C LYS A 77 7.45 -8.83 -8.22
N ARG A 78 7.65 -9.17 -6.95
CA ARG A 78 7.94 -10.55 -6.55
C ARG A 78 9.26 -11.03 -7.16
N LEU A 79 9.23 -11.38 -8.44
CA LEU A 79 10.41 -11.84 -9.14
C LEU A 79 10.94 -10.79 -10.11
N LEU A 80 10.09 -10.40 -11.06
CA LEU A 80 10.46 -9.40 -12.06
C LEU A 80 10.87 -8.10 -11.39
N GLY A 1 -9.70 -11.15 -4.39
CA GLY A 1 -9.51 -10.41 -3.11
C GLY A 1 -8.62 -9.20 -3.27
N SER A 2 -7.73 -9.24 -4.26
CA SER A 2 -6.83 -8.13 -4.51
C SER A 2 -5.96 -8.40 -5.75
N LYS A 3 -5.42 -7.34 -6.33
CA LYS A 3 -4.57 -7.45 -7.51
C LYS A 3 -3.10 -7.43 -7.11
N LEU A 4 -2.79 -8.05 -5.98
CA LEU A 4 -1.41 -8.10 -5.48
C LEU A 4 -0.68 -9.31 -6.03
N GLU A 5 -1.41 -10.42 -6.19
CA GLU A 5 -0.82 -11.66 -6.71
C GLU A 5 0.29 -12.15 -5.79
N GLY A 6 1.49 -11.60 -5.95
CA GLY A 6 2.60 -12.01 -5.12
C GLY A 6 3.49 -10.84 -4.73
N LYS A 7 3.37 -10.39 -3.48
CA LYS A 7 4.15 -9.27 -3.00
C LYS A 7 5.04 -9.67 -1.82
N THR A 8 5.88 -8.74 -1.39
CA THR A 8 6.78 -9.00 -0.27
C THR A 8 6.27 -8.33 1.00
N CYS A 9 6.54 -8.95 2.14
CA CYS A 9 6.09 -8.43 3.43
C CYS A 9 7.27 -8.28 4.39
N GLY A 10 7.96 -7.14 4.31
CA GLY A 10 9.09 -6.89 5.18
C GLY A 10 9.65 -5.49 5.04
N PRO A 11 10.54 -5.26 4.06
CA PRO A 11 11.14 -3.94 3.83
C PRO A 11 10.11 -2.92 3.36
N SER A 12 9.50 -2.21 4.30
CA SER A 12 8.49 -1.21 3.98
C SER A 12 7.27 -1.87 3.34
N SER A 13 6.65 -2.77 4.08
CA SER A 13 5.47 -3.48 3.59
C SER A 13 4.42 -3.62 4.67
N PHE A 14 3.17 -3.76 4.25
CA PHE A 14 2.05 -3.90 5.18
C PHE A 14 1.19 -5.10 4.78
N SER A 15 0.95 -6.00 5.73
CA SER A 15 0.14 -7.19 5.47
C SER A 15 -1.33 -6.82 5.32
N CYS A 16 -1.97 -7.38 4.30
CA CYS A 16 -3.38 -7.11 4.05
C CYS A 16 -4.27 -7.80 5.09
N PRO A 17 -4.95 -7.00 5.93
CA PRO A 17 -5.83 -7.51 6.98
C PRO A 17 -6.87 -8.50 6.46
N GLY A 18 -6.92 -9.68 7.07
CA GLY A 18 -7.87 -10.70 6.66
C GLY A 18 -7.34 -11.62 5.59
N THR A 19 -6.38 -11.14 4.80
CA THR A 19 -5.79 -11.94 3.74
C THR A 19 -4.30 -12.15 3.95
N HIS A 20 -3.84 -13.38 3.74
CA HIS A 20 -2.43 -13.72 3.90
C HIS A 20 -1.56 -12.78 3.10
N VAL A 21 -2.12 -12.22 2.03
CA VAL A 21 -1.40 -11.32 1.16
C VAL A 21 -0.86 -10.12 1.93
N CYS A 22 0.25 -9.55 1.45
CA CYS A 22 0.86 -8.40 2.10
C CYS A 22 1.13 -7.30 1.07
N VAL A 23 0.52 -6.14 1.29
CA VAL A 23 0.69 -5.01 0.40
C VAL A 23 1.83 -4.11 0.87
N PRO A 24 2.79 -3.81 -0.01
CA PRO A 24 3.94 -2.96 0.33
C PRO A 24 3.53 -1.55 0.75
N GLU A 25 4.44 -0.86 1.44
CA GLU A 25 4.16 0.50 1.91
C GLU A 25 3.81 1.42 0.75
N ARG A 26 4.55 1.32 -0.35
CA ARG A 26 4.28 2.16 -1.51
C ARG A 26 2.87 1.91 -2.02
N TRP A 27 2.32 0.75 -1.68
CA TRP A 27 0.97 0.39 -2.10
C TRP A 27 -0.07 0.75 -1.05
N LEU A 28 0.33 1.58 -0.09
CA LEU A 28 -0.58 2.00 0.97
C LEU A 28 -1.47 3.14 0.50
N CYS A 29 -0.85 4.28 0.19
CA CYS A 29 -1.58 5.45 -0.26
C CYS A 29 -1.25 5.79 -1.71
N ASP A 30 -1.20 4.76 -2.56
CA ASP A 30 -0.89 4.97 -3.97
C ASP A 30 -2.09 5.59 -4.69
N GLY A 31 -3.28 5.44 -4.10
CA GLY A 31 -4.47 6.00 -4.71
C GLY A 31 -5.47 4.94 -5.14
N ASP A 32 -5.38 3.76 -4.53
CA ASP A 32 -6.28 2.66 -4.87
C ASP A 32 -6.24 1.58 -3.80
N LYS A 33 -7.38 0.95 -3.54
CA LYS A 33 -7.47 -0.09 -2.53
C LYS A 33 -6.90 -1.41 -3.05
N ASP A 34 -5.65 -1.70 -2.69
CA ASP A 34 -5.00 -2.93 -3.12
C ASP A 34 -5.48 -4.12 -2.29
N CYS A 35 -5.66 -3.88 -0.99
CA CYS A 35 -6.12 -4.93 -0.09
C CYS A 35 -7.56 -5.32 -0.40
N ALA A 36 -8.12 -6.21 0.41
CA ALA A 36 -9.49 -6.65 0.22
C ALA A 36 -10.48 -5.54 0.51
N ASP A 37 -10.18 -4.74 1.53
CA ASP A 37 -11.06 -3.63 1.92
C ASP A 37 -10.30 -2.31 1.96
N GLY A 38 -9.32 -2.15 1.07
CA GLY A 38 -8.56 -0.92 1.04
C GLY A 38 -7.75 -0.69 2.31
N ALA A 39 -7.42 -1.78 2.99
CA ALA A 39 -6.64 -1.69 4.23
C ALA A 39 -5.34 -0.93 3.99
N ASP A 40 -4.75 -1.13 2.81
CA ASP A 40 -3.51 -0.46 2.46
C ASP A 40 -3.71 1.04 2.45
N GLU A 41 -4.85 1.48 1.92
CA GLU A 41 -5.18 2.90 1.88
C GLU A 41 -5.75 3.37 3.21
N SER A 42 -5.94 2.42 4.13
CA SER A 42 -6.48 2.73 5.45
C SER A 42 -5.35 3.03 6.44
N ILE A 43 -5.73 3.57 7.59
CA ILE A 43 -4.76 3.91 8.62
C ILE A 43 -4.13 2.66 9.21
N ALA A 44 -4.82 1.52 9.08
CA ALA A 44 -4.32 0.25 9.59
C ALA A 44 -2.89 0.00 9.15
N ALA A 45 -2.53 0.58 7.99
CA ALA A 45 -1.19 0.41 7.44
C ALA A 45 -0.33 1.64 7.73
N GLY A 46 -0.97 2.75 8.04
CA GLY A 46 -0.26 3.98 8.32
C GLY A 46 -0.41 4.98 7.20
N CYS A 47 -1.59 4.99 6.58
CA CYS A 47 -1.88 5.90 5.48
C CYS A 47 -2.23 7.31 5.98
N LEU A 48 -2.21 7.49 7.30
CA LEU A 48 -2.54 8.78 7.90
C LEU A 48 -4.00 9.17 7.64
N TYR A 49 -4.80 8.21 7.20
CA TYR A 49 -6.21 8.47 6.93
C TYR A 49 -6.92 7.21 6.45
N ASN A 50 -8.18 7.36 6.06
CA ASN A 50 -8.97 6.23 5.59
C ASN A 50 -10.37 6.68 5.20
N SER A 51 -11.08 5.83 4.45
CA SER A 51 -12.44 6.13 4.00
C SER A 51 -12.41 7.07 2.78
N THR A 52 -12.01 8.31 3.01
CA THR A 52 -11.93 9.29 1.94
C THR A 52 -10.96 8.84 0.86
N GLY A 53 -9.66 9.05 1.09
CA GLY A 53 -8.65 8.65 0.13
C GLY A 53 -9.00 9.06 -1.29
N SER A 54 -8.56 8.25 -2.26
CA SER A 54 -8.83 8.53 -3.66
C SER A 54 -8.28 9.89 -4.06
N GLY A 55 -6.96 9.99 -4.18
CA GLY A 55 -6.33 11.24 -4.56
C GLY A 55 -5.55 11.86 -3.42
N SER A 56 -4.91 11.02 -2.61
CA SER A 56 -4.12 11.50 -1.48
C SER A 56 -5.01 12.24 -0.47
N GLY A 57 -5.11 11.70 0.73
CA GLY A 57 -5.92 12.33 1.76
C GLY A 57 -5.11 13.21 2.69
N SER A 58 -3.83 12.86 2.86
CA SER A 58 -2.94 13.62 3.73
C SER A 58 -2.22 14.72 2.94
N GLY A 59 -1.58 14.33 1.85
CA GLY A 59 -0.87 15.29 1.02
C GLY A 59 0.53 14.82 0.67
N SER A 60 1.51 15.72 0.78
CA SER A 60 2.90 15.39 0.46
C SER A 60 3.40 14.24 1.33
N THR A 61 3.16 14.35 2.63
CA THR A 61 3.60 13.32 3.57
C THR A 61 3.13 11.94 3.12
N GLU A 62 1.99 11.90 2.43
CA GLU A 62 1.44 10.64 1.94
C GLU A 62 2.37 10.01 0.92
N GLU A 63 2.65 10.75 -0.14
CA GLU A 63 3.53 10.26 -1.20
C GLU A 63 4.95 10.08 -0.67
N LEU A 64 5.31 10.82 0.37
CA LEU A 64 6.63 10.73 0.96
C LEU A 64 6.95 9.31 1.43
N ARG A 65 6.29 8.88 2.50
CA ARG A 65 6.51 7.55 3.05
C ARG A 65 6.24 6.47 2.00
N VAL A 66 5.25 6.72 1.16
CA VAL A 66 4.88 5.78 0.10
C VAL A 66 5.93 5.75 -1.01
N ARG A 67 6.57 6.89 -1.24
CA ARG A 67 7.59 7.01 -2.27
C ARG A 67 8.77 6.09 -2.02
N LEU A 68 9.22 6.04 -0.77
CA LEU A 68 10.36 5.19 -0.39
C LEU A 68 10.25 3.78 -0.95
N ALA A 69 9.02 3.30 -1.10
CA ALA A 69 8.79 1.95 -1.62
C ALA A 69 8.47 1.96 -3.11
N SER A 70 8.42 3.14 -3.71
CA SER A 70 8.09 3.28 -5.12
C SER A 70 9.28 2.98 -6.04
N HIS A 71 10.44 2.64 -5.46
CA HIS A 71 11.61 2.35 -6.27
C HIS A 71 11.65 0.88 -6.70
N LEU A 72 11.03 0.01 -5.90
CA LEU A 72 11.02 -1.41 -6.21
C LEU A 72 9.60 -1.99 -6.25
N ARG A 73 8.89 -1.87 -5.14
CA ARG A 73 7.53 -2.40 -5.02
C ARG A 73 6.69 -2.14 -6.28
N LYS A 74 6.86 -0.97 -6.88
CA LYS A 74 6.10 -0.63 -8.09
C LYS A 74 6.93 -0.89 -9.35
N LEU A 75 8.18 -0.45 -9.33
CA LEU A 75 9.07 -0.64 -10.47
C LEU A 75 9.21 -2.12 -10.80
N ARG A 76 9.43 -2.92 -9.77
CA ARG A 76 9.58 -4.36 -9.92
C ARG A 76 8.36 -5.10 -9.37
N LYS A 77 7.92 -6.13 -10.08
CA LYS A 77 6.75 -6.90 -9.65
C LYS A 77 7.09 -8.38 -9.52
N ARG A 78 6.45 -9.04 -8.56
CA ARG A 78 6.69 -10.46 -8.34
C ARG A 78 8.17 -10.77 -8.23
N LEU A 79 8.93 -9.81 -7.70
CA LEU A 79 10.38 -9.96 -7.55
C LEU A 79 11.09 -9.76 -8.88
N LEU A 80 10.68 -10.52 -9.89
CA LEU A 80 11.29 -10.42 -11.21
C LEU A 80 11.17 -9.01 -11.77
N GLY A 1 -10.90 -9.19 -3.93
CA GLY A 1 -9.42 -9.09 -3.86
C GLY A 1 -8.83 -8.39 -5.08
N SER A 2 -7.61 -7.89 -4.95
CA SER A 2 -6.94 -7.21 -6.04
C SER A 2 -5.69 -7.97 -6.48
N LYS A 3 -4.85 -7.31 -7.28
CA LYS A 3 -3.62 -7.93 -7.77
C LYS A 3 -2.63 -8.13 -6.63
N LEU A 4 -2.92 -9.10 -5.76
CA LEU A 4 -2.05 -9.40 -4.63
C LEU A 4 -1.70 -10.88 -4.59
N GLU A 5 -1.12 -11.38 -5.69
CA GLU A 5 -0.73 -12.78 -5.78
C GLU A 5 0.73 -12.97 -5.40
N GLY A 6 1.58 -12.05 -5.85
CA GLY A 6 3.00 -12.13 -5.55
C GLY A 6 3.39 -11.28 -4.36
N LYS A 7 3.82 -10.05 -4.63
CA LYS A 7 4.23 -9.12 -3.58
C LYS A 7 5.12 -9.80 -2.55
N THR A 8 5.33 -9.13 -1.43
CA THR A 8 6.16 -9.66 -0.35
C THR A 8 6.05 -8.77 0.89
N CYS A 9 6.62 -9.25 1.99
CA CYS A 9 6.57 -8.49 3.24
C CYS A 9 7.97 -8.37 3.84
N GLY A 10 8.25 -7.22 4.45
CA GLY A 10 9.54 -6.99 5.05
C GLY A 10 10.13 -5.65 4.66
N PRO A 11 10.49 -5.47 3.38
CA PRO A 11 11.07 -4.22 2.89
C PRO A 11 10.01 -3.19 2.55
N SER A 12 9.69 -2.34 3.52
CA SER A 12 8.67 -1.30 3.33
C SER A 12 7.37 -1.91 2.81
N SER A 13 6.80 -2.81 3.60
CA SER A 13 5.55 -3.47 3.21
C SER A 13 4.63 -3.66 4.41
N PHE A 14 3.33 -3.56 4.15
CA PHE A 14 2.33 -3.73 5.20
C PHE A 14 1.52 -5.00 4.99
N SER A 15 1.43 -5.83 6.02
CA SER A 15 0.68 -7.07 5.94
C SER A 15 -0.80 -6.80 5.78
N CYS A 16 -1.46 -7.54 4.89
CA CYS A 16 -2.88 -7.36 4.65
C CYS A 16 -3.71 -7.95 5.80
N PRO A 17 -4.61 -7.15 6.38
CA PRO A 17 -5.47 -7.60 7.48
C PRO A 17 -6.45 -8.68 7.05
N GLY A 18 -6.43 -9.81 7.74
CA GLY A 18 -7.33 -10.89 7.41
C GLY A 18 -6.73 -11.87 6.41
N THR A 19 -5.97 -11.34 5.45
CA THR A 19 -5.34 -12.16 4.43
C THR A 19 -3.85 -12.29 4.67
N HIS A 20 -3.35 -13.52 4.58
CA HIS A 20 -1.93 -13.80 4.78
C HIS A 20 -1.06 -12.92 3.88
N VAL A 21 -1.64 -12.45 2.78
CA VAL A 21 -0.92 -11.61 1.83
C VAL A 21 -0.39 -10.35 2.50
N CYS A 22 0.70 -9.82 1.97
CA CYS A 22 1.31 -8.62 2.50
C CYS A 22 1.42 -7.55 1.40
N VAL A 23 0.74 -6.44 1.60
CA VAL A 23 0.75 -5.35 0.63
C VAL A 23 1.86 -4.34 0.96
N PRO A 24 2.75 -4.07 -0.02
CA PRO A 24 3.86 -3.13 0.17
C PRO A 24 3.40 -1.75 0.63
N GLU A 25 4.33 -0.98 1.20
CA GLU A 25 4.02 0.36 1.69
C GLU A 25 3.64 1.27 0.52
N ARG A 26 4.38 1.17 -0.57
CA ARG A 26 4.11 1.99 -1.75
C ARG A 26 2.68 1.72 -2.26
N TRP A 27 2.13 0.58 -1.88
CA TRP A 27 0.79 0.20 -2.30
C TRP A 27 -0.25 0.64 -1.28
N LEU A 28 0.16 1.42 -0.29
CA LEU A 28 -0.75 1.91 0.74
C LEU A 28 -1.61 3.05 0.21
N CYS A 29 -1.00 4.20 -0.03
CA CYS A 29 -1.72 5.35 -0.54
C CYS A 29 -1.42 5.57 -2.02
N ASP A 30 -1.47 4.51 -2.80
CA ASP A 30 -1.19 4.58 -4.22
C ASP A 30 -2.37 5.18 -4.99
N GLY A 31 -3.56 5.14 -4.37
CA GLY A 31 -4.74 5.69 -5.00
C GLY A 31 -5.76 4.62 -5.33
N ASP A 32 -5.53 3.41 -4.84
CA ASP A 32 -6.45 2.30 -5.08
C ASP A 32 -6.33 1.27 -3.97
N LYS A 33 -7.35 0.43 -3.81
CA LYS A 33 -7.34 -0.59 -2.78
C LYS A 33 -6.85 -1.93 -3.33
N ASP A 34 -5.71 -2.39 -2.83
CA ASP A 34 -5.14 -3.65 -3.27
C ASP A 34 -5.58 -4.78 -2.34
N CYS A 35 -5.76 -4.45 -1.06
CA CYS A 35 -6.18 -5.43 -0.08
C CYS A 35 -7.64 -5.81 -0.28
N ALA A 36 -8.15 -6.66 0.60
CA ALA A 36 -9.54 -7.08 0.53
C ALA A 36 -10.48 -5.94 0.87
N ASP A 37 -10.06 -5.10 1.82
CA ASP A 37 -10.87 -3.96 2.23
C ASP A 37 -10.06 -2.67 2.19
N GLY A 38 -9.21 -2.54 1.19
CA GLY A 38 -8.38 -1.34 1.06
C GLY A 38 -7.59 -1.06 2.32
N ALA A 39 -7.13 -2.12 2.97
CA ALA A 39 -6.36 -1.99 4.19
C ALA A 39 -5.09 -1.17 3.96
N ASP A 40 -4.46 -1.34 2.80
CA ASP A 40 -3.25 -0.61 2.48
C ASP A 40 -3.56 0.88 2.34
N GLU A 41 -4.79 1.16 1.92
CA GLU A 41 -5.23 2.54 1.74
C GLU A 41 -5.78 3.09 3.05
N SER A 42 -6.26 2.18 3.88
CA SER A 42 -6.81 2.56 5.19
C SER A 42 -5.68 2.86 6.17
N ILE A 43 -6.00 3.62 7.21
CA ILE A 43 -5.03 3.97 8.22
C ILE A 43 -4.43 2.73 8.87
N ALA A 44 -5.14 1.61 8.78
CA ALA A 44 -4.67 0.35 9.35
C ALA A 44 -3.27 0.02 8.87
N ALA A 45 -2.92 0.53 7.69
CA ALA A 45 -1.61 0.30 7.09
C ALA A 45 -0.66 1.47 7.36
N GLY A 46 -1.23 2.60 7.73
CA GLY A 46 -0.42 3.78 7.99
C GLY A 46 -0.50 4.78 6.86
N CYS A 47 -1.66 4.84 6.23
CA CYS A 47 -1.88 5.75 5.11
C CYS A 47 -2.15 7.17 5.60
N LEU A 48 -2.20 7.35 6.92
CA LEU A 48 -2.45 8.67 7.50
C LEU A 48 -3.87 9.14 7.21
N TYR A 49 -4.71 8.23 6.72
CA TYR A 49 -6.10 8.55 6.39
C TYR A 49 -6.82 7.32 5.86
N ASN A 50 -8.02 7.53 5.32
CA ASN A 50 -8.81 6.45 4.77
C ASN A 50 -10.11 6.98 4.17
N SER A 51 -10.66 6.26 3.20
CA SER A 51 -11.89 6.66 2.54
C SER A 51 -11.63 7.85 1.60
N THR A 52 -12.71 8.53 1.20
CA THR A 52 -12.60 9.68 0.30
C THR A 52 -12.12 9.25 -1.08
N GLY A 53 -12.28 10.14 -2.05
CA GLY A 53 -11.87 9.83 -3.41
C GLY A 53 -10.38 10.04 -3.62
N SER A 54 -10.02 11.13 -4.29
CA SER A 54 -8.62 11.45 -4.55
C SER A 54 -8.07 12.40 -3.50
N GLY A 55 -8.45 12.19 -2.25
CA GLY A 55 -7.98 13.04 -1.17
C GLY A 55 -6.72 12.49 -0.51
N SER A 56 -5.65 13.26 -0.58
CA SER A 56 -4.38 12.85 0.03
C SER A 56 -4.54 12.57 1.52
N GLY A 57 -5.58 13.14 2.12
CA GLY A 57 -5.83 12.93 3.53
C GLY A 57 -4.80 13.64 4.41
N SER A 58 -3.55 13.20 4.31
CA SER A 58 -2.48 13.79 5.10
C SER A 58 -1.79 14.92 4.32
N GLY A 59 -1.22 14.57 3.17
CA GLY A 59 -0.55 15.56 2.35
C GLY A 59 0.81 15.07 1.87
N SER A 60 1.85 15.85 2.19
CA SER A 60 3.22 15.49 1.80
C SER A 60 3.61 14.14 2.39
N THR A 61 3.18 13.88 3.61
CA THR A 61 3.48 12.63 4.29
C THR A 61 2.90 11.44 3.53
N GLU A 62 1.81 11.69 2.80
CA GLU A 62 1.16 10.64 2.02
C GLU A 62 2.08 10.10 0.94
N GLU A 63 2.82 11.00 0.30
CA GLU A 63 3.74 10.60 -0.77
C GLU A 63 5.13 10.32 -0.22
N LEU A 64 5.49 11.02 0.85
CA LEU A 64 6.80 10.84 1.47
C LEU A 64 7.09 9.37 1.79
N ARG A 65 6.04 8.63 2.14
CA ARG A 65 6.19 7.22 2.47
C ARG A 65 5.97 6.33 1.26
N VAL A 66 4.99 6.69 0.44
CA VAL A 66 4.67 5.92 -0.76
C VAL A 66 5.68 6.15 -1.88
N ARG A 67 6.52 7.17 -1.74
CA ARG A 67 7.52 7.48 -2.76
C ARG A 67 8.70 6.53 -2.69
N LEU A 68 9.47 6.61 -1.60
CA LEU A 68 10.64 5.75 -1.42
C LEU A 68 10.28 4.29 -1.64
N ALA A 69 9.24 3.82 -0.97
CA ALA A 69 8.80 2.43 -1.10
C ALA A 69 8.57 2.04 -2.55
N SER A 70 8.36 3.04 -3.41
CA SER A 70 8.12 2.79 -4.82
C SER A 70 9.43 2.48 -5.56
N HIS A 71 10.54 2.55 -4.85
CA HIS A 71 11.86 2.29 -5.43
C HIS A 71 11.97 0.87 -5.99
N LEU A 72 11.17 -0.06 -5.49
CA LEU A 72 11.23 -1.44 -5.95
C LEU A 72 9.84 -2.06 -6.14
N ARG A 73 9.01 -1.95 -5.11
CA ARG A 73 7.66 -2.52 -5.14
C ARG A 73 6.98 -2.31 -6.50
N LYS A 74 6.59 -1.07 -6.78
CA LYS A 74 5.93 -0.76 -8.03
C LYS A 74 6.93 -0.55 -9.17
N LEU A 75 8.21 -0.68 -8.87
CA LEU A 75 9.25 -0.50 -9.87
C LEU A 75 9.84 -1.83 -10.32
N ARG A 76 10.65 -2.44 -9.46
CA ARG A 76 11.29 -3.70 -9.76
C ARG A 76 10.33 -4.88 -9.57
N LYS A 77 9.92 -5.11 -8.32
CA LYS A 77 9.01 -6.21 -8.02
C LYS A 77 9.69 -7.55 -8.20
N ARG A 78 9.43 -8.49 -7.29
CA ARG A 78 10.03 -9.82 -7.36
C ARG A 78 9.02 -10.86 -7.82
N LEU A 79 8.02 -10.41 -8.58
CA LEU A 79 6.99 -11.32 -9.09
C LEU A 79 7.21 -11.61 -10.58
N LEU A 80 7.13 -10.56 -11.39
CA LEU A 80 7.31 -10.70 -12.83
C LEU A 80 8.80 -10.73 -13.19
N GLY A 1 -10.21 -7.80 -4.78
CA GLY A 1 -8.78 -8.19 -4.65
C GLY A 1 -7.93 -7.70 -5.80
N SER A 2 -6.62 -7.93 -5.71
CA SER A 2 -5.70 -7.51 -6.76
C SER A 2 -4.55 -8.50 -6.91
N LYS A 3 -3.67 -8.24 -7.87
CA LYS A 3 -2.54 -9.12 -8.12
C LYS A 3 -1.78 -9.42 -6.84
N LEU A 4 -1.58 -8.39 -6.02
CA LEU A 4 -0.87 -8.49 -4.73
C LEU A 4 0.11 -9.67 -4.68
N GLU A 5 -0.41 -10.86 -4.37
CA GLU A 5 0.42 -12.06 -4.29
C GLU A 5 1.70 -11.80 -3.48
N GLY A 6 2.63 -12.76 -3.53
CA GLY A 6 3.88 -12.62 -2.81
C GLY A 6 4.67 -11.40 -3.25
N LYS A 7 4.71 -10.39 -2.40
CA LYS A 7 5.43 -9.16 -2.71
C LYS A 7 6.38 -8.78 -1.58
N THR A 8 7.56 -9.41 -1.55
CA THR A 8 8.56 -9.15 -0.52
C THR A 8 7.93 -9.16 0.87
N CYS A 9 7.27 -8.06 1.24
CA CYS A 9 6.63 -7.94 2.55
C CYS A 9 7.65 -7.71 3.66
N GLY A 10 8.66 -6.90 3.35
CA GLY A 10 9.69 -6.61 4.33
C GLY A 10 9.92 -5.12 4.50
N PRO A 11 10.53 -4.46 3.51
CA PRO A 11 10.80 -3.03 3.55
C PRO A 11 9.61 -2.21 3.04
N SER A 12 9.04 -1.41 3.93
CA SER A 12 7.89 -0.58 3.56
C SER A 12 6.75 -1.46 3.04
N SER A 13 6.33 -2.41 3.87
CA SER A 13 5.26 -3.33 3.50
C SER A 13 4.20 -3.41 4.59
N PHE A 14 2.99 -3.82 4.20
CA PHE A 14 1.89 -3.94 5.14
C PHE A 14 1.07 -5.20 4.84
N SER A 15 1.03 -6.12 5.81
CA SER A 15 0.27 -7.36 5.64
C SER A 15 -1.22 -7.06 5.58
N CYS A 16 -1.85 -7.48 4.49
CA CYS A 16 -3.29 -7.25 4.31
C CYS A 16 -4.08 -7.90 5.44
N PRO A 17 -4.82 -7.09 6.22
CA PRO A 17 -5.62 -7.59 7.35
C PRO A 17 -6.61 -8.67 6.94
N GLY A 18 -6.58 -9.79 7.64
CA GLY A 18 -7.47 -10.90 7.34
C GLY A 18 -6.91 -11.87 6.32
N THR A 19 -6.10 -11.35 5.40
CA THR A 19 -5.49 -12.19 4.37
C THR A 19 -3.99 -12.31 4.56
N HIS A 20 -3.47 -13.53 4.41
CA HIS A 20 -2.05 -13.78 4.55
C HIS A 20 -1.24 -12.88 3.62
N VAL A 21 -1.89 -12.41 2.55
CA VAL A 21 -1.24 -11.54 1.58
C VAL A 21 -0.66 -10.29 2.24
N CYS A 22 0.37 -9.73 1.62
CA CYS A 22 1.02 -8.53 2.14
C CYS A 22 1.08 -7.45 1.06
N VAL A 23 0.57 -6.27 1.40
CA VAL A 23 0.54 -5.15 0.47
C VAL A 23 1.62 -4.12 0.82
N PRO A 24 2.42 -3.69 -0.18
CA PRO A 24 3.49 -2.70 0.01
C PRO A 24 2.95 -1.38 0.57
N GLU A 25 3.82 -0.63 1.24
CA GLU A 25 3.44 0.66 1.81
C GLU A 25 2.99 1.62 0.71
N ARG A 26 3.61 1.53 -0.45
CA ARG A 26 3.25 2.39 -1.57
C ARG A 26 1.89 2.00 -2.13
N TRP A 27 1.52 0.74 -1.93
CA TRP A 27 0.24 0.22 -2.41
C TRP A 27 -0.88 0.55 -1.42
N LEU A 28 -0.52 1.23 -0.33
CA LEU A 28 -1.51 1.60 0.68
C LEU A 28 -2.40 2.73 0.19
N CYS A 29 -1.80 3.88 -0.10
CA CYS A 29 -2.55 5.03 -0.59
C CYS A 29 -2.20 5.36 -2.04
N ASP A 30 -2.08 4.32 -2.86
CA ASP A 30 -1.74 4.50 -4.27
C ASP A 30 -2.94 5.03 -5.06
N GLY A 31 -4.15 4.79 -4.54
CA GLY A 31 -5.35 5.24 -5.21
C GLY A 31 -6.22 4.09 -5.70
N ASP A 32 -6.07 2.94 -5.07
CA ASP A 32 -6.85 1.75 -5.44
C ASP A 32 -6.69 0.67 -4.38
N LYS A 33 -7.80 0.32 -3.73
CA LYS A 33 -7.77 -0.70 -2.68
C LYS A 33 -7.11 -1.98 -3.17
N ASP A 34 -5.90 -2.22 -2.70
CA ASP A 34 -5.14 -3.40 -3.08
C ASP A 34 -5.55 -4.59 -2.23
N CYS A 35 -5.75 -4.36 -0.94
CA CYS A 35 -6.14 -5.41 -0.01
C CYS A 35 -7.54 -5.92 -0.35
N ALA A 36 -8.04 -6.82 0.49
CA ALA A 36 -9.37 -7.40 0.28
C ALA A 36 -10.48 -6.37 0.47
N ASP A 37 -10.36 -5.54 1.50
CA ASP A 37 -11.36 -4.52 1.77
C ASP A 37 -10.75 -3.12 1.87
N GLY A 38 -9.74 -2.87 1.03
CA GLY A 38 -9.09 -1.57 1.04
C GLY A 38 -8.38 -1.27 2.34
N ALA A 39 -8.04 -2.31 3.08
CA ALA A 39 -7.33 -2.15 4.35
C ALA A 39 -6.04 -1.37 4.14
N ASP A 40 -5.42 -1.59 2.98
CA ASP A 40 -4.18 -0.90 2.65
C ASP A 40 -4.41 0.60 2.61
N GLU A 41 -5.55 1.01 2.06
CA GLU A 41 -5.89 2.43 1.97
C GLU A 41 -6.36 2.93 3.32
N SER A 42 -6.86 2.02 4.15
CA SER A 42 -7.34 2.38 5.47
C SER A 42 -6.18 2.67 6.40
N ILE A 43 -6.45 3.44 7.44
CA ILE A 43 -5.43 3.80 8.41
C ILE A 43 -4.78 2.56 9.02
N ALA A 44 -5.54 1.47 9.08
CA ALA A 44 -5.04 0.22 9.61
C ALA A 44 -3.70 -0.15 8.98
N ALA A 45 -3.52 0.30 7.74
CA ALA A 45 -2.29 0.04 7.01
C ALA A 45 -1.25 1.13 7.25
N GLY A 46 -1.73 2.33 7.59
CA GLY A 46 -0.85 3.43 7.84
C GLY A 46 -0.92 4.48 6.75
N CYS A 47 -2.12 4.71 6.23
CA CYS A 47 -2.34 5.69 5.18
C CYS A 47 -2.49 7.09 5.76
N LEU A 48 -2.33 7.22 7.08
CA LEU A 48 -2.47 8.50 7.76
C LEU A 48 -3.87 9.07 7.58
N TYR A 49 -4.81 8.20 7.18
CA TYR A 49 -6.19 8.61 6.97
C TYR A 49 -7.00 7.44 6.40
N ASN A 50 -8.23 7.72 6.00
CA ASN A 50 -9.10 6.70 5.44
C ASN A 50 -10.42 7.31 4.98
N SER A 51 -10.32 8.33 4.12
CA SER A 51 -11.50 9.02 3.60
C SER A 51 -11.08 10.08 2.59
N THR A 52 -12.00 11.01 2.30
CA THR A 52 -11.72 12.09 1.35
C THR A 52 -11.38 11.54 -0.01
N GLY A 53 -10.83 12.39 -0.88
CA GLY A 53 -10.47 11.97 -2.22
C GLY A 53 -9.49 10.81 -2.22
N SER A 54 -9.09 10.37 -3.42
CA SER A 54 -8.16 9.27 -3.55
C SER A 54 -6.72 9.77 -3.59
N GLY A 55 -5.81 9.05 -2.93
CA GLY A 55 -4.42 9.44 -2.91
C GLY A 55 -4.20 10.77 -2.22
N SER A 56 -3.20 10.83 -1.35
CA SER A 56 -2.88 12.06 -0.63
C SER A 56 -4.04 12.46 0.28
N GLY A 57 -3.74 12.63 1.56
CA GLY A 57 -4.76 13.03 2.51
C GLY A 57 -4.20 13.84 3.67
N SER A 58 -3.08 13.38 4.22
CA SER A 58 -2.44 14.07 5.33
C SER A 58 -1.58 15.23 4.83
N GLY A 59 -0.61 14.91 3.97
CA GLY A 59 0.27 15.94 3.43
C GLY A 59 1.48 15.34 2.74
N SER A 60 2.61 16.05 2.84
CA SER A 60 3.85 15.58 2.21
C SER A 60 4.25 14.21 2.74
N THR A 61 3.97 13.96 4.00
CA THR A 61 4.30 12.68 4.62
C THR A 61 3.67 11.53 3.85
N GLU A 62 2.52 11.80 3.23
CA GLU A 62 1.82 10.79 2.44
C GLU A 62 2.69 10.29 1.29
N GLU A 63 2.94 11.18 0.34
CA GLU A 63 3.76 10.83 -0.82
C GLU A 63 5.15 10.35 -0.37
N LEU A 64 5.58 10.85 0.79
CA LEU A 64 6.88 10.49 1.34
C LEU A 64 7.00 8.97 1.52
N ARG A 65 6.00 8.36 2.14
CA ARG A 65 6.02 6.92 2.37
C ARG A 65 5.55 6.14 1.15
N VAL A 66 4.72 6.77 0.32
CA VAL A 66 4.21 6.12 -0.88
C VAL A 66 5.15 6.30 -2.08
N ARG A 67 6.15 7.16 -1.94
CA ARG A 67 7.11 7.40 -3.00
C ARG A 67 8.27 6.42 -2.94
N LEU A 68 8.91 6.36 -1.77
CA LEU A 68 10.05 5.47 -1.57
C LEU A 68 9.70 4.03 -1.93
N ALA A 69 8.62 3.52 -1.36
CA ALA A 69 8.17 2.15 -1.62
C ALA A 69 7.92 1.92 -3.10
N SER A 70 7.68 2.99 -3.85
CA SER A 70 7.43 2.89 -5.29
C SER A 70 8.73 2.61 -6.05
N HIS A 71 9.86 2.69 -5.35
CA HIS A 71 11.16 2.47 -5.96
C HIS A 71 11.25 1.10 -6.63
N LEU A 72 10.57 0.10 -6.08
CA LEU A 72 10.62 -1.24 -6.65
C LEU A 72 9.25 -1.92 -6.64
N ARG A 73 8.66 -2.04 -5.44
CA ARG A 73 7.36 -2.69 -5.27
C ARG A 73 6.44 -2.51 -6.47
N LYS A 74 5.94 -1.31 -6.67
CA LYS A 74 5.03 -1.02 -7.78
C LYS A 74 5.78 -0.90 -9.11
N LEU A 75 7.10 -0.77 -9.04
CA LEU A 75 7.91 -0.64 -10.25
C LEU A 75 8.68 -1.93 -10.55
N ARG A 76 8.21 -3.06 -10.00
CA ARG A 76 8.85 -4.34 -10.21
C ARG A 76 8.15 -5.44 -9.42
N LYS A 77 8.04 -6.62 -10.00
CA LYS A 77 7.39 -7.75 -9.35
C LYS A 77 8.42 -8.79 -8.92
N ARG A 78 9.06 -8.54 -7.78
CA ARG A 78 10.08 -9.44 -7.23
C ARG A 78 11.05 -9.92 -8.31
N LEU A 79 10.71 -11.03 -8.98
CA LEU A 79 11.57 -11.58 -10.03
C LEU A 79 10.93 -11.36 -11.40
N LEU A 80 9.64 -11.68 -11.50
CA LEU A 80 8.90 -11.54 -12.75
C LEU A 80 9.07 -10.13 -13.32
N GLY A 1 -8.61 -8.92 -5.21
CA GLY A 1 -8.68 -7.43 -5.10
C GLY A 1 -7.77 -6.73 -6.10
N SER A 2 -6.50 -7.12 -6.10
CA SER A 2 -5.53 -6.52 -7.01
C SER A 2 -4.42 -7.51 -7.35
N LYS A 3 -3.34 -7.00 -7.94
CA LYS A 3 -2.21 -7.84 -8.32
C LYS A 3 -1.74 -8.71 -7.15
N LEU A 4 -1.09 -8.09 -6.17
CA LEU A 4 -0.60 -8.80 -4.99
C LEU A 4 0.08 -10.12 -5.37
N GLU A 5 -0.71 -11.20 -5.44
CA GLU A 5 -0.21 -12.51 -5.80
C GLU A 5 1.10 -12.85 -5.07
N GLY A 6 1.18 -12.49 -3.79
CA GLY A 6 2.38 -12.77 -3.03
C GLY A 6 3.10 -11.52 -2.57
N LYS A 7 4.28 -11.29 -3.15
CA LYS A 7 5.10 -10.13 -2.80
C LYS A 7 5.65 -10.25 -1.38
N THR A 8 6.92 -9.89 -1.24
CA THR A 8 7.59 -9.96 0.06
C THR A 8 6.85 -9.16 1.13
N CYS A 9 7.25 -9.34 2.38
CA CYS A 9 6.63 -8.63 3.51
C CYS A 9 7.68 -8.24 4.55
N GLY A 10 8.96 -8.31 4.17
CA GLY A 10 10.03 -7.96 5.09
C GLY A 10 10.15 -6.47 5.33
N PRO A 11 10.82 -5.73 4.44
CA PRO A 11 10.99 -4.28 4.58
C PRO A 11 9.65 -3.56 4.67
N SER A 12 9.65 -2.26 4.38
CA SER A 12 8.43 -1.47 4.42
C SER A 12 7.28 -2.18 3.71
N SER A 13 6.55 -3.00 4.46
CA SER A 13 5.43 -3.75 3.90
C SER A 13 4.30 -3.89 4.92
N PHE A 14 3.06 -3.79 4.45
CA PHE A 14 1.90 -3.90 5.31
C PHE A 14 1.10 -5.17 4.98
N SER A 15 0.89 -6.00 5.99
CA SER A 15 0.15 -7.25 5.81
C SER A 15 -1.33 -6.96 5.56
N CYS A 16 -1.82 -7.40 4.41
CA CYS A 16 -3.23 -7.19 4.04
C CYS A 16 -4.17 -7.80 5.08
N PRO A 17 -4.85 -6.96 5.86
CA PRO A 17 -5.79 -7.42 6.90
C PRO A 17 -6.83 -8.40 6.36
N GLY A 18 -6.96 -9.54 7.04
CA GLY A 18 -7.92 -10.54 6.61
C GLY A 18 -7.33 -11.57 5.67
N THR A 19 -6.32 -11.17 4.90
CA THR A 19 -5.68 -12.07 3.96
C THR A 19 -4.20 -12.27 4.30
N HIS A 20 -3.74 -13.50 4.16
CA HIS A 20 -2.34 -13.84 4.43
C HIS A 20 -1.40 -12.98 3.59
N VAL A 21 -1.92 -12.47 2.48
CA VAL A 21 -1.14 -11.64 1.58
C VAL A 21 -0.58 -10.41 2.29
N CYS A 22 0.58 -9.95 1.84
CA CYS A 22 1.22 -8.78 2.43
C CYS A 22 1.39 -7.68 1.38
N VAL A 23 0.72 -6.56 1.60
CA VAL A 23 0.79 -5.43 0.68
C VAL A 23 1.89 -4.46 1.09
N PRO A 24 2.86 -4.21 0.17
CA PRO A 24 3.98 -3.31 0.45
C PRO A 24 3.54 -1.89 0.80
N GLU A 25 4.42 -1.15 1.47
CA GLU A 25 4.13 0.23 1.86
C GLU A 25 3.85 1.09 0.63
N ARG A 26 4.57 0.82 -0.45
CA ARG A 26 4.38 1.57 -1.69
C ARG A 26 3.00 1.27 -2.28
N TRP A 27 2.42 0.16 -1.85
CA TRP A 27 1.10 -0.24 -2.33
C TRP A 27 -0.01 0.18 -1.37
N LEU A 28 0.33 1.06 -0.42
CA LEU A 28 -0.64 1.55 0.56
C LEU A 28 -1.46 2.69 -0.01
N CYS A 29 -0.84 3.86 -0.11
CA CYS A 29 -1.50 5.05 -0.63
C CYS A 29 -1.11 5.30 -2.09
N ASP A 30 -0.80 4.22 -2.81
CA ASP A 30 -0.41 4.31 -4.21
C ASP A 30 -1.55 4.89 -5.05
N GLY A 31 -2.78 4.65 -4.60
CA GLY A 31 -3.94 5.14 -5.32
C GLY A 31 -4.79 4.02 -5.89
N ASP A 32 -4.79 2.89 -5.22
CA ASP A 32 -5.57 1.74 -5.64
C ASP A 32 -5.62 0.68 -4.55
N LYS A 33 -6.83 0.36 -4.10
CA LYS A 33 -7.03 -0.63 -3.05
C LYS A 33 -6.39 -1.96 -3.41
N ASP A 34 -5.11 -2.11 -3.08
CA ASP A 34 -4.37 -3.33 -3.37
C ASP A 34 -4.92 -4.51 -2.56
N CYS A 35 -5.24 -4.26 -1.31
CA CYS A 35 -5.78 -5.30 -0.43
C CYS A 35 -7.18 -5.71 -0.89
N ALA A 36 -7.80 -6.59 -0.12
CA ALA A 36 -9.14 -7.06 -0.45
C ALA A 36 -10.19 -5.97 -0.26
N ASP A 37 -10.01 -5.17 0.78
CA ASP A 37 -10.96 -4.10 1.08
C ASP A 37 -10.27 -2.74 1.16
N GLY A 38 -9.20 -2.58 0.38
CA GLY A 38 -8.46 -1.32 0.38
C GLY A 38 -7.78 -1.05 1.70
N ALA A 39 -7.53 -2.10 2.48
CA ALA A 39 -6.87 -1.97 3.76
C ALA A 39 -5.53 -1.25 3.59
N ASP A 40 -4.87 -1.52 2.47
CA ASP A 40 -3.58 -0.89 2.18
C ASP A 40 -3.74 0.62 2.15
N GLU A 41 -4.82 1.08 1.53
CA GLU A 41 -5.11 2.51 1.44
C GLU A 41 -5.70 3.00 2.75
N SER A 42 -6.28 2.08 3.52
CA SER A 42 -6.88 2.41 4.80
C SER A 42 -5.80 2.78 5.82
N ILE A 43 -6.20 3.58 6.81
CA ILE A 43 -5.28 4.01 7.85
C ILE A 43 -4.67 2.81 8.58
N ALA A 44 -5.36 1.69 8.53
CA ALA A 44 -4.89 0.48 9.18
C ALA A 44 -3.45 0.16 8.78
N ALA A 45 -3.06 0.62 7.59
CA ALA A 45 -1.72 0.39 7.09
C ALA A 45 -0.80 1.57 7.40
N GLY A 46 -1.39 2.73 7.66
CA GLY A 46 -0.62 3.91 7.96
C GLY A 46 -0.68 4.93 6.84
N CYS A 47 -1.82 4.98 6.17
CA CYS A 47 -2.03 5.91 5.07
C CYS A 47 -2.26 7.34 5.57
N LEU A 48 -2.23 7.52 6.90
CA LEU A 48 -2.42 8.84 7.51
C LEU A 48 -3.89 9.26 7.52
N TYR A 49 -4.54 9.23 6.36
CA TYR A 49 -5.94 9.61 6.26
C TYR A 49 -6.86 8.39 6.37
N ASN A 50 -8.05 8.49 5.77
CA ASN A 50 -9.05 7.41 5.79
C ASN A 50 -10.10 7.68 6.86
N SER A 51 -10.50 8.93 6.96
CA SER A 51 -11.51 9.34 7.95
C SER A 51 -12.46 10.37 7.33
N THR A 52 -11.89 11.35 6.63
CA THR A 52 -12.68 12.39 5.99
C THR A 52 -13.04 11.99 4.56
N GLY A 53 -13.50 12.96 3.77
CA GLY A 53 -13.86 12.69 2.40
C GLY A 53 -12.77 13.06 1.42
N SER A 54 -13.09 13.02 0.13
CA SER A 54 -12.12 13.35 -0.90
C SER A 54 -10.95 12.38 -0.89
N GLY A 55 -10.32 12.19 -2.04
CA GLY A 55 -9.19 11.29 -2.14
C GLY A 55 -7.89 11.94 -1.70
N SER A 56 -6.91 11.12 -1.34
CA SER A 56 -5.61 11.62 -0.91
C SER A 56 -5.77 12.63 0.23
N GLY A 57 -5.73 12.14 1.46
CA GLY A 57 -5.88 13.02 2.62
C GLY A 57 -4.59 13.77 2.94
N SER A 58 -3.54 13.01 3.22
CA SER A 58 -2.25 13.61 3.56
C SER A 58 -1.75 14.51 2.44
N GLY A 59 -2.16 14.21 1.20
CA GLY A 59 -1.75 15.00 0.06
C GLY A 59 -0.37 14.63 -0.44
N SER A 60 0.53 15.60 -0.47
CA SER A 60 1.89 15.37 -0.93
C SER A 60 2.57 14.28 -0.10
N THR A 61 2.43 14.38 1.22
CA THR A 61 3.02 13.40 2.12
C THR A 61 2.57 11.98 1.76
N GLU A 62 1.37 11.88 1.20
CA GLU A 62 0.81 10.59 0.81
C GLU A 62 1.72 9.89 -0.19
N GLU A 63 1.91 10.51 -1.35
CA GLU A 63 2.77 9.93 -2.38
C GLU A 63 4.22 9.87 -1.92
N LEU A 64 4.58 10.75 -1.00
CA LEU A 64 5.94 10.80 -0.47
C LEU A 64 6.32 9.49 0.19
N ARG A 65 5.72 9.20 1.33
CA ARG A 65 6.00 7.99 2.08
C ARG A 65 5.92 6.75 1.19
N VAL A 66 4.98 6.77 0.25
CA VAL A 66 4.78 5.65 -0.66
C VAL A 66 5.83 5.64 -1.77
N ARG A 67 6.26 6.83 -2.20
CA ARG A 67 7.26 6.94 -3.25
C ARG A 67 8.55 6.21 -2.87
N LEU A 68 8.78 6.05 -1.58
CA LEU A 68 9.97 5.36 -1.11
C LEU A 68 9.93 3.88 -1.49
N ALA A 69 9.08 3.12 -0.80
CA ALA A 69 8.93 1.68 -1.04
C ALA A 69 9.01 1.33 -2.53
N SER A 70 8.57 2.25 -3.38
CA SER A 70 8.59 2.03 -4.82
C SER A 70 9.98 1.57 -5.29
N HIS A 71 11.01 1.86 -4.50
CA HIS A 71 12.37 1.48 -4.84
C HIS A 71 12.48 0.00 -5.23
N LEU A 72 11.62 -0.83 -4.65
CA LEU A 72 11.62 -2.26 -4.94
C LEU A 72 10.22 -2.79 -5.18
N ARG A 73 9.31 -2.50 -4.25
CA ARG A 73 7.93 -2.96 -4.33
C ARG A 73 7.37 -2.83 -5.75
N LYS A 74 7.39 -1.61 -6.29
CA LYS A 74 6.88 -1.37 -7.63
C LYS A 74 8.01 -1.30 -8.66
N LEU A 75 9.25 -1.37 -8.20
CA LEU A 75 10.40 -1.29 -9.09
C LEU A 75 11.07 -2.66 -9.27
N ARG A 76 10.50 -3.70 -8.67
CA ARG A 76 11.06 -5.05 -8.77
C ARG A 76 9.97 -6.11 -8.85
N LYS A 77 9.52 -6.58 -7.68
CA LYS A 77 8.47 -7.60 -7.61
C LYS A 77 9.01 -8.99 -7.99
N ARG A 78 10.30 -9.06 -8.34
CA ARG A 78 10.92 -10.34 -8.72
C ARG A 78 10.03 -11.13 -9.68
N LEU A 79 9.24 -10.42 -10.48
CA LEU A 79 8.35 -11.06 -11.44
C LEU A 79 8.34 -10.31 -12.78
N LEU A 80 7.54 -9.25 -12.86
CA LEU A 80 7.45 -8.46 -14.08
C LEU A 80 8.74 -7.70 -14.34
N GLY A 1 -9.16 -6.94 -3.84
CA GLY A 1 -7.81 -7.13 -4.45
C GLY A 1 -7.66 -6.39 -5.77
N SER A 2 -6.54 -5.70 -5.93
CA SER A 2 -6.28 -4.95 -7.15
C SER A 2 -5.20 -5.63 -7.99
N LYS A 3 -3.99 -5.68 -7.46
CA LYS A 3 -2.88 -6.31 -8.16
C LYS A 3 -1.96 -7.04 -7.19
N LEU A 4 -2.55 -7.77 -6.25
CA LEU A 4 -1.79 -8.51 -5.26
C LEU A 4 -1.35 -9.87 -5.82
N GLU A 5 -0.55 -9.83 -6.88
CA GLU A 5 -0.07 -11.05 -7.51
C GLU A 5 1.47 -11.10 -7.48
N GLY A 6 2.02 -11.34 -6.29
CA GLY A 6 3.46 -11.42 -6.15
C GLY A 6 4.03 -10.22 -5.41
N LYS A 7 4.61 -10.47 -4.24
CA LYS A 7 5.20 -9.41 -3.44
C LYS A 7 5.95 -10.00 -2.24
N THR A 8 6.34 -9.13 -1.32
CA THR A 8 7.06 -9.56 -0.12
C THR A 8 6.47 -8.90 1.13
N CYS A 9 6.73 -9.51 2.27
CA CYS A 9 6.23 -8.99 3.55
C CYS A 9 7.38 -8.84 4.54
N GLY A 10 8.40 -8.08 4.14
CA GLY A 10 9.54 -7.87 5.01
C GLY A 10 10.15 -6.48 4.89
N PRO A 11 10.77 -6.16 3.74
CA PRO A 11 11.39 -4.85 3.50
C PRO A 11 10.51 -3.70 3.99
N SER A 12 9.42 -3.47 3.26
CA SER A 12 8.48 -2.41 3.60
C SER A 12 7.09 -2.77 3.12
N SER A 13 6.38 -3.56 3.91
CA SER A 13 5.03 -3.99 3.55
C SER A 13 4.10 -3.98 4.75
N PHE A 14 2.81 -4.17 4.47
CA PHE A 14 1.78 -4.20 5.49
C PHE A 14 0.83 -5.38 5.25
N SER A 15 0.74 -6.26 6.23
CA SER A 15 -0.12 -7.44 6.11
C SER A 15 -1.58 -7.03 5.94
N CYS A 16 -2.17 -7.42 4.82
CA CYS A 16 -3.56 -7.09 4.53
C CYS A 16 -4.49 -7.66 5.59
N PRO A 17 -5.09 -6.80 6.43
CA PRO A 17 -6.00 -7.23 7.49
C PRO A 17 -7.11 -8.15 6.98
N GLY A 18 -7.27 -9.29 7.65
CA GLY A 18 -8.29 -10.24 7.26
C GLY A 18 -7.81 -11.27 6.26
N THR A 19 -6.76 -10.92 5.52
CA THR A 19 -6.21 -11.83 4.51
C THR A 19 -4.73 -12.07 4.75
N HIS A 20 -4.32 -13.34 4.62
CA HIS A 20 -2.93 -13.71 4.81
C HIS A 20 -2.01 -12.90 3.92
N VAL A 21 -2.56 -12.37 2.83
CA VAL A 21 -1.80 -11.56 1.89
C VAL A 21 -1.16 -10.36 2.59
N CYS A 22 -0.01 -9.93 2.05
CA CYS A 22 0.70 -8.79 2.60
C CYS A 22 0.84 -7.70 1.56
N VAL A 23 0.24 -6.54 1.82
CA VAL A 23 0.29 -5.42 0.90
C VAL A 23 1.48 -4.50 1.21
N PRO A 24 2.40 -4.36 0.25
CA PRO A 24 3.59 -3.51 0.43
C PRO A 24 3.24 -2.09 0.86
N GLU A 25 4.23 -1.40 1.43
CA GLU A 25 4.04 -0.02 1.89
C GLU A 25 3.67 0.90 0.73
N ARG A 26 4.28 0.67 -0.43
CA ARG A 26 4.00 1.49 -1.59
C ARG A 26 2.61 1.20 -2.13
N TRP A 27 2.07 0.03 -1.77
CA TRP A 27 0.75 -0.38 -2.21
C TRP A 27 -0.31 0.03 -1.19
N LEU A 28 0.07 0.91 -0.26
CA LEU A 28 -0.85 1.37 0.78
C LEU A 28 -1.69 2.54 0.26
N CYS A 29 -1.03 3.63 -0.09
CA CYS A 29 -1.71 4.81 -0.60
C CYS A 29 -1.35 5.05 -2.06
N ASP A 30 -1.32 3.98 -2.85
CA ASP A 30 -1.01 4.08 -4.26
C ASP A 30 -2.16 4.70 -5.05
N GLY A 31 -3.30 4.89 -4.39
CA GLY A 31 -4.46 5.48 -5.05
C GLY A 31 -5.62 4.52 -5.14
N ASP A 32 -5.36 3.23 -4.93
CA ASP A 32 -6.40 2.21 -5.00
C ASP A 32 -6.38 1.35 -3.74
N LYS A 33 -7.31 0.41 -3.65
CA LYS A 33 -7.40 -0.47 -2.49
C LYS A 33 -6.82 -1.85 -2.81
N ASP A 34 -5.55 -2.04 -2.48
CA ASP A 34 -4.88 -3.30 -2.73
C ASP A 34 -5.47 -4.42 -1.89
N CYS A 35 -5.76 -4.12 -0.62
CA CYS A 35 -6.33 -5.10 0.28
C CYS A 35 -7.78 -5.42 -0.11
N ALA A 36 -8.43 -6.25 0.68
CA ALA A 36 -9.81 -6.63 0.42
C ALA A 36 -10.77 -5.47 0.63
N ASP A 37 -10.57 -4.73 1.72
CA ASP A 37 -11.42 -3.59 2.03
C ASP A 37 -10.63 -2.28 2.05
N GLY A 38 -9.59 -2.21 1.24
CA GLY A 38 -8.77 -1.01 1.19
C GLY A 38 -8.00 -0.77 2.47
N ALA A 39 -7.76 -1.84 3.21
CA ALA A 39 -7.03 -1.73 4.47
C ALA A 39 -5.66 -1.09 4.23
N ASP A 40 -5.08 -1.38 3.06
CA ASP A 40 -3.79 -0.82 2.69
C ASP A 40 -3.87 0.71 2.68
N GLU A 41 -4.97 1.21 2.13
CA GLU A 41 -5.20 2.65 2.06
C GLU A 41 -5.63 3.18 3.42
N SER A 42 -6.12 2.27 4.27
CA SER A 42 -6.57 2.63 5.60
C SER A 42 -5.40 3.03 6.48
N ILE A 43 -5.71 3.57 7.65
CA ILE A 43 -4.68 4.01 8.57
C ILE A 43 -4.02 2.80 9.25
N ALA A 44 -4.72 1.68 9.27
CA ALA A 44 -4.20 0.45 9.87
C ALA A 44 -2.81 0.13 9.33
N ALA A 45 -2.56 0.57 8.10
CA ALA A 45 -1.28 0.34 7.45
C ALA A 45 -0.34 1.53 7.63
N GLY A 46 -0.92 2.70 7.88
CA GLY A 46 -0.14 3.90 8.06
C GLY A 46 -0.30 4.84 6.88
N CYS A 47 -1.50 4.88 6.32
CA CYS A 47 -1.79 5.72 5.17
C CYS A 47 -2.09 7.16 5.59
N LEU A 48 -2.03 7.43 6.90
CA LEU A 48 -2.30 8.76 7.42
C LEU A 48 -3.75 9.18 7.17
N TYR A 49 -4.59 8.21 6.82
CA TYR A 49 -6.00 8.49 6.55
C TYR A 49 -6.74 7.19 6.21
N ASN A 50 -8.02 7.32 5.89
CA ASN A 50 -8.83 6.15 5.55
C ASN A 50 -10.24 6.57 5.14
N SER A 51 -10.33 7.72 4.47
CA SER A 51 -11.62 8.23 4.01
C SER A 51 -11.46 9.61 3.39
N THR A 52 -11.48 10.65 4.23
CA THR A 52 -11.33 12.02 3.77
C THR A 52 -12.22 12.30 2.54
N GLY A 53 -13.32 11.56 2.44
CA GLY A 53 -14.24 11.75 1.32
C GLY A 53 -13.55 11.90 -0.01
N SER A 54 -12.38 11.29 -0.15
CA SER A 54 -11.62 11.38 -1.39
C SER A 54 -10.68 10.18 -1.55
N GLY A 55 -9.53 10.24 -0.89
CA GLY A 55 -8.57 9.16 -0.98
C GLY A 55 -7.15 9.63 -0.74
N SER A 56 -6.42 9.88 -1.82
CA SER A 56 -5.04 10.35 -1.72
C SER A 56 -4.97 11.67 -0.98
N GLY A 57 -4.90 11.61 0.35
CA GLY A 57 -4.84 12.82 1.14
C GLY A 57 -3.54 12.93 1.90
N SER A 58 -3.63 13.28 3.19
CA SER A 58 -2.46 13.43 4.04
C SER A 58 -1.37 14.26 3.34
N GLY A 59 -1.81 15.15 2.46
CA GLY A 59 -0.85 15.99 1.73
C GLY A 59 0.15 15.18 0.93
N SER A 60 1.23 15.82 0.53
CA SER A 60 2.28 15.16 -0.25
C SER A 60 2.83 13.95 0.49
N THR A 61 2.67 13.94 1.81
CA THR A 61 3.15 12.84 2.64
C THR A 61 2.67 11.49 2.10
N GLU A 62 1.51 11.51 1.45
CA GLU A 62 0.94 10.29 0.87
C GLU A 62 1.88 9.68 -0.16
N GLU A 63 2.14 10.43 -1.23
CA GLU A 63 3.02 9.97 -2.29
C GLU A 63 4.46 9.85 -1.78
N LEU A 64 4.79 10.63 -0.77
CA LEU A 64 6.13 10.62 -0.20
C LEU A 64 6.49 9.23 0.32
N ARG A 65 5.88 8.84 1.44
CA ARG A 65 6.13 7.54 2.05
C ARG A 65 5.95 6.42 1.02
N VAL A 66 4.97 6.57 0.15
CA VAL A 66 4.67 5.58 -0.88
C VAL A 66 5.78 5.53 -1.93
N ARG A 67 5.90 6.61 -2.71
CA ARG A 67 6.91 6.71 -3.76
C ARG A 67 8.25 6.09 -3.35
N LEU A 68 8.70 6.44 -2.14
CA LEU A 68 9.98 5.92 -1.62
C LEU A 68 10.10 4.41 -1.80
N ALA A 69 8.98 3.72 -1.81
CA ALA A 69 8.98 2.26 -1.96
C ALA A 69 8.71 1.83 -3.41
N SER A 70 8.51 2.80 -4.29
CA SER A 70 8.22 2.50 -5.69
C SER A 70 9.48 2.11 -6.48
N HIS A 71 10.63 2.13 -5.81
CA HIS A 71 11.89 1.80 -6.48
C HIS A 71 12.12 0.29 -6.46
N LEU A 72 11.59 -0.37 -5.44
CA LEU A 72 11.76 -1.82 -5.30
C LEU A 72 10.45 -2.57 -5.53
N ARG A 73 9.52 -2.42 -4.61
CA ARG A 73 8.23 -3.09 -4.70
C ARG A 73 7.58 -2.87 -6.06
N LYS A 74 7.11 -1.66 -6.32
CA LYS A 74 6.46 -1.35 -7.59
C LYS A 74 7.40 -1.54 -8.78
N LEU A 75 8.70 -1.37 -8.54
CA LEU A 75 9.69 -1.52 -9.60
C LEU A 75 10.14 -2.97 -9.73
N ARG A 76 11.02 -3.40 -8.83
CA ARG A 76 11.53 -4.77 -8.83
C ARG A 76 10.38 -5.77 -8.95
N LYS A 77 9.54 -5.81 -7.91
CA LYS A 77 8.40 -6.70 -7.87
C LYS A 77 8.84 -8.17 -7.94
N ARG A 78 9.84 -8.52 -7.14
CA ARG A 78 10.34 -9.89 -7.11
C ARG A 78 10.89 -10.31 -8.47
N LEU A 79 12.18 -10.08 -8.67
CA LEU A 79 12.84 -10.43 -9.93
C LEU A 79 12.24 -9.67 -11.11
N LEU A 80 11.14 -10.18 -11.66
CA LEU A 80 10.48 -9.55 -12.79
C LEU A 80 9.98 -8.15 -12.44
N GLY A 1 -10.05 -10.79 -4.10
CA GLY A 1 -8.61 -10.45 -4.04
C GLY A 1 -8.25 -9.29 -4.94
N SER A 2 -6.96 -9.13 -5.21
CA SER A 2 -6.47 -8.05 -6.06
C SER A 2 -5.03 -8.31 -6.51
N LYS A 3 -4.34 -7.26 -6.91
CA LYS A 3 -2.95 -7.37 -7.36
C LYS A 3 -2.03 -7.75 -6.21
N LEU A 4 -2.22 -8.96 -5.68
CA LEU A 4 -1.41 -9.43 -4.56
C LEU A 4 -1.07 -10.91 -4.74
N GLU A 5 0.22 -11.22 -4.80
CA GLU A 5 0.67 -12.59 -4.96
C GLU A 5 1.95 -12.86 -4.17
N GLY A 6 2.99 -12.07 -4.45
CA GLY A 6 4.25 -12.24 -3.76
C GLY A 6 5.18 -11.05 -3.93
N LYS A 7 6.05 -10.83 -2.94
CA LYS A 7 6.99 -9.72 -2.99
C LYS A 7 7.84 -9.67 -1.72
N THR A 8 7.29 -9.06 -0.67
CA THR A 8 8.00 -8.94 0.60
C THR A 8 7.06 -8.42 1.68
N CYS A 9 7.46 -8.57 2.94
CA CYS A 9 6.64 -8.11 4.05
C CYS A 9 7.51 -7.59 5.19
N GLY A 10 8.58 -6.88 4.84
CA GLY A 10 9.48 -6.34 5.86
C GLY A 10 9.78 -4.87 5.65
N PRO A 11 10.70 -4.52 4.74
CA PRO A 11 11.07 -3.13 4.46
C PRO A 11 9.90 -2.33 3.91
N SER A 12 9.38 -1.42 4.71
CA SER A 12 8.26 -0.58 4.30
C SER A 12 7.13 -1.42 3.71
N SER A 13 6.64 -2.37 4.50
CA SER A 13 5.56 -3.25 4.06
C SER A 13 4.45 -3.31 5.09
N PHE A 14 3.25 -3.67 4.63
CA PHE A 14 2.09 -3.77 5.51
C PHE A 14 1.33 -5.09 5.26
N SER A 15 1.11 -5.85 6.32
CA SER A 15 0.41 -7.12 6.21
C SER A 15 -1.08 -6.88 5.95
N CYS A 16 -1.55 -7.35 4.80
CA CYS A 16 -2.95 -7.18 4.42
C CYS A 16 -3.87 -7.81 5.47
N PRO A 17 -4.60 -6.98 6.23
CA PRO A 17 -5.52 -7.44 7.29
C PRO A 17 -6.55 -8.43 6.76
N GLY A 18 -6.81 -9.48 7.54
CA GLY A 18 -7.79 -10.48 7.15
C GLY A 18 -7.19 -11.58 6.30
N THR A 19 -6.31 -11.20 5.38
CA THR A 19 -5.67 -12.17 4.50
C THR A 19 -4.27 -12.52 4.98
N HIS A 20 -3.71 -13.59 4.40
CA HIS A 20 -2.37 -14.04 4.74
C HIS A 20 -1.35 -13.45 3.77
N VAL A 21 -1.69 -12.28 3.24
CA VAL A 21 -0.83 -11.60 2.27
C VAL A 21 -0.25 -10.31 2.86
N CYS A 22 0.85 -9.84 2.28
CA CYS A 22 1.50 -8.62 2.73
C CYS A 22 1.63 -7.62 1.59
N VAL A 23 1.13 -6.41 1.80
CA VAL A 23 1.20 -5.36 0.79
C VAL A 23 2.17 -4.26 1.21
N PRO A 24 3.13 -3.91 0.33
CA PRO A 24 4.14 -2.88 0.62
C PRO A 24 3.53 -1.55 1.01
N GLU A 25 4.32 -0.71 1.68
CA GLU A 25 3.86 0.60 2.12
C GLU A 25 3.50 1.48 0.92
N ARG A 26 4.17 1.24 -0.20
CA ARG A 26 3.89 2.02 -1.41
C ARG A 26 2.53 1.63 -1.97
N TRP A 27 2.14 0.38 -1.75
CA TRP A 27 0.86 -0.12 -2.24
C TRP A 27 -0.28 0.27 -1.30
N LEU A 28 0.02 1.10 -0.29
CA LEU A 28 -1.00 1.54 0.66
C LEU A 28 -1.85 2.65 0.05
N CYS A 29 -1.21 3.76 -0.29
CA CYS A 29 -1.91 4.90 -0.89
C CYS A 29 -1.51 5.09 -2.35
N ASP A 30 -1.38 3.98 -3.08
CA ASP A 30 -1.00 4.04 -4.49
C ASP A 30 -2.19 4.42 -5.36
N GLY A 31 -3.40 4.20 -4.85
CA GLY A 31 -4.60 4.52 -5.60
C GLY A 31 -5.32 3.29 -6.11
N ASP A 32 -5.32 2.24 -5.29
CA ASP A 32 -5.98 0.99 -5.65
C ASP A 32 -5.95 0.01 -4.48
N LYS A 33 -7.13 -0.32 -3.95
CA LYS A 33 -7.23 -1.24 -2.83
C LYS A 33 -6.55 -2.57 -3.14
N ASP A 34 -5.28 -2.67 -2.77
CA ASP A 34 -4.50 -3.88 -2.99
C ASP A 34 -5.00 -5.01 -2.12
N CYS A 35 -5.31 -4.69 -0.86
CA CYS A 35 -5.80 -5.69 0.08
C CYS A 35 -7.20 -6.18 -0.33
N ALA A 36 -7.79 -7.01 0.51
CA ALA A 36 -9.11 -7.55 0.25
C ALA A 36 -10.20 -6.49 0.38
N ASP A 37 -10.05 -5.61 1.37
CA ASP A 37 -11.02 -4.55 1.60
C ASP A 37 -10.36 -3.18 1.60
N GLY A 38 -9.30 -3.03 0.81
CA GLY A 38 -8.61 -1.76 0.73
C GLY A 38 -7.93 -1.38 2.03
N ALA A 39 -7.63 -2.38 2.85
CA ALA A 39 -6.96 -2.13 4.12
C ALA A 39 -5.67 -1.36 3.91
N ASP A 40 -4.99 -1.64 2.79
CA ASP A 40 -3.75 -0.97 2.46
C ASP A 40 -3.99 0.53 2.32
N GLU A 41 -5.12 0.88 1.70
CA GLU A 41 -5.48 2.28 1.53
C GLU A 41 -6.11 2.83 2.81
N SER A 42 -6.54 1.92 3.68
CA SER A 42 -7.14 2.32 4.95
C SER A 42 -6.07 2.72 5.95
N ILE A 43 -6.44 3.64 6.84
CA ILE A 43 -5.53 4.13 7.85
C ILE A 43 -4.89 2.98 8.64
N ALA A 44 -5.60 1.84 8.69
CA ALA A 44 -5.11 0.67 9.40
C ALA A 44 -3.69 0.32 8.94
N ALA A 45 -3.37 0.69 7.71
CA ALA A 45 -2.06 0.42 7.15
C ALA A 45 -1.11 1.60 7.37
N GLY A 46 -1.68 2.77 7.62
CA GLY A 46 -0.87 3.96 7.82
C GLY A 46 -0.92 4.89 6.64
N CYS A 47 -2.07 4.92 5.98
CA CYS A 47 -2.26 5.78 4.81
C CYS A 47 -2.48 7.24 5.21
N LEU A 48 -2.55 7.49 6.52
CA LEU A 48 -2.76 8.84 7.04
C LEU A 48 -4.16 9.34 6.72
N TYR A 49 -5.04 8.44 6.28
CA TYR A 49 -6.41 8.82 5.94
C TYR A 49 -7.23 7.60 5.53
N ASN A 50 -8.48 7.85 5.15
CA ASN A 50 -9.39 6.80 4.71
C ASN A 50 -10.75 7.39 4.36
N SER A 51 -11.77 6.53 4.24
CA SER A 51 -13.11 6.98 3.91
C SER A 51 -13.16 7.61 2.52
N THR A 52 -12.74 8.88 2.44
CA THR A 52 -12.73 9.59 1.17
C THR A 52 -11.45 9.31 0.39
N GLY A 53 -11.49 9.53 -0.92
CA GLY A 53 -10.33 9.29 -1.76
C GLY A 53 -10.17 10.35 -2.83
N SER A 54 -9.74 11.54 -2.44
CA SER A 54 -9.54 12.64 -3.38
C SER A 54 -8.06 12.89 -3.62
N GLY A 55 -7.31 11.80 -3.83
CA GLY A 55 -5.88 11.93 -4.07
C GLY A 55 -5.08 11.92 -2.79
N SER A 56 -4.12 12.85 -2.68
CA SER A 56 -3.28 12.95 -1.51
C SER A 56 -3.59 14.23 -0.73
N GLY A 57 -4.23 14.07 0.43
CA GLY A 57 -4.59 15.21 1.24
C GLY A 57 -3.81 15.27 2.54
N SER A 58 -3.33 14.11 2.99
CA SER A 58 -2.57 14.03 4.23
C SER A 58 -1.38 15.00 4.21
N GLY A 59 -0.55 14.89 3.18
CA GLY A 59 0.59 15.76 3.06
C GLY A 59 1.86 15.02 2.66
N SER A 60 3.01 15.59 3.01
CA SER A 60 4.30 14.99 2.69
C SER A 60 4.35 13.54 3.15
N THR A 61 3.77 13.27 4.31
CA THR A 61 3.76 11.91 4.86
C THR A 61 3.14 10.94 3.87
N GLU A 62 2.12 11.40 3.15
CA GLU A 62 1.44 10.57 2.16
C GLU A 62 2.43 10.11 1.09
N GLU A 63 3.29 11.03 0.67
CA GLU A 63 4.29 10.73 -0.35
C GLU A 63 5.48 10.01 0.26
N LEU A 64 5.87 10.44 1.46
CA LEU A 64 7.01 9.85 2.16
C LEU A 64 6.95 8.32 2.14
N ARG A 65 5.74 7.77 2.14
CA ARG A 65 5.55 6.33 2.15
C ARG A 65 5.36 5.78 0.73
N VAL A 66 4.53 6.46 -0.05
CA VAL A 66 4.24 6.05 -1.41
C VAL A 66 5.38 6.42 -2.38
N ARG A 67 6.31 7.24 -1.90
CA ARG A 67 7.44 7.67 -2.71
C ARG A 67 8.66 6.77 -2.52
N LEU A 68 9.25 6.83 -1.34
CA LEU A 68 10.43 6.02 -1.02
C LEU A 68 10.14 4.54 -1.25
N ALA A 69 8.96 4.10 -0.85
CA ALA A 69 8.58 2.70 -1.01
C ALA A 69 8.41 2.32 -2.48
N SER A 70 8.46 3.30 -3.38
CA SER A 70 8.32 3.04 -4.81
C SER A 70 9.65 2.62 -5.42
N HIS A 71 10.71 2.63 -4.61
CA HIS A 71 12.04 2.27 -5.08
C HIS A 71 12.09 0.83 -5.63
N LEU A 72 11.30 -0.07 -5.07
CA LEU A 72 11.30 -1.46 -5.52
C LEU A 72 9.90 -2.05 -5.58
N ARG A 73 9.14 -1.88 -4.50
CA ARG A 73 7.78 -2.42 -4.40
C ARG A 73 7.01 -2.28 -5.71
N LYS A 74 6.99 -1.09 -6.29
CA LYS A 74 6.26 -0.87 -7.53
C LYS A 74 7.17 -0.91 -8.75
N LEU A 75 8.46 -1.16 -8.53
CA LEU A 75 9.42 -1.23 -9.62
C LEU A 75 9.80 -2.67 -9.97
N ARG A 76 10.10 -3.47 -8.95
CA ARG A 76 10.49 -4.86 -9.18
C ARG A 76 9.27 -5.77 -9.32
N LYS A 77 8.75 -6.29 -8.21
CA LYS A 77 7.60 -7.19 -8.24
C LYS A 77 7.73 -8.23 -9.35
N ARG A 78 6.63 -8.90 -9.66
CA ARG A 78 6.62 -9.90 -10.71
C ARG A 78 6.44 -9.27 -12.10
N LEU A 79 6.36 -7.94 -12.13
CA LEU A 79 6.18 -7.20 -13.38
C LEU A 79 4.84 -7.53 -14.02
N LEU A 80 4.75 -8.72 -14.59
CA LEU A 80 3.53 -9.17 -15.26
C LEU A 80 2.67 -10.01 -14.31
N GLY A 1 -10.43 -10.76 -1.69
CA GLY A 1 -9.08 -10.69 -1.06
C GLY A 1 -8.27 -9.52 -1.57
N SER A 2 -7.70 -9.66 -2.75
CA SER A 2 -6.89 -8.60 -3.36
C SER A 2 -6.15 -9.12 -4.59
N LYS A 3 -5.31 -8.27 -5.15
CA LYS A 3 -4.52 -8.63 -6.32
C LYS A 3 -3.08 -8.92 -5.94
N LEU A 4 -2.28 -7.87 -5.81
CA LEU A 4 -0.87 -8.00 -5.43
C LEU A 4 -0.14 -9.01 -6.32
N GLU A 5 -0.22 -10.29 -5.96
CA GLU A 5 0.43 -11.38 -6.70
C GLU A 5 1.80 -11.70 -6.12
N GLY A 6 2.75 -10.79 -6.33
CA GLY A 6 4.10 -11.02 -5.82
C GLY A 6 4.97 -9.77 -5.82
N LYS A 7 5.44 -9.38 -4.64
CA LYS A 7 6.30 -8.21 -4.49
C LYS A 7 7.30 -8.42 -3.36
N THR A 8 6.81 -8.27 -2.13
CA THR A 8 7.65 -8.42 -0.95
C THR A 8 6.84 -8.08 0.30
N CYS A 9 7.29 -8.62 1.44
CA CYS A 9 6.62 -8.37 2.70
C CYS A 9 7.62 -8.42 3.86
N GLY A 10 8.54 -7.45 3.88
CA GLY A 10 9.54 -7.43 4.94
C GLY A 10 9.82 -6.03 5.47
N PRO A 11 10.42 -5.14 4.66
CA PRO A 11 10.76 -3.79 5.08
C PRO A 11 9.57 -2.82 4.96
N SER A 12 9.49 -2.10 3.85
CA SER A 12 8.41 -1.14 3.64
C SER A 12 7.20 -1.84 3.02
N SER A 13 6.62 -2.77 3.77
CA SER A 13 5.46 -3.52 3.29
C SER A 13 4.40 -3.63 4.38
N PHE A 14 3.15 -3.76 3.95
CA PHE A 14 2.03 -3.88 4.87
C PHE A 14 1.16 -5.09 4.52
N SER A 15 1.01 -6.00 5.47
CA SER A 15 0.20 -7.20 5.25
C SER A 15 -1.27 -6.83 5.09
N CYS A 16 -1.84 -7.15 3.94
CA CYS A 16 -3.24 -6.85 3.66
C CYS A 16 -4.15 -7.51 4.70
N PRO A 17 -4.77 -6.72 5.58
CA PRO A 17 -5.67 -7.22 6.62
C PRO A 17 -6.75 -8.13 6.07
N GLY A 18 -6.98 -9.25 6.74
CA GLY A 18 -8.00 -10.19 6.31
C GLY A 18 -7.52 -11.12 5.20
N THR A 19 -6.32 -10.88 4.69
CA THR A 19 -5.77 -11.70 3.62
C THR A 19 -4.28 -11.92 3.81
N HIS A 20 -3.84 -13.16 3.59
CA HIS A 20 -2.43 -13.51 3.72
C HIS A 20 -1.56 -12.63 2.82
N VAL A 21 -2.18 -12.07 1.78
CA VAL A 21 -1.47 -11.21 0.84
C VAL A 21 -0.80 -10.04 1.55
N CYS A 22 0.33 -9.59 1.00
CA CYS A 22 1.07 -8.48 1.58
C CYS A 22 1.15 -7.31 0.60
N VAL A 23 0.61 -6.16 1.02
CA VAL A 23 0.62 -4.96 0.19
C VAL A 23 1.75 -4.03 0.62
N PRO A 24 2.68 -3.70 -0.31
CA PRO A 24 3.80 -2.81 -0.02
C PRO A 24 3.36 -1.44 0.47
N GLU A 25 4.25 -0.77 1.20
CA GLU A 25 3.96 0.56 1.74
C GLU A 25 3.65 1.53 0.61
N ARG A 26 4.31 1.35 -0.53
CA ARG A 26 4.09 2.19 -1.70
C ARG A 26 2.69 1.95 -2.26
N TRP A 27 2.11 0.81 -1.90
CA TRP A 27 0.79 0.44 -2.39
C TRP A 27 -0.29 0.81 -1.37
N LEU A 28 0.08 1.60 -0.37
CA LEU A 28 -0.87 2.02 0.66
C LEU A 28 -1.69 3.20 0.14
N CYS A 29 -1.03 4.34 -0.02
CA CYS A 29 -1.70 5.54 -0.51
C CYS A 29 -1.34 5.79 -1.97
N ASP A 30 -1.09 4.71 -2.70
CA ASP A 30 -0.72 4.80 -4.11
C ASP A 30 -1.88 5.36 -4.93
N GLY A 31 -3.11 5.10 -4.47
CA GLY A 31 -4.27 5.58 -5.18
C GLY A 31 -5.11 4.45 -5.75
N ASP A 32 -5.27 3.38 -4.97
CA ASP A 32 -6.05 2.21 -5.39
C ASP A 32 -6.06 1.15 -4.30
N LYS A 33 -7.25 0.84 -3.80
CA LYS A 33 -7.39 -0.16 -2.74
C LYS A 33 -6.81 -1.51 -3.17
N ASP A 34 -5.52 -1.68 -2.90
CA ASP A 34 -4.83 -2.91 -3.24
C ASP A 34 -5.40 -4.08 -2.46
N CYS A 35 -5.71 -3.84 -1.19
CA CYS A 35 -6.26 -4.86 -0.31
C CYS A 35 -7.71 -5.16 -0.69
N ALA A 36 -8.35 -6.02 0.10
CA ALA A 36 -9.73 -6.40 -0.14
C ALA A 36 -10.68 -5.24 0.12
N ASP A 37 -10.47 -4.53 1.22
CA ASP A 37 -11.33 -3.41 1.58
C ASP A 37 -10.54 -2.10 1.63
N GLY A 38 -9.48 -2.02 0.82
CA GLY A 38 -8.68 -0.81 0.79
C GLY A 38 -7.91 -0.59 2.07
N ALA A 39 -7.62 -1.68 2.78
CA ALA A 39 -6.88 -1.59 4.03
C ALA A 39 -5.55 -0.86 3.80
N ASP A 40 -4.96 -1.09 2.64
CA ASP A 40 -3.69 -0.45 2.28
C ASP A 40 -3.86 1.06 2.27
N GLU A 41 -4.98 1.52 1.74
CA GLU A 41 -5.28 2.93 1.68
C GLU A 41 -5.82 3.42 3.03
N SER A 42 -6.34 2.48 3.82
CA SER A 42 -6.88 2.80 5.13
C SER A 42 -5.76 3.17 6.09
N ILE A 43 -6.14 3.65 7.27
CA ILE A 43 -5.17 4.04 8.28
C ILE A 43 -4.52 2.80 8.91
N ALA A 44 -5.22 1.68 8.87
CA ALA A 44 -4.71 0.43 9.42
C ALA A 44 -3.29 0.16 8.94
N ALA A 45 -2.97 0.66 7.76
CA ALA A 45 -1.65 0.49 7.18
C ALA A 45 -0.75 1.67 7.51
N GLY A 46 -1.36 2.82 7.75
CA GLY A 46 -0.60 4.02 8.07
C GLY A 46 -0.65 5.03 6.94
N CYS A 47 -1.79 5.10 6.26
CA CYS A 47 -1.96 6.03 5.15
C CYS A 47 -2.28 7.44 5.64
N LEU A 48 -2.34 7.62 6.96
CA LEU A 48 -2.64 8.92 7.55
C LEU A 48 -4.07 9.34 7.24
N TYR A 49 -4.90 8.39 6.81
CA TYR A 49 -6.30 8.68 6.48
C TYR A 49 -7.01 7.40 6.04
N ASN A 50 -8.25 7.55 5.59
CA ASN A 50 -9.04 6.41 5.12
C ASN A 50 -10.44 6.84 4.70
N SER A 51 -10.98 7.86 5.38
CA SER A 51 -12.31 8.38 5.08
C SER A 51 -12.61 8.37 3.57
N THR A 52 -11.81 9.10 2.81
CA THR A 52 -11.98 9.17 1.37
C THR A 52 -11.83 7.79 0.73
N GLY A 53 -10.65 7.20 0.89
CA GLY A 53 -10.41 5.88 0.34
C GLY A 53 -10.39 5.89 -1.19
N SER A 54 -9.94 7.01 -1.76
CA SER A 54 -9.87 7.14 -3.20
C SER A 54 -8.44 7.43 -3.66
N GLY A 55 -7.77 8.31 -2.94
CA GLY A 55 -6.41 8.67 -3.28
C GLY A 55 -5.70 9.44 -2.17
N SER A 56 -4.44 9.75 -2.38
CA SER A 56 -3.65 10.49 -1.39
C SER A 56 -4.20 11.90 -1.21
N GLY A 57 -4.14 12.41 0.02
CA GLY A 57 -4.62 13.75 0.29
C GLY A 57 -4.64 14.07 1.77
N SER A 58 -3.48 13.98 2.41
CA SER A 58 -3.37 14.27 3.84
C SER A 58 -2.00 14.85 4.16
N GLY A 59 -1.46 15.61 3.21
CA GLY A 59 -0.16 16.23 3.42
C GLY A 59 0.93 15.54 2.62
N SER A 60 2.07 16.21 2.47
CA SER A 60 3.20 15.66 1.71
C SER A 60 3.59 14.28 2.25
N THR A 61 3.26 14.03 3.52
CA THR A 61 3.58 12.76 4.14
C THR A 61 3.11 11.60 3.26
N GLU A 62 2.03 11.82 2.53
CA GLU A 62 1.48 10.80 1.64
C GLU A 62 2.51 10.40 0.59
N GLU A 63 3.16 11.39 0.00
CA GLU A 63 4.18 11.13 -1.02
C GLU A 63 5.50 10.72 -0.38
N LEU A 64 5.76 11.29 0.80
CA LEU A 64 6.99 11.01 1.53
C LEU A 64 7.11 9.52 1.84
N ARG A 65 6.14 8.99 2.58
CA ARG A 65 6.16 7.57 2.96
C ARG A 65 6.02 6.67 1.74
N VAL A 66 5.13 7.06 0.82
CA VAL A 66 4.90 6.28 -0.38
C VAL A 66 6.06 6.42 -1.38
N ARG A 67 6.97 7.34 -1.10
CA ARG A 67 8.13 7.56 -1.98
C ARG A 67 9.19 6.49 -1.77
N LEU A 68 9.52 6.22 -0.50
CA LEU A 68 10.52 5.22 -0.18
C LEU A 68 10.17 3.87 -0.80
N ALA A 69 9.01 3.34 -0.43
CA ALA A 69 8.55 2.06 -0.94
C ALA A 69 8.46 2.06 -2.47
N SER A 70 8.36 3.26 -3.05
CA SER A 70 8.27 3.39 -4.50
C SER A 70 9.61 3.09 -5.18
N HIS A 71 10.66 2.91 -4.38
CA HIS A 71 11.99 2.65 -4.90
C HIS A 71 12.05 1.34 -5.70
N LEU A 72 11.22 0.35 -5.32
CA LEU A 72 11.23 -0.93 -6.01
C LEU A 72 9.81 -1.47 -6.22
N ARG A 73 9.01 -1.45 -5.16
CA ARG A 73 7.63 -1.95 -5.22
C ARG A 73 6.96 -1.64 -6.56
N LYS A 74 6.63 -0.37 -6.77
CA LYS A 74 5.98 0.06 -8.01
C LYS A 74 6.93 -0.09 -9.20
N LEU A 75 8.22 -0.25 -8.91
CA LEU A 75 9.23 -0.39 -9.96
C LEU A 75 9.23 -1.82 -10.52
N ARG A 76 9.73 -2.75 -9.70
CA ARG A 76 9.80 -4.15 -10.11
C ARG A 76 8.69 -4.98 -9.46
N LYS A 77 8.74 -6.29 -9.67
CA LYS A 77 7.74 -7.20 -9.12
C LYS A 77 8.33 -8.58 -8.89
N ARG A 78 8.35 -9.03 -7.65
CA ARG A 78 8.87 -10.35 -7.30
C ARG A 78 7.97 -11.45 -7.84
N LEU A 79 8.53 -12.64 -7.99
CA LEU A 79 7.77 -13.78 -8.48
C LEU A 79 7.28 -13.54 -9.91
N LEU A 80 6.20 -12.79 -10.05
CA LEU A 80 5.64 -12.48 -11.36
C LEU A 80 6.64 -11.69 -12.20
N GLY A 1 -7.10 -13.13 -2.96
CA GLY A 1 -7.48 -11.88 -2.26
C GLY A 1 -7.56 -10.69 -3.19
N SER A 2 -6.52 -10.50 -4.00
CA SER A 2 -6.48 -9.39 -4.94
C SER A 2 -5.39 -9.61 -5.99
N LYS A 3 -5.12 -8.56 -6.77
CA LYS A 3 -4.10 -8.63 -7.82
C LYS A 3 -2.82 -7.99 -7.33
N LEU A 4 -1.99 -8.77 -6.64
CA LEU A 4 -0.73 -8.27 -6.11
C LEU A 4 0.45 -9.10 -6.61
N GLU A 5 0.22 -9.90 -7.65
CA GLU A 5 1.26 -10.77 -8.25
C GLU A 5 2.41 -11.05 -7.29
N GLY A 6 3.43 -10.17 -7.28
CA GLY A 6 4.57 -10.36 -6.41
C GLY A 6 4.54 -9.42 -5.22
N LYS A 7 5.26 -9.79 -4.16
CA LYS A 7 5.31 -8.97 -2.96
C LYS A 7 6.45 -9.44 -2.04
N THR A 8 7.02 -8.49 -1.29
CA THR A 8 8.12 -8.80 -0.38
C THR A 8 7.60 -9.04 1.03
N CYS A 9 6.76 -8.13 1.52
CA CYS A 9 6.19 -8.25 2.86
C CYS A 9 7.31 -8.35 3.91
N GLY A 10 8.26 -7.42 3.86
CA GLY A 10 9.35 -7.44 4.81
C GLY A 10 9.85 -6.04 5.15
N PRO A 11 10.56 -5.38 4.22
CA PRO A 11 11.09 -4.04 4.44
C PRO A 11 10.00 -3.00 4.67
N SER A 12 9.39 -2.54 3.59
CA SER A 12 8.31 -1.55 3.68
C SER A 12 7.05 -2.09 3.03
N SER A 13 6.32 -2.92 3.77
CA SER A 13 5.09 -3.51 3.26
C SER A 13 4.02 -3.60 4.34
N PHE A 14 2.77 -3.78 3.91
CA PHE A 14 1.65 -3.87 4.83
C PHE A 14 0.79 -5.09 4.48
N SER A 15 0.60 -5.98 5.45
CA SER A 15 -0.21 -7.17 5.23
C SER A 15 -1.66 -6.79 4.94
N CYS A 16 -2.22 -7.39 3.89
CA CYS A 16 -3.60 -7.11 3.51
C CYS A 16 -4.58 -7.72 4.51
N PRO A 17 -5.31 -6.86 5.25
CA PRO A 17 -6.28 -7.31 6.26
C PRO A 17 -7.35 -8.21 5.67
N GLY A 18 -7.67 -9.29 6.40
CA GLY A 18 -8.68 -10.21 5.94
C GLY A 18 -8.13 -11.31 5.04
N THR A 19 -7.21 -10.95 4.16
CA THR A 19 -6.62 -11.90 3.24
C THR A 19 -5.25 -12.37 3.73
N HIS A 20 -4.76 -13.45 3.13
CA HIS A 20 -3.46 -14.00 3.48
C HIS A 20 -2.37 -13.36 2.63
N VAL A 21 -2.71 -12.26 1.97
CA VAL A 21 -1.78 -11.55 1.10
C VAL A 21 -1.17 -10.35 1.82
N CYS A 22 -0.02 -9.88 1.32
CA CYS A 22 0.67 -8.74 1.90
C CYS A 22 0.89 -7.65 0.86
N VAL A 23 0.31 -6.48 1.11
CA VAL A 23 0.43 -5.36 0.18
C VAL A 23 1.54 -4.40 0.62
N PRO A 24 2.56 -4.20 -0.25
CA PRO A 24 3.68 -3.31 0.04
C PRO A 24 3.22 -1.88 0.34
N GLU A 25 4.12 -1.09 0.94
CA GLU A 25 3.82 0.29 1.28
C GLU A 25 3.47 1.10 0.03
N ARG A 26 4.32 1.02 -0.98
CA ARG A 26 4.09 1.75 -2.24
C ARG A 26 2.71 1.40 -2.80
N TRP A 27 2.20 0.23 -2.41
CA TRP A 27 0.90 -0.21 -2.89
C TRP A 27 -0.22 0.21 -1.94
N LEU A 28 0.08 1.15 -1.05
CA LEU A 28 -0.92 1.65 -0.10
C LEU A 28 -1.74 2.77 -0.72
N CYS A 29 -1.08 3.89 -0.96
CA CYS A 29 -1.75 5.05 -1.55
C CYS A 29 -1.33 5.25 -3.01
N ASP A 30 -1.16 4.14 -3.72
CA ASP A 30 -0.76 4.20 -5.12
C ASP A 30 -1.89 4.77 -5.98
N GLY A 31 -3.11 4.76 -5.45
CA GLY A 31 -4.25 5.28 -6.18
C GLY A 31 -5.26 4.20 -6.53
N ASP A 32 -5.19 3.08 -5.83
CA ASP A 32 -6.10 1.97 -6.06
C ASP A 32 -6.15 1.05 -4.85
N LYS A 33 -7.24 0.28 -4.74
CA LYS A 33 -7.40 -0.63 -3.61
C LYS A 33 -6.76 -1.98 -3.92
N ASP A 34 -5.46 -2.07 -3.64
CA ASP A 34 -4.73 -3.31 -3.89
C ASP A 34 -5.29 -4.45 -3.06
N CYS A 35 -5.60 -4.16 -1.79
CA CYS A 35 -6.16 -5.18 -0.90
C CYS A 35 -7.57 -5.57 -1.35
N ALA A 36 -8.20 -6.45 -0.59
CA ALA A 36 -9.54 -6.91 -0.91
C ALA A 36 -10.58 -5.82 -0.64
N ASP A 37 -10.34 -5.02 0.40
CA ASP A 37 -11.26 -3.95 0.75
C ASP A 37 -10.56 -2.60 0.79
N GLY A 38 -9.56 -2.43 -0.08
CA GLY A 38 -8.83 -1.18 -0.13
C GLY A 38 -8.10 -0.87 1.16
N ALA A 39 -7.80 -1.91 1.93
CA ALA A 39 -7.09 -1.74 3.19
C ALA A 39 -5.76 -1.03 2.97
N ASP A 40 -5.13 -1.32 1.83
CA ASP A 40 -3.85 -0.70 1.49
C ASP A 40 -3.99 0.81 1.42
N GLU A 41 -5.12 1.26 0.85
CA GLU A 41 -5.40 2.68 0.73
C GLU A 41 -5.97 3.22 2.03
N SER A 42 -6.47 2.33 2.87
CA SER A 42 -7.04 2.70 4.16
C SER A 42 -5.94 3.09 5.14
N ILE A 43 -6.35 3.63 6.27
CA ILE A 43 -5.41 4.04 7.30
C ILE A 43 -4.79 2.82 7.98
N ALA A 44 -5.52 1.71 7.98
CA ALA A 44 -5.05 0.48 8.59
C ALA A 44 -3.63 0.16 8.14
N ALA A 45 -3.29 0.62 6.95
CA ALA A 45 -1.96 0.39 6.38
C ALA A 45 -1.04 1.56 6.68
N GLY A 46 -1.62 2.74 6.85
CA GLY A 46 -0.83 3.93 7.11
C GLY A 46 -0.77 4.86 5.93
N CYS A 47 -1.91 5.06 5.28
CA CYS A 47 -1.99 5.93 4.11
C CYS A 47 -2.11 7.40 4.52
N LEU A 48 -2.09 7.68 5.83
CA LEU A 48 -2.21 9.04 6.33
C LEU A 48 -3.59 9.61 6.10
N TYR A 49 -4.58 8.73 5.99
CA TYR A 49 -5.97 9.17 5.77
C TYR A 49 -6.92 7.98 5.81
N ASN A 50 -8.19 8.24 5.52
CA ASN A 50 -9.24 7.21 5.51
C ASN A 50 -9.93 7.15 6.88
N SER A 51 -9.14 7.18 7.94
CA SER A 51 -9.68 7.13 9.30
C SER A 51 -10.55 8.36 9.56
N THR A 52 -10.23 9.46 8.90
CA THR A 52 -10.98 10.70 9.05
C THR A 52 -11.81 10.99 7.81
N GLY A 53 -12.30 12.22 7.71
CA GLY A 53 -13.10 12.60 6.56
C GLY A 53 -12.29 13.33 5.50
N SER A 54 -11.22 12.69 5.05
CA SER A 54 -10.36 13.28 4.03
C SER A 54 -10.03 12.28 2.94
N GLY A 55 -9.09 11.39 3.22
CA GLY A 55 -8.70 10.37 2.26
C GLY A 55 -7.41 10.73 1.53
N SER A 56 -7.28 10.26 0.30
CA SER A 56 -6.09 10.53 -0.50
C SER A 56 -5.92 12.02 -0.73
N GLY A 57 -5.30 12.69 0.23
CA GLY A 57 -5.08 14.13 0.11
C GLY A 57 -4.46 14.71 1.37
N SER A 58 -3.55 13.97 1.99
CA SER A 58 -2.88 14.42 3.20
C SER A 58 -1.66 15.27 2.87
N GLY A 59 -1.46 15.57 1.59
CA GLY A 59 -0.32 16.37 1.18
C GLY A 59 0.76 15.54 0.52
N SER A 60 1.94 16.13 0.35
CA SER A 60 3.06 15.44 -0.28
C SER A 60 3.39 14.15 0.46
N THR A 61 2.99 14.08 1.73
CA THR A 61 3.25 12.89 2.55
C THR A 61 2.65 11.64 1.92
N GLU A 62 1.44 11.78 1.38
CA GLU A 62 0.75 10.65 0.75
C GLU A 62 1.58 10.06 -0.39
N GLU A 63 2.22 10.93 -1.16
CA GLU A 63 3.04 10.49 -2.29
C GLU A 63 4.49 10.29 -1.87
N LEU A 64 4.90 10.98 -0.81
CA LEU A 64 6.27 10.89 -0.32
C LEU A 64 6.65 9.45 0.01
N ARG A 65 6.04 8.89 1.05
CA ARG A 65 6.32 7.53 1.48
C ARG A 65 6.10 6.53 0.34
N VAL A 66 5.04 6.74 -0.43
CA VAL A 66 4.71 5.86 -1.53
C VAL A 66 5.74 5.97 -2.66
N ARG A 67 6.10 7.19 -3.01
CA ARG A 67 7.07 7.43 -4.07
C ARG A 67 8.45 6.90 -3.70
N LEU A 68 8.86 7.11 -2.46
CA LEU A 68 10.16 6.66 -1.98
C LEU A 68 10.28 5.14 -2.05
N ALA A 69 9.22 4.44 -1.63
CA ALA A 69 9.21 2.98 -1.64
C ALA A 69 9.09 2.43 -3.06
N SER A 70 8.59 3.24 -3.97
CA SER A 70 8.42 2.82 -5.36
C SER A 70 9.77 2.50 -6.02
N HIS A 71 10.85 2.96 -5.40
CA HIS A 71 12.19 2.73 -5.93
C HIS A 71 12.57 1.24 -5.93
N LEU A 72 11.81 0.43 -5.20
CA LEU A 72 12.11 -1.00 -5.14
C LEU A 72 10.84 -1.84 -5.22
N ARG A 73 9.82 -1.46 -4.46
CA ARG A 73 8.55 -2.19 -4.43
C ARG A 73 8.12 -2.65 -5.82
N LYS A 74 7.61 -1.72 -6.61
CA LYS A 74 7.16 -2.03 -7.97
C LYS A 74 8.32 -2.44 -8.86
N LEU A 75 9.55 -2.17 -8.40
CA LEU A 75 10.74 -2.51 -9.17
C LEU A 75 11.45 -3.73 -8.59
N ARG A 76 10.71 -4.56 -7.85
CA ARG A 76 11.29 -5.76 -7.24
C ARG A 76 10.23 -6.83 -7.03
N LYS A 77 9.09 -6.44 -6.45
CA LYS A 77 8.00 -7.37 -6.18
C LYS A 77 8.50 -8.69 -5.63
N ARG A 78 9.62 -8.65 -4.89
CA ARG A 78 10.21 -9.85 -4.32
C ARG A 78 10.72 -10.78 -5.42
N LEU A 79 9.79 -11.39 -6.15
CA LEU A 79 10.13 -12.29 -7.23
C LEU A 79 9.26 -12.02 -8.46
N LEU A 80 8.04 -12.52 -8.44
CA LEU A 80 7.11 -12.33 -9.54
C LEU A 80 5.78 -11.75 -9.04
#